data_5K8M
#
_entry.id   5K8M
#
_cell.length_a   175.270
_cell.length_b   175.270
_cell.length_c   354.090
_cell.angle_alpha   90.00
_cell.angle_beta   90.00
_cell.angle_gamma   90.00
#
_symmetry.space_group_name_H-M   'I 4 2 2'
#
_entity_poly.entity_id   1
_entity_poly.type   'polypeptide(L)'
_entity_poly.pdbx_seq_one_letter_code
;(MSE)AGSNDVAKV(MSE)KTLDG(MSE)REGLIQTAVELGSIEAPTGREGAAGDYVYEW(MSE)ARNGFGPERVGVFDD
RFNVVGRLRGTGGGASLSFNSHLDTI(MSE)AREDTARFADANDRIYHEAWHEEGRIYGYSVVNCKGP(MSE)ACWLIAA
KALKEAGAALKGDVVLTAVCGEIDCEPVDEFQGHDYLAEDIGARYAISHGAISDYALVAEATNFKPAWVEAGKVFLKVTV
FAGPSRYTPYVPRPVAALDSPNAIVR(MSE)AKLVEALEEWADNYEKRYTREYGGGTVVPKVAIGAIRGGVPYKIYRFPE
LCSIY(MSE)DIRLNPDTNPLVVQREVEAVVSKLGLKAEVKPFLFRRGYEAQGIEPLQNALEVAHREVVGRPTERPGSPE
CS(MSE)WRDTNPYNELGIPSLTYGCGGGAGGGNTYFLVDD(MSE)LKAAKVYA(MSE)TA(MSE)DLCNRTP
;
_entity_poly.pdbx_strand_id   A,B,C,D
#
# COMPACT_ATOMS: atom_id res chain seq x y z
N ASP A 6 -6.72 -8.28 -44.02
CA ASP A 6 -6.62 -9.75 -43.89
C ASP A 6 -5.15 -10.16 -43.61
N VAL A 7 -4.95 -11.06 -42.67
CA VAL A 7 -3.60 -11.58 -42.45
C VAL A 7 -2.94 -12.08 -43.72
N ALA A 8 -3.65 -12.89 -44.50
CA ALA A 8 -3.06 -13.51 -45.69
C ALA A 8 -2.43 -12.49 -46.65
N LYS A 9 -3.12 -11.39 -46.87
CA LYS A 9 -2.67 -10.34 -47.76
C LYS A 9 -1.45 -9.62 -47.21
N VAL A 10 -1.52 -9.22 -45.95
CA VAL A 10 -0.42 -8.49 -45.32
C VAL A 10 0.90 -9.29 -45.30
N MSE A 11 0.82 -10.61 -45.16
CA MSE A 11 2.01 -11.45 -45.26
C MSE A 11 2.70 -11.34 -46.60
O MSE A 11 3.91 -11.23 -46.70
CB MSE A 11 1.67 -12.91 -45.02
CG MSE A 11 1.11 -13.21 -43.65
SE MSE A 11 2.30 -12.68 -42.19
CE MSE A 11 1.42 -11.00 -41.71
N LYS A 12 1.92 -11.40 -47.68
CA LYS A 12 2.51 -11.51 -48.98
C LYS A 12 3.07 -10.13 -49.32
N THR A 13 2.33 -9.10 -48.93
CA THR A 13 2.77 -7.71 -49.05
C THR A 13 4.15 -7.52 -48.41
N LEU A 14 4.33 -8.13 -47.26
CA LEU A 14 5.57 -8.00 -46.51
C LEU A 14 6.71 -8.72 -47.23
N ASP A 15 6.40 -9.89 -47.78
CA ASP A 15 7.36 -10.68 -48.58
C ASP A 15 7.90 -9.90 -49.79
N GLY A 16 7.06 -9.02 -50.33
CA GLY A 16 7.47 -8.15 -51.44
C GLY A 16 8.20 -6.88 -51.05
N MSE A 17 8.66 -6.84 -49.81
CA MSE A 17 9.30 -5.68 -49.24
C MSE A 17 10.62 -6.02 -48.60
O MSE A 17 11.20 -5.18 -47.94
CB MSE A 17 8.40 -5.03 -48.20
CG MSE A 17 7.28 -4.23 -48.78
SE MSE A 17 6.33 -3.36 -47.30
CE MSE A 17 4.92 -2.38 -48.30
N ARG A 18 11.10 -7.24 -48.78
CA ARG A 18 12.42 -7.63 -48.31
C ARG A 18 13.43 -6.53 -48.68
N GLU A 19 13.41 -6.04 -49.92
CA GLU A 19 14.41 -5.05 -50.32
C GLU A 19 14.28 -3.70 -49.60
N GLY A 20 13.06 -3.19 -49.39
CA GLY A 20 12.85 -1.97 -48.61
C GLY A 20 13.33 -2.13 -47.16
N LEU A 21 13.08 -3.30 -46.60
CA LEU A 21 13.54 -3.63 -45.26
C LEU A 21 15.04 -3.52 -45.16
N ILE A 22 15.74 -4.12 -46.10
CA ILE A 22 17.19 -4.17 -46.05
C ILE A 22 17.77 -2.79 -46.25
N GLN A 23 17.17 -2.04 -47.17
CA GLN A 23 17.61 -0.69 -47.46
C GLN A 23 17.39 0.19 -46.21
N THR A 24 16.17 0.17 -45.68
CA THR A 24 15.84 0.94 -44.48
C THR A 24 16.84 0.64 -43.36
N ALA A 25 17.11 -0.62 -43.07
CA ALA A 25 18.08 -0.93 -42.01
C ALA A 25 19.47 -0.40 -42.31
N VAL A 26 19.95 -0.59 -43.54
CA VAL A 26 21.32 -0.22 -43.87
C VAL A 26 21.46 1.29 -43.89
N GLU A 27 20.50 1.97 -44.51
CA GLU A 27 20.54 3.41 -44.46
C GLU A 27 20.51 3.93 -43.02
N LEU A 28 19.61 3.43 -42.18
CA LEU A 28 19.50 3.93 -40.81
C LEU A 28 20.74 3.58 -40.01
N GLY A 29 21.21 2.35 -40.21
CA GLY A 29 22.34 1.86 -39.45
C GLY A 29 23.64 2.53 -39.81
N SER A 30 23.63 3.28 -40.92
CA SER A 30 24.84 3.89 -41.43
C SER A 30 25.01 5.29 -40.89
N ILE A 31 23.91 5.86 -40.42
CA ILE A 31 23.92 7.20 -39.86
C ILE A 31 24.60 7.15 -38.49
N GLU A 32 25.54 8.05 -38.25
CA GLU A 32 26.21 8.13 -36.97
C GLU A 32 25.31 8.84 -35.97
N ALA A 33 25.00 8.16 -34.87
CA ALA A 33 24.02 8.68 -33.94
C ALA A 33 24.25 8.22 -32.50
N PRO A 34 25.44 8.51 -31.94
CA PRO A 34 25.62 8.20 -30.53
C PRO A 34 24.79 9.12 -29.65
N THR A 35 24.51 8.72 -28.42
CA THR A 35 23.71 9.55 -27.52
C THR A 35 24.35 10.92 -27.40
N GLY A 36 23.53 11.94 -27.65
CA GLY A 36 24.00 13.32 -27.72
C GLY A 36 23.89 13.91 -29.12
N ARG A 37 23.87 13.03 -30.12
CA ARG A 37 23.96 13.41 -31.53
C ARG A 37 23.02 12.60 -32.45
N GLU A 38 21.76 12.45 -32.02
CA GLU A 38 20.78 11.61 -32.69
C GLU A 38 19.95 12.34 -33.75
N GLY A 39 20.15 13.65 -33.89
CA GLY A 39 19.36 14.41 -34.84
C GLY A 39 19.30 13.83 -36.25
N ALA A 40 20.44 13.40 -36.78
CA ALA A 40 20.49 12.96 -38.18
C ALA A 40 19.64 11.71 -38.38
N ALA A 41 19.71 10.78 -37.42
CA ALA A 41 18.86 9.59 -37.45
C ALA A 41 17.39 9.98 -37.34
N GLY A 42 17.09 10.87 -36.41
CA GLY A 42 15.74 11.38 -36.29
C GLY A 42 15.25 12.01 -37.57
N ASP A 43 16.12 12.75 -38.26
CA ASP A 43 15.72 13.43 -39.49
C ASP A 43 15.41 12.35 -40.54
N TYR A 44 16.23 11.32 -40.60
CA TYR A 44 15.97 10.23 -41.52
C TYR A 44 14.60 9.59 -41.32
N VAL A 45 14.28 9.26 -40.07
CA VAL A 45 13.06 8.56 -39.73
C VAL A 45 11.88 9.48 -39.96
N TYR A 46 12.04 10.76 -39.65
CA TYR A 46 10.98 11.71 -39.98
C TYR A 46 10.72 11.71 -41.46
N GLU A 47 11.76 11.79 -42.29
CA GLU A 47 11.50 11.89 -43.72
C GLU A 47 10.96 10.54 -44.22
N TRP A 48 11.38 9.43 -43.65
CA TRP A 48 10.80 8.13 -44.01
C TRP A 48 9.31 8.05 -43.67
N MSE A 49 8.93 8.48 -42.47
CA MSE A 49 7.55 8.38 -42.09
C MSE A 49 6.71 9.30 -42.96
O MSE A 49 5.56 9.00 -43.23
CB MSE A 49 7.36 8.75 -40.64
CG MSE A 49 7.67 7.64 -39.67
SE MSE A 49 7.08 8.19 -37.88
CE MSE A 49 8.17 6.89 -36.83
N ALA A 50 7.29 10.42 -43.38
CA ALA A 50 6.51 11.43 -44.09
C ALA A 50 6.22 10.98 -45.52
N ARG A 51 7.21 10.40 -46.18
CA ARG A 51 7.03 9.94 -47.54
C ARG A 51 5.99 8.82 -47.54
N ASN A 52 5.96 8.03 -46.48
CA ASN A 52 4.98 6.94 -46.32
C ASN A 52 3.63 7.32 -45.67
N GLY A 53 3.36 8.61 -45.47
CA GLY A 53 2.04 9.06 -45.09
C GLY A 53 1.62 8.92 -43.64
N PHE A 54 2.59 8.75 -42.76
CA PHE A 54 2.31 8.57 -41.34
C PHE A 54 2.28 9.89 -40.55
N GLY A 55 2.37 11.03 -41.25
CA GLY A 55 2.21 12.35 -40.63
C GLY A 55 3.07 12.60 -39.39
N PRO A 56 4.38 12.40 -39.51
CA PRO A 56 5.26 12.48 -38.36
C PRO A 56 5.34 13.86 -37.74
N GLU A 57 5.69 13.89 -36.45
CA GLU A 57 6.00 15.14 -35.78
C GLU A 57 7.30 14.97 -35.00
N ARG A 58 8.11 16.03 -35.03
CA ARG A 58 9.31 16.07 -34.21
C ARG A 58 8.84 16.56 -32.88
N VAL A 59 9.09 15.75 -31.87
CA VAL A 59 8.62 15.99 -30.50
C VAL A 59 9.85 15.89 -29.59
N GLY A 60 10.44 17.03 -29.24
CA GLY A 60 11.71 17.05 -28.55
C GLY A 60 11.95 18.28 -27.70
N VAL A 61 12.90 18.22 -26.80
CA VAL A 61 13.15 19.39 -25.99
C VAL A 61 14.25 20.19 -26.66
N PHE A 62 15.01 19.55 -27.53
CA PHE A 62 16.03 20.21 -28.33
C PHE A 62 15.76 20.02 -29.83
N ASP A 63 16.07 21.01 -30.65
CA ASP A 63 15.81 20.88 -32.10
C ASP A 63 16.77 19.92 -32.84
N ASP A 64 17.85 19.49 -32.19
CA ASP A 64 18.73 18.46 -32.76
C ASP A 64 18.78 17.16 -31.97
N ARG A 65 17.95 17.07 -30.93
CA ARG A 65 17.73 15.82 -30.20
C ARG A 65 16.25 15.67 -29.90
N PHE A 66 15.55 14.91 -30.75
CA PHE A 66 14.10 14.85 -30.71
C PHE A 66 13.62 13.43 -30.96
N ASN A 67 12.41 13.18 -30.52
CA ASN A 67 11.69 11.98 -30.88
C ASN A 67 10.84 12.20 -32.09
N VAL A 68 10.52 11.10 -32.76
CA VAL A 68 9.69 11.20 -33.93
C VAL A 68 8.48 10.32 -33.72
N VAL A 69 7.31 10.95 -33.83
CA VAL A 69 6.04 10.31 -33.57
C VAL A 69 5.09 10.45 -34.74
N GLY A 70 4.64 9.31 -35.26
CA GLY A 70 3.61 9.29 -36.28
C GLY A 70 2.51 8.27 -35.98
N ARG A 71 1.52 8.17 -36.87
CA ARG A 71 0.38 7.29 -36.64
C ARG A 71 -0.11 6.64 -37.93
N LEU A 72 -0.60 5.42 -37.79
CA LEU A 72 -1.51 4.81 -38.75
C LEU A 72 -2.92 4.78 -38.15
N ARG A 73 -3.75 5.75 -38.52
CA ARG A 73 -5.06 5.92 -37.87
C ARG A 73 -6.03 4.85 -38.36
N GLY A 74 -6.81 4.34 -37.43
CA GLY A 74 -7.78 3.29 -37.71
C GLY A 74 -9.16 3.89 -37.93
N THR A 75 -10.15 3.02 -38.09
CA THR A 75 -11.48 3.45 -38.45
C THR A 75 -12.29 3.95 -37.23
N GLY A 76 -11.82 3.63 -36.02
CA GLY A 76 -12.48 4.08 -34.79
C GLY A 76 -12.93 2.95 -33.83
N GLY A 77 -12.86 3.23 -32.54
CA GLY A 77 -13.34 2.33 -31.50
C GLY A 77 -12.36 1.32 -30.91
N GLY A 78 -11.38 0.87 -31.71
CA GLY A 78 -10.41 -0.15 -31.31
C GLY A 78 -9.32 0.31 -30.35
N ALA A 79 -8.62 -0.67 -29.78
CA ALA A 79 -7.44 -0.39 -28.95
C ALA A 79 -6.25 0.10 -29.78
N SER A 80 -5.46 1.00 -29.21
CA SER A 80 -4.30 1.51 -29.90
C SER A 80 -3.01 0.89 -29.37
N LEU A 81 -2.12 0.60 -30.30
CA LEU A 81 -0.85 -0.01 -30.01
C LEU A 81 0.30 0.90 -30.45
N SER A 82 1.30 1.08 -29.59
CA SER A 82 2.55 1.79 -29.94
C SER A 82 3.67 0.82 -30.30
N PHE A 83 4.42 1.15 -31.34
CA PHE A 83 5.72 0.53 -31.55
C PHE A 83 6.82 1.51 -31.20
N ASN A 84 7.87 1.02 -30.55
CA ASN A 84 8.89 1.91 -30.01
C ASN A 84 10.28 1.36 -30.19
N SER A 85 11.18 2.21 -30.70
CA SER A 85 12.61 1.90 -30.70
C SER A 85 13.38 3.17 -30.56
N HIS A 86 14.66 3.06 -30.21
CA HIS A 86 15.43 4.24 -29.92
C HIS A 86 16.47 4.54 -31.02
N LEU A 87 16.64 5.83 -31.27
CA LEU A 87 17.49 6.36 -32.33
C LEU A 87 18.97 6.41 -31.99
N ASP A 88 19.32 6.43 -30.71
CA ASP A 88 20.75 6.52 -30.30
C ASP A 88 21.46 5.16 -30.33
N THR A 89 22.80 5.23 -30.37
CA THR A 89 23.72 4.09 -30.38
C THR A 89 24.83 4.35 -29.36
N ILE A 90 25.79 3.45 -29.22
CA ILE A 90 26.84 3.62 -28.20
C ILE A 90 28.06 4.50 -28.54
N GLU A 109 29.88 1.35 -39.84
CA GLU A 109 28.91 1.30 -40.95
C GLU A 109 28.02 0.03 -40.86
N ALA A 110 26.92 0.04 -41.63
CA ALA A 110 26.03 -1.12 -41.74
C ALA A 110 25.91 -1.55 -43.20
N TRP A 111 25.89 -2.84 -43.47
CA TRP A 111 25.84 -3.33 -44.85
C TRP A 111 25.10 -4.67 -45.03
N HIS A 112 24.57 -4.91 -46.24
CA HIS A 112 23.93 -6.20 -46.54
C HIS A 112 24.91 -7.21 -47.14
N GLU A 113 24.87 -8.45 -46.66
CA GLU A 113 25.69 -9.53 -47.18
C GLU A 113 25.06 -10.93 -46.99
N GLU A 114 24.75 -11.65 -48.07
CA GLU A 114 24.16 -13.00 -47.95
C GLU A 114 23.03 -13.19 -46.91
N GLY A 115 21.98 -12.39 -47.04
CA GLY A 115 20.86 -12.48 -46.11
C GLY A 115 21.13 -12.03 -44.67
N ARG A 116 22.23 -11.32 -44.47
CA ARG A 116 22.57 -10.75 -43.18
C ARG A 116 22.73 -9.24 -43.31
N ILE A 117 22.41 -8.53 -42.23
CA ILE A 117 22.74 -7.13 -42.11
C ILE A 117 23.70 -6.99 -40.94
N TYR A 118 24.86 -6.41 -41.22
CA TYR A 118 25.92 -6.30 -40.26
C TYR A 118 25.93 -4.88 -39.69
N GLY A 119 26.30 -4.75 -38.42
CA GLY A 119 26.43 -3.45 -37.79
C GLY A 119 25.86 -3.43 -36.39
N TYR A 120 26.68 -3.03 -35.41
CA TYR A 120 26.18 -3.00 -34.05
C TYR A 120 25.08 -1.94 -33.94
N SER A 121 25.07 -0.98 -34.86
CA SER A 121 24.02 0.02 -34.91
C SER A 121 22.69 -0.56 -35.35
N VAL A 122 22.73 -1.74 -35.96
CA VAL A 122 21.53 -2.40 -36.42
C VAL A 122 20.95 -3.25 -35.29
N VAL A 123 21.84 -3.91 -34.56
CA VAL A 123 21.46 -4.75 -33.42
C VAL A 123 20.88 -3.89 -32.32
N ASN A 124 21.48 -2.72 -32.13
CA ASN A 124 21.10 -1.79 -31.10
C ASN A 124 21.11 -0.37 -31.67
N CYS A 125 20.02 0.09 -32.30
CA CYS A 125 18.74 -0.61 -32.35
C CYS A 125 17.97 -0.32 -33.63
N LYS A 126 18.68 -0.09 -34.73
CA LYS A 126 18.02 0.34 -35.97
C LYS A 126 17.37 -0.86 -36.67
N GLY A 127 17.89 -2.07 -36.43
CA GLY A 127 17.28 -3.26 -36.98
C GLY A 127 15.85 -3.45 -36.50
N PRO A 128 15.67 -3.60 -35.19
CA PRO A 128 14.31 -3.73 -34.70
C PRO A 128 13.44 -2.57 -35.16
N MSE A 129 14.03 -1.40 -35.35
CA MSE A 129 13.23 -0.25 -35.79
C MSE A 129 12.73 -0.42 -37.21
O MSE A 129 11.61 -0.09 -37.51
CB MSE A 129 14.02 1.03 -35.71
CG MSE A 129 13.14 2.27 -35.98
SE MSE A 129 14.12 3.98 -35.73
CE MSE A 129 14.31 4.09 -33.76
N ALA A 130 13.57 -0.92 -38.09
CA ALA A 130 13.16 -1.14 -39.45
C ALA A 130 12.00 -2.12 -39.49
N CYS A 131 12.08 -3.17 -38.69
CA CYS A 131 11.02 -4.17 -38.65
C CYS A 131 9.62 -3.58 -38.47
N TRP A 132 9.45 -2.70 -37.49
CA TRP A 132 8.11 -2.19 -37.25
C TRP A 132 7.81 -1.00 -38.15
N LEU A 133 8.83 -0.34 -38.68
CA LEU A 133 8.55 0.63 -39.73
C LEU A 133 7.99 -0.08 -40.95
N ILE A 134 8.58 -1.20 -41.32
CA ILE A 134 8.15 -1.91 -42.52
C ILE A 134 6.79 -2.54 -42.26
N ALA A 135 6.59 -3.02 -41.04
CA ALA A 135 5.32 -3.61 -40.66
C ALA A 135 4.21 -2.60 -40.78
N ALA A 136 4.45 -1.35 -40.39
CA ALA A 136 3.46 -0.30 -40.59
C ALA A 136 3.23 -0.02 -42.06
N LYS A 137 4.29 -0.07 -42.85
CA LYS A 137 4.17 0.20 -44.29
C LYS A 137 3.28 -0.89 -44.91
N ALA A 138 3.55 -2.15 -44.55
CA ALA A 138 2.75 -3.26 -45.03
C ALA A 138 1.28 -3.12 -44.64
N LEU A 139 0.99 -2.81 -43.37
CA LEU A 139 -0.38 -2.63 -42.95
C LEU A 139 -1.10 -1.55 -43.77
N LYS A 140 -0.44 -0.42 -44.01
CA LYS A 140 -1.10 0.70 -44.69
C LYS A 140 -1.41 0.40 -46.17
N GLU A 141 -0.47 -0.25 -46.86
CA GLU A 141 -0.61 -0.48 -48.29
C GLU A 141 -1.55 -1.64 -48.58
N ALA A 142 -1.51 -2.66 -47.73
CA ALA A 142 -2.44 -3.78 -47.85
C ALA A 142 -3.87 -3.39 -47.42
N GLY A 143 -4.03 -2.16 -46.96
CA GLY A 143 -5.31 -1.65 -46.52
C GLY A 143 -5.94 -2.38 -45.34
N ALA A 144 -5.11 -2.96 -44.48
CA ALA A 144 -5.57 -3.71 -43.32
C ALA A 144 -6.62 -2.93 -42.55
N ALA A 145 -7.62 -3.66 -42.07
CA ALA A 145 -8.73 -3.02 -41.39
C ALA A 145 -8.38 -2.99 -39.92
N LEU A 146 -8.09 -1.79 -39.44
CA LEU A 146 -7.70 -1.59 -38.05
C LEU A 146 -8.61 -0.56 -37.45
N LYS A 147 -9.30 -0.95 -36.39
CA LYS A 147 -10.23 -0.04 -35.70
C LYS A 147 -9.45 0.91 -34.82
N GLY A 148 -8.36 0.41 -34.26
CA GLY A 148 -7.47 1.21 -33.42
C GLY A 148 -6.28 1.80 -34.15
N ASP A 149 -5.72 2.85 -33.56
CA ASP A 149 -4.52 3.48 -34.06
C ASP A 149 -3.24 2.69 -33.80
N VAL A 150 -2.31 2.70 -34.76
CA VAL A 150 -0.95 2.28 -34.50
C VAL A 150 -0.08 3.54 -34.31
N VAL A 151 0.65 3.63 -33.20
CA VAL A 151 1.44 4.81 -32.90
C VAL A 151 2.91 4.48 -33.10
N LEU A 152 3.56 5.28 -33.94
CA LEU A 152 4.92 5.02 -34.34
C LEU A 152 5.85 5.99 -33.64
N THR A 153 6.67 5.44 -32.75
CA THR A 153 7.46 6.26 -31.86
C THR A 153 8.92 5.89 -31.86
N ALA A 154 9.71 6.74 -32.49
CA ALA A 154 11.14 6.57 -32.49
C ALA A 154 11.73 7.63 -31.56
N VAL A 155 12.48 7.18 -30.57
CA VAL A 155 12.90 8.08 -29.49
C VAL A 155 14.39 8.23 -29.41
N CYS A 156 14.79 9.37 -28.91
CA CYS A 156 16.19 9.64 -28.63
C CYS A 156 16.53 9.34 -27.19
N GLY A 157 17.81 9.27 -26.87
CA GLY A 157 18.25 9.21 -25.51
C GLY A 157 17.79 8.04 -24.67
N GLU A 158 17.88 6.84 -25.20
CA GLU A 158 17.44 5.68 -24.47
C GLU A 158 18.56 5.18 -23.54
N ILE A 159 19.81 5.35 -23.96
CA ILE A 159 20.96 4.82 -23.26
C ILE A 159 21.30 5.61 -21.98
N ASP A 160 21.94 4.95 -21.00
CA ASP A 160 21.89 5.37 -19.60
C ASP A 160 22.83 6.49 -19.17
N CYS A 161 23.33 7.26 -20.15
CA CYS A 161 24.02 8.51 -19.88
C CYS A 161 23.16 9.44 -19.06
N GLU A 162 23.79 10.11 -18.11
CA GLU A 162 23.14 11.08 -17.28
C GLU A 162 24.14 12.18 -16.91
N PRO A 163 23.66 13.42 -16.78
CA PRO A 163 24.45 14.51 -16.22
C PRO A 163 24.85 14.33 -14.77
N VAL A 164 25.98 14.93 -14.42
CA VAL A 164 26.43 14.96 -13.05
C VAL A 164 27.54 15.99 -12.93
N ASP A 165 27.62 16.68 -11.78
CA ASP A 165 28.68 17.66 -11.50
C ASP A 165 28.72 18.69 -12.62
N GLU A 166 29.88 18.93 -13.23
CA GLU A 166 30.02 20.00 -14.22
C GLU A 166 29.44 19.62 -15.57
N PHE A 167 28.97 18.39 -15.68
CA PHE A 167 28.45 17.90 -16.95
C PHE A 167 26.93 18.07 -16.97
N GLN A 168 26.45 19.14 -17.58
CA GLN A 168 25.02 19.46 -17.54
C GLN A 168 24.43 19.76 -18.90
N GLY A 169 23.12 19.66 -18.98
CA GLY A 169 22.35 20.10 -20.12
C GLY A 169 22.50 19.25 -21.36
N HIS A 170 22.17 19.89 -22.48
CA HIS A 170 22.15 19.30 -23.82
C HIS A 170 23.07 18.12 -24.12
N ASP A 171 24.37 18.21 -23.87
CA ASP A 171 25.28 17.16 -24.38
C ASP A 171 25.20 15.87 -23.59
N TYR A 172 24.71 15.97 -22.36
CA TYR A 172 24.80 14.88 -21.41
C TYR A 172 23.45 14.27 -21.02
N LEU A 173 22.35 14.91 -21.42
CA LEU A 173 21.01 14.40 -21.17
C LEU A 173 20.69 13.16 -22.01
N ALA A 174 19.71 12.35 -21.53
CA ALA A 174 19.20 11.19 -22.30
C ALA A 174 17.75 10.80 -21.95
N GLU A 175 17.54 9.99 -20.92
CA GLU A 175 16.22 9.42 -20.74
C GLU A 175 15.15 10.44 -20.45
N ASP A 176 15.54 11.54 -19.81
CA ASP A 176 14.57 12.56 -19.49
C ASP A 176 13.98 13.23 -20.73
N ILE A 177 14.73 13.27 -21.83
CA ILE A 177 14.23 13.89 -23.05
C ILE A 177 13.81 12.86 -24.12
N GLY A 178 13.90 11.58 -23.79
CA GLY A 178 13.49 10.55 -24.74
C GLY A 178 12.06 10.10 -24.59
N ALA A 179 11.88 8.79 -24.52
CA ALA A 179 10.57 8.18 -24.50
C ALA A 179 9.61 8.81 -23.52
N ARG A 180 10.03 8.99 -22.27
CA ARG A 180 9.10 9.64 -21.35
C ARG A 180 8.62 11.00 -21.87
N TYR A 181 9.52 11.77 -22.47
CA TYR A 181 9.14 13.08 -22.96
C TYR A 181 8.12 12.88 -24.08
N ALA A 182 8.35 11.88 -24.93
CA ALA A 182 7.50 11.68 -26.11
C ALA A 182 6.09 11.27 -25.71
N ILE A 183 6.00 10.26 -24.85
CA ILE A 183 4.71 9.83 -24.36
C ILE A 183 3.98 10.97 -23.68
N SER A 184 4.70 11.69 -22.82
CA SER A 184 4.09 12.75 -22.05
C SER A 184 3.57 13.83 -22.95
N HIS A 185 4.09 13.89 -24.18
CA HIS A 185 3.70 14.95 -25.09
C HIS A 185 2.89 14.44 -26.24
N GLY A 186 2.20 13.32 -25.98
CA GLY A 186 1.08 12.91 -26.80
C GLY A 186 1.17 11.52 -27.39
N ALA A 187 2.33 10.88 -27.27
CA ALA A 187 2.55 9.59 -27.90
C ALA A 187 2.01 8.47 -27.03
N ILE A 188 0.73 8.57 -26.72
CA ILE A 188 0.02 7.66 -25.83
C ILE A 188 -0.80 6.63 -26.59
N SER A 189 -0.96 5.49 -25.96
CA SER A 189 -1.71 4.38 -26.52
C SER A 189 -2.25 3.49 -25.39
N ASP A 190 -3.01 2.47 -25.75
CA ASP A 190 -3.48 1.49 -24.76
C ASP A 190 -2.42 0.48 -24.37
N TYR A 191 -1.61 0.08 -25.32
CA TYR A 191 -0.56 -0.91 -25.11
C TYR A 191 0.66 -0.47 -25.90
N ALA A 192 1.83 -0.99 -25.52
CA ALA A 192 3.05 -0.64 -26.19
C ALA A 192 4.09 -1.76 -26.29
N LEU A 193 4.53 -1.99 -27.50
CA LEU A 193 5.61 -2.91 -27.76
C LEU A 193 6.89 -2.15 -28.05
N VAL A 194 7.90 -2.42 -27.22
CA VAL A 194 9.21 -1.85 -27.39
C VAL A 194 10.03 -2.88 -28.15
N ALA A 195 10.49 -2.54 -29.36
CA ALA A 195 11.28 -3.47 -30.17
C ALA A 195 12.76 -3.39 -29.84
N GLU A 196 13.34 -4.49 -29.38
CA GLU A 196 14.76 -4.56 -29.09
C GLU A 196 15.23 -5.94 -29.49
N ALA A 197 16.53 -6.17 -29.44
CA ALA A 197 17.06 -7.47 -29.81
C ALA A 197 16.88 -8.48 -28.70
N THR A 198 15.77 -9.20 -28.73
CA THR A 198 15.46 -10.15 -27.64
C THR A 198 15.39 -11.60 -28.09
N ASN A 199 15.62 -11.86 -29.37
CA ASN A 199 15.61 -13.20 -29.93
C ASN A 199 14.25 -13.85 -29.67
N PHE A 200 13.20 -13.08 -29.96
CA PHE A 200 11.83 -13.53 -29.88
C PHE A 200 11.42 -14.00 -28.49
N LYS A 201 12.07 -13.45 -27.46
CA LYS A 201 11.72 -13.67 -26.06
C LYS A 201 11.15 -12.40 -25.42
N PRO A 202 9.89 -12.43 -24.95
CA PRO A 202 9.33 -11.20 -24.36
C PRO A 202 9.59 -11.03 -22.86
N ALA A 203 9.85 -9.78 -22.47
CA ALA A 203 10.00 -9.39 -21.09
C ALA A 203 9.01 -8.27 -20.79
N TRP A 204 8.55 -8.16 -19.55
CA TRP A 204 7.76 -6.99 -19.18
C TRP A 204 7.95 -6.65 -17.70
N VAL A 205 9.15 -6.89 -17.20
CA VAL A 205 9.64 -6.24 -16.02
C VAL A 205 11.03 -5.75 -16.36
N GLU A 206 11.39 -4.58 -15.85
CA GLU A 206 12.75 -4.10 -15.96
C GLU A 206 13.17 -3.52 -14.63
N ALA A 207 14.49 -3.41 -14.41
CA ALA A 207 15.02 -2.76 -13.22
C ALA A 207 14.91 -1.23 -13.30
N GLY A 208 14.96 -0.61 -12.12
CA GLY A 208 15.12 0.82 -11.96
C GLY A 208 16.58 1.07 -11.62
N LYS A 209 16.92 2.26 -11.13
CA LYS A 209 18.30 2.53 -10.78
C LYS A 209 18.41 3.72 -9.88
N VAL A 210 19.46 3.68 -9.04
CA VAL A 210 19.90 4.84 -8.30
C VAL A 210 21.41 4.96 -8.53
N PHE A 211 21.86 6.14 -8.95
CA PHE A 211 23.29 6.40 -9.07
C PHE A 211 23.77 7.17 -7.86
N LEU A 212 24.92 6.80 -7.30
CA LEU A 212 25.44 7.46 -6.08
C LEU A 212 26.84 7.94 -6.31
N LYS A 213 27.07 9.21 -5.95
CA LYS A 213 28.40 9.79 -5.90
C LYS A 213 28.82 9.63 -4.47
N VAL A 214 29.96 8.96 -4.27
CA VAL A 214 30.45 8.66 -2.95
C VAL A 214 31.79 9.32 -2.79
N THR A 215 31.86 10.31 -1.92
CA THR A 215 33.10 11.07 -1.74
C THR A 215 33.71 10.83 -0.37
N VAL A 216 34.91 10.26 -0.35
CA VAL A 216 35.53 9.95 0.90
C VAL A 216 36.41 11.15 1.30
N PHE A 217 36.33 11.53 2.59
CA PHE A 217 37.12 12.65 3.13
C PHE A 217 38.37 12.20 3.87
N ALA A 218 39.46 12.94 3.68
CA ALA A 218 40.74 12.67 4.31
C ALA A 218 41.46 13.99 4.56
N GLY A 219 42.73 14.08 4.14
CA GLY A 219 43.57 15.25 4.40
C GLY A 219 44.35 15.14 5.70
N PRO A 220 45.18 16.14 6.02
CA PRO A 220 45.45 17.36 5.24
C PRO A 220 46.40 17.11 4.09
N SER A 221 46.19 17.85 3.03
CA SER A 221 47.00 17.74 1.85
C SER A 221 48.39 18.40 2.05
N ARG A 222 49.46 17.76 1.57
CA ARG A 222 50.80 18.36 1.63
C ARG A 222 51.52 18.34 0.27
N TYR A 223 52.43 19.30 0.09
CA TYR A 223 53.41 19.28 -1.01
C TYR A 223 54.26 17.99 -0.91
N THR A 224 54.57 17.35 -2.02
CA THR A 224 55.06 15.98 -2.00
C THR A 224 56.27 15.75 -1.07
N PRO A 225 57.26 16.65 -1.05
CA PRO A 225 58.42 16.46 -0.15
C PRO A 225 58.09 16.43 1.35
N TYR A 226 56.84 16.72 1.70
CA TYR A 226 56.40 16.77 3.08
C TYR A 226 55.40 15.64 3.42
N VAL A 227 55.22 14.67 2.53
CA VAL A 227 54.18 13.67 2.76
C VAL A 227 54.60 12.77 3.93
N PRO A 228 53.70 12.60 4.91
CA PRO A 228 53.99 11.70 6.03
C PRO A 228 53.87 10.21 5.68
N ARG A 229 54.94 9.46 5.96
CA ARG A 229 54.95 7.99 5.80
C ARG A 229 55.83 7.39 6.89
N PRO A 230 55.56 6.12 7.23
CA PRO A 230 54.42 5.31 6.76
C PRO A 230 53.15 5.50 7.57
N VAL A 231 51.99 5.45 6.90
CA VAL A 231 50.68 5.51 7.55
C VAL A 231 49.80 4.44 6.94
N ALA A 232 48.94 3.81 7.73
CA ALA A 232 48.08 2.73 7.20
C ALA A 232 47.00 3.28 6.25
N ALA A 233 46.65 2.49 5.25
CA ALA A 233 45.81 2.95 4.17
C ALA A 233 44.52 3.62 4.67
N LEU A 234 43.80 3.02 5.62
CA LEU A 234 42.56 3.66 6.13
C LEU A 234 42.81 5.00 6.83
N ASP A 235 44.06 5.28 7.17
CA ASP A 235 44.43 6.52 7.88
C ASP A 235 45.25 7.50 7.04
N SER A 236 45.42 7.20 5.75
CA SER A 236 46.26 8.02 4.89
C SER A 236 45.68 9.43 4.69
N PRO A 237 46.56 10.44 4.70
CA PRO A 237 46.05 11.79 4.42
C PRO A 237 45.56 11.93 2.97
N ASN A 238 45.86 10.95 2.12
CA ASN A 238 45.48 10.97 0.72
C ASN A 238 44.16 10.22 0.52
N ALA A 239 43.13 10.94 0.09
CA ALA A 239 41.81 10.31 -0.04
C ALA A 239 41.78 9.24 -1.11
N ILE A 240 42.68 9.31 -2.09
CA ILE A 240 42.80 8.25 -3.08
C ILE A 240 43.16 6.91 -2.42
N VAL A 241 43.93 6.98 -1.33
CA VAL A 241 44.46 5.79 -0.71
C VAL A 241 43.40 5.17 0.21
N ARG A 242 42.62 6.00 0.90
CA ARG A 242 41.48 5.49 1.65
C ARG A 242 40.49 4.88 0.73
N MSE A 243 40.28 5.52 -0.39
CA MSE A 243 39.33 5.04 -1.37
C MSE A 243 39.64 3.62 -1.83
O MSE A 243 38.75 2.90 -2.22
CB MSE A 243 39.28 5.99 -2.56
CG MSE A 243 38.22 5.63 -3.57
SE MSE A 243 36.38 5.61 -2.80
CE MSE A 243 35.86 7.51 -3.04
N ALA A 244 40.92 3.21 -1.81
CA ALA A 244 41.25 1.85 -2.18
C ALA A 244 40.54 0.88 -1.24
N LYS A 245 40.52 1.24 0.03
CA LYS A 245 39.91 0.37 1.00
C LYS A 245 38.39 0.33 0.88
N LEU A 246 37.81 1.47 0.54
CA LEU A 246 36.37 1.57 0.50
C LEU A 246 35.86 0.87 -0.74
N VAL A 247 36.65 0.91 -1.81
CA VAL A 247 36.28 0.25 -3.08
C VAL A 247 36.17 -1.22 -2.81
N GLU A 248 37.16 -1.77 -2.13
CA GLU A 248 37.17 -3.18 -1.76
C GLU A 248 35.94 -3.56 -0.93
N ALA A 249 35.55 -2.74 0.02
CA ALA A 249 34.36 -3.05 0.82
C ALA A 249 33.09 -3.01 0.00
N LEU A 250 33.01 -2.06 -0.93
CA LEU A 250 31.81 -1.86 -1.71
C LEU A 250 31.65 -2.93 -2.74
N GLU A 251 32.76 -3.47 -3.22
CA GLU A 251 32.70 -4.62 -4.13
C GLU A 251 32.11 -5.84 -3.43
N GLU A 252 32.52 -6.09 -2.20
CA GLU A 252 32.00 -7.22 -1.46
C GLU A 252 30.50 -6.98 -1.23
N TRP A 253 30.14 -5.76 -0.83
CA TRP A 253 28.74 -5.42 -0.60
C TRP A 253 27.90 -5.72 -1.87
N ALA A 254 28.45 -5.39 -3.03
CA ALA A 254 27.83 -5.62 -4.34
C ALA A 254 27.67 -7.09 -4.69
N ASP A 255 28.63 -7.92 -4.27
CA ASP A 255 28.52 -9.34 -4.55
C ASP A 255 27.26 -9.88 -3.89
N ASN A 256 26.97 -9.43 -2.67
CA ASN A 256 25.80 -9.93 -1.95
C ASN A 256 24.53 -9.15 -2.25
N TYR A 257 24.67 -7.91 -2.76
CA TYR A 257 23.51 -7.06 -3.02
C TYR A 257 22.66 -7.74 -4.07
N GLU A 258 23.32 -8.30 -5.08
CA GLU A 258 22.57 -8.86 -6.17
C GLU A 258 21.87 -10.15 -5.79
N LYS A 259 22.40 -10.86 -4.82
CA LYS A 259 21.79 -12.10 -4.39
C LYS A 259 20.59 -11.72 -3.53
N ARG A 260 20.80 -10.84 -2.57
CA ARG A 260 19.72 -10.42 -1.66
C ARG A 260 18.50 -9.81 -2.34
N TYR A 261 18.67 -9.12 -3.46
CA TYR A 261 17.55 -8.38 -4.04
C TYR A 261 17.06 -8.99 -5.35
N THR A 262 17.56 -10.20 -5.66
CA THR A 262 17.05 -10.96 -6.80
C THR A 262 15.57 -11.15 -6.54
N ARG A 263 14.72 -11.05 -7.55
CA ARG A 263 13.30 -11.17 -7.30
C ARG A 263 12.55 -11.56 -8.57
N GLU A 264 11.66 -12.56 -8.44
CA GLU A 264 10.91 -13.12 -9.59
C GLU A 264 9.59 -12.41 -9.78
N TYR A 265 9.28 -12.07 -11.02
CA TYR A 265 8.03 -11.46 -11.41
C TYR A 265 7.44 -12.27 -12.54
N GLY A 266 6.17 -12.03 -12.83
CA GLY A 266 5.54 -12.62 -13.99
C GLY A 266 6.21 -12.26 -15.28
N GLY A 267 6.72 -11.03 -15.34
CA GLY A 267 7.35 -10.52 -16.56
C GLY A 267 8.84 -10.81 -16.68
N GLY A 268 9.43 -11.45 -15.67
CA GLY A 268 10.80 -11.86 -15.72
C GLY A 268 11.46 -11.90 -14.37
N THR A 269 12.66 -12.45 -14.26
CA THR A 269 13.39 -12.39 -13.00
C THR A 269 14.37 -11.23 -13.02
N VAL A 270 14.32 -10.42 -11.98
CA VAL A 270 15.20 -9.29 -11.84
C VAL A 270 16.38 -9.65 -10.94
N VAL A 271 17.58 -9.58 -11.52
CA VAL A 271 18.82 -9.72 -10.76
C VAL A 271 19.52 -8.40 -10.79
N PRO A 272 19.33 -7.57 -9.76
CA PRO A 272 19.90 -6.23 -9.84
C PRO A 272 21.37 -6.15 -9.48
N LYS A 273 22.16 -5.63 -10.41
CA LYS A 273 23.61 -5.58 -10.26
C LYS A 273 24.14 -4.17 -9.95
N VAL A 274 25.40 -4.14 -9.52
CA VAL A 274 26.09 -2.94 -9.10
C VAL A 274 27.41 -2.84 -9.81
N ALA A 275 27.84 -1.64 -10.16
CA ALA A 275 29.15 -1.52 -10.72
C ALA A 275 29.66 -0.12 -10.47
N ILE A 276 30.97 -0.02 -10.26
CA ILE A 276 31.61 1.26 -10.07
C ILE A 276 32.06 1.75 -11.43
N GLY A 277 31.35 2.75 -11.95
CA GLY A 277 31.50 3.17 -13.32
C GLY A 277 32.57 4.21 -13.57
N ALA A 278 32.92 4.95 -12.52
CA ALA A 278 33.96 5.98 -12.62
C ALA A 278 34.51 6.38 -11.27
N ILE A 279 35.74 6.85 -11.31
CA ILE A 279 36.44 7.39 -10.14
C ILE A 279 37.18 8.65 -10.56
N ARG A 280 37.21 9.66 -9.69
CA ARG A 280 38.17 10.73 -9.91
C ARG A 280 38.52 11.44 -8.61
N GLY A 281 39.82 11.75 -8.50
CA GLY A 281 40.39 12.37 -7.33
C GLY A 281 41.60 13.15 -7.75
N GLY A 282 41.72 14.39 -7.28
CA GLY A 282 42.72 15.29 -7.81
C GLY A 282 42.48 15.74 -9.24
N VAL A 283 43.42 16.53 -9.77
CA VAL A 283 43.43 16.85 -11.19
C VAL A 283 44.80 16.48 -11.79
N PRO A 284 44.82 15.89 -12.96
CA PRO A 284 46.11 15.39 -13.45
C PRO A 284 47.16 16.45 -13.69
N TYR A 285 46.75 17.68 -13.98
CA TYR A 285 47.69 18.74 -14.32
C TYR A 285 48.21 19.49 -13.11
N LYS A 286 47.82 19.07 -11.91
CA LYS A 286 48.34 19.60 -10.65
C LYS A 286 48.50 18.44 -9.68
N ILE A 287 49.58 17.68 -9.78
CA ILE A 287 49.71 16.49 -8.93
C ILE A 287 50.73 16.62 -7.82
N TYR A 288 51.32 17.79 -7.65
CA TYR A 288 52.36 17.98 -6.65
C TYR A 288 51.78 18.11 -5.24
N ARG A 289 50.48 18.11 -5.09
CA ARG A 289 49.85 18.14 -3.78
C ARG A 289 48.68 17.17 -3.80
N PHE A 290 48.78 16.08 -3.10
CA PHE A 290 47.76 15.05 -3.17
C PHE A 290 46.43 15.52 -2.56
N PRO A 291 45.31 14.93 -3.00
CA PRO A 291 43.96 15.42 -2.70
C PRO A 291 43.40 15.03 -1.36
N GLU A 292 42.52 15.87 -0.81
CA GLU A 292 41.79 15.59 0.41
C GLU A 292 40.44 14.92 0.16
N LEU A 293 39.99 14.95 -1.11
CA LEU A 293 38.74 14.31 -1.55
C LEU A 293 38.95 13.31 -2.66
N CYS A 294 38.13 12.26 -2.68
CA CYS A 294 38.11 11.34 -3.81
C CYS A 294 36.68 10.87 -4.02
N SER A 295 36.24 10.81 -5.28
CA SER A 295 34.87 10.42 -5.59
C SER A 295 34.78 9.22 -6.51
N ILE A 296 33.83 8.32 -6.19
CA ILE A 296 33.40 7.28 -7.12
C ILE A 296 31.91 7.42 -7.48
N TYR A 297 31.56 6.84 -8.62
CA TYR A 297 30.24 6.98 -9.15
C TYR A 297 29.68 5.60 -9.39
N MSE A 298 28.63 5.26 -8.65
CA MSE A 298 28.08 3.90 -8.65
C MSE A 298 26.77 3.73 -9.41
O MSE A 298 25.82 4.49 -9.22
CB MSE A 298 27.84 3.45 -7.24
CG MSE A 298 29.07 3.56 -6.36
SE MSE A 298 28.60 2.87 -4.57
CE MSE A 298 28.65 0.97 -5.04
N ASP A 299 26.74 2.70 -10.24
CA ASP A 299 25.53 2.28 -10.93
C ASP A 299 24.97 1.14 -10.15
N ILE A 300 23.89 1.40 -9.43
CA ILE A 300 23.18 0.40 -8.66
C ILE A 300 21.78 0.19 -9.24
N ARG A 301 21.52 -0.98 -9.80
CA ARG A 301 20.19 -1.30 -10.25
C ARG A 301 19.24 -1.61 -9.10
N LEU A 302 17.96 -1.38 -9.30
CA LEU A 302 16.94 -1.67 -8.32
C LEU A 302 15.85 -2.59 -8.86
N ASN A 303 15.38 -3.59 -8.08
CA ASN A 303 14.16 -4.29 -8.49
C ASN A 303 13.04 -3.30 -8.26
N PRO A 304 11.87 -3.53 -8.85
CA PRO A 304 10.79 -2.53 -8.77
C PRO A 304 10.32 -2.23 -7.38
N ASP A 305 10.73 -3.02 -6.42
CA ASP A 305 10.16 -2.88 -5.09
C ASP A 305 11.12 -2.33 -4.06
N THR A 306 12.25 -1.79 -4.50
CA THR A 306 13.23 -1.23 -3.59
C THR A 306 13.35 0.30 -3.66
N ASN A 307 13.17 0.90 -2.50
CA ASN A 307 13.34 2.32 -2.29
C ASN A 307 14.80 2.67 -2.41
N PRO A 308 15.12 3.71 -3.20
CA PRO A 308 16.54 4.07 -3.37
C PRO A 308 17.20 4.45 -2.06
N LEU A 309 16.42 4.96 -1.14
CA LEU A 309 16.95 5.36 0.16
C LEU A 309 17.37 4.18 1.02
N VAL A 310 16.64 3.08 0.95
CA VAL A 310 17.11 1.86 1.61
C VAL A 310 18.56 1.54 1.16
N VAL A 311 18.83 1.67 -0.14
CA VAL A 311 20.16 1.39 -0.68
C VAL A 311 21.20 2.41 -0.28
N GLN A 312 20.79 3.66 -0.20
CA GLN A 312 21.72 4.66 0.21
C GLN A 312 22.23 4.41 1.62
N ARG A 313 21.32 4.14 2.56
CA ARG A 313 21.74 3.82 3.93
C ARG A 313 22.68 2.63 3.96
N GLU A 314 22.46 1.66 3.10
CA GLU A 314 23.33 0.49 3.07
C GLU A 314 24.74 0.89 2.73
N VAL A 315 24.90 1.80 1.77
CA VAL A 315 26.24 2.18 1.32
C VAL A 315 26.89 3.04 2.40
N GLU A 316 26.07 3.88 3.00
CA GLU A 316 26.47 4.70 4.12
C GLU A 316 26.95 3.78 5.26
N ALA A 317 26.37 2.60 5.38
CA ALA A 317 26.75 1.69 6.46
C ALA A 317 28.07 1.02 6.14
N VAL A 318 28.31 0.65 4.90
CA VAL A 318 29.62 0.14 4.54
C VAL A 318 30.70 1.15 4.91
N VAL A 319 30.37 2.41 4.74
CA VAL A 319 31.29 3.49 4.97
C VAL A 319 31.58 3.63 6.44
N SER A 320 30.53 3.66 7.24
CA SER A 320 30.68 3.77 8.69
C SER A 320 31.44 2.56 9.29
N LYS A 321 31.18 1.36 8.79
CA LYS A 321 31.85 0.17 9.31
C LYS A 321 33.36 0.15 9.04
N LEU A 322 33.85 1.00 8.14
CA LEU A 322 35.30 1.10 7.92
C LEU A 322 35.88 2.25 8.74
N GLY A 323 35.02 2.98 9.42
CA GLY A 323 35.45 4.13 10.19
C GLY A 323 35.96 5.24 9.31
N LEU A 324 35.37 5.32 8.12
CA LEU A 324 35.60 6.40 7.18
C LEU A 324 34.47 7.42 7.29
N LYS A 325 34.73 8.64 6.86
CA LYS A 325 33.68 9.65 6.73
C LYS A 325 33.50 9.92 5.24
N ALA A 326 32.26 9.98 4.76
CA ALA A 326 32.00 10.18 3.36
C ALA A 326 30.66 10.86 3.09
N GLU A 327 30.57 11.54 1.95
CA GLU A 327 29.30 12.08 1.44
C GLU A 327 28.75 11.04 0.47
N VAL A 328 27.55 10.56 0.70
CA VAL A 328 26.90 9.63 -0.21
C VAL A 328 25.72 10.34 -0.83
N LYS A 329 25.89 10.81 -2.07
CA LYS A 329 24.95 11.73 -2.72
C LYS A 329 24.32 11.07 -3.91
N PRO A 330 23.00 10.91 -3.91
CA PRO A 330 22.33 10.38 -5.11
C PRO A 330 22.31 11.43 -6.23
N PHE A 331 22.58 11.06 -7.49
CA PHE A 331 22.36 11.99 -8.60
C PHE A 331 21.48 11.43 -9.69
N LEU A 332 20.87 10.27 -9.43
CA LEU A 332 19.91 9.70 -10.37
C LEU A 332 19.02 8.72 -9.67
N PHE A 333 17.71 8.84 -9.91
CA PHE A 333 16.76 7.85 -9.49
C PHE A 333 15.70 7.61 -10.56
N ARG A 334 15.61 6.37 -11.02
CA ARG A 334 14.49 5.94 -11.87
C ARG A 334 13.87 4.67 -11.33
N ARG A 335 12.54 4.59 -11.40
CA ARG A 335 11.84 3.40 -10.95
C ARG A 335 11.74 2.38 -12.05
N GLY A 336 11.88 1.10 -11.69
CA GLY A 336 11.48 0.00 -12.55
C GLY A 336 10.04 -0.41 -12.30
N TYR A 337 9.47 -1.06 -13.30
CA TYR A 337 8.08 -1.46 -13.30
C TYR A 337 7.87 -2.84 -13.86
N GLU A 338 6.91 -3.57 -13.30
CA GLU A 338 6.39 -4.74 -13.97
C GLU A 338 5.10 -4.33 -14.63
N ALA A 339 4.91 -4.66 -15.90
CA ALA A 339 3.67 -4.31 -16.57
C ALA A 339 2.45 -4.87 -15.83
N GLN A 340 1.37 -4.08 -15.74
CA GLN A 340 0.11 -4.45 -15.11
C GLN A 340 -0.99 -4.53 -16.17
N GLY A 341 -1.63 -5.68 -16.35
CA GLY A 341 -2.69 -5.79 -17.35
C GLY A 341 -2.11 -5.95 -18.76
N ILE A 342 -0.97 -6.63 -18.83
CA ILE A 342 -0.27 -6.85 -20.07
C ILE A 342 -0.89 -7.97 -20.92
N GLU A 343 -1.87 -8.70 -20.38
CA GLU A 343 -2.26 -9.99 -20.96
C GLU A 343 -2.74 -9.94 -22.42
N PRO A 344 -3.60 -8.97 -22.78
CA PRO A 344 -4.05 -8.78 -24.16
C PRO A 344 -2.94 -8.56 -25.17
N LEU A 345 -1.94 -7.76 -24.79
CA LEU A 345 -0.78 -7.60 -25.65
C LEU A 345 0.06 -8.88 -25.62
N GLN A 346 0.26 -9.45 -24.44
CA GLN A 346 0.98 -10.72 -24.34
C GLN A 346 0.31 -11.76 -25.21
N ASN A 347 -1.03 -11.79 -25.21
CA ASN A 347 -1.73 -12.84 -25.92
C ASN A 347 -1.63 -12.66 -27.42
N ALA A 348 -1.93 -11.47 -27.90
CA ALA A 348 -1.87 -11.15 -29.31
C ALA A 348 -0.50 -11.46 -29.89
N LEU A 349 0.52 -11.15 -29.10
CA LEU A 349 1.90 -11.37 -29.49
C LEU A 349 2.21 -12.86 -29.52
N GLU A 350 1.80 -13.59 -28.48
CA GLU A 350 2.10 -15.01 -28.38
C GLU A 350 1.46 -15.76 -29.56
N VAL A 351 0.25 -15.34 -29.94
CA VAL A 351 -0.49 -15.99 -31.01
C VAL A 351 0.19 -15.72 -32.34
N ALA A 352 0.55 -14.47 -32.56
CA ALA A 352 1.26 -14.08 -33.79
C ALA A 352 2.62 -14.78 -33.85
N HIS A 353 3.27 -14.87 -32.70
CA HIS A 353 4.57 -15.48 -32.64
C HIS A 353 4.49 -16.92 -33.05
N ARG A 354 3.49 -17.63 -32.55
CA ARG A 354 3.37 -19.07 -32.85
C ARG A 354 3.14 -19.33 -34.35
N GLU A 355 2.33 -18.51 -35.01
CA GLU A 355 2.11 -18.69 -36.44
C GLU A 355 3.34 -18.41 -37.30
N VAL A 356 4.05 -17.33 -37.00
CA VAL A 356 5.14 -16.88 -37.87
C VAL A 356 6.44 -17.58 -37.59
N VAL A 357 6.74 -17.78 -36.31
CA VAL A 357 8.01 -18.40 -35.90
C VAL A 357 7.81 -19.89 -35.73
N GLY A 358 6.59 -20.29 -35.39
CA GLY A 358 6.18 -21.71 -35.42
C GLY A 358 6.37 -22.45 -34.10
N ARG A 359 6.92 -21.75 -33.11
CA ARG A 359 7.23 -22.33 -31.81
C ARG A 359 6.48 -21.46 -30.82
N PRO A 360 6.28 -21.93 -29.58
CA PRO A 360 5.81 -20.99 -28.55
C PRO A 360 7.00 -20.17 -28.03
N THR A 361 6.76 -19.00 -27.44
CA THR A 361 7.87 -18.13 -26.98
C THR A 361 8.63 -18.68 -25.78
N GLU A 362 9.96 -18.58 -25.81
CA GLU A 362 10.78 -18.92 -24.64
C GLU A 362 10.93 -17.70 -23.72
N ARG A 363 11.30 -17.98 -22.48
CA ARG A 363 11.42 -16.91 -21.48
C ARG A 363 12.83 -16.27 -21.51
N PRO A 364 12.93 -14.93 -21.29
CA PRO A 364 14.25 -14.29 -21.34
C PRO A 364 15.14 -14.59 -20.13
N GLY A 365 16.44 -14.38 -20.32
CA GLY A 365 17.38 -14.51 -19.23
C GLY A 365 17.23 -13.33 -18.29
N SER A 366 17.83 -13.41 -17.11
CA SER A 366 17.59 -12.36 -16.13
C SER A 366 18.24 -11.01 -16.52
N PRO A 367 19.42 -11.00 -17.17
CA PRO A 367 19.94 -9.67 -17.59
C PRO A 367 18.97 -8.86 -18.45
N GLU A 368 18.23 -9.46 -19.38
CA GLU A 368 17.30 -8.68 -20.20
C GLU A 368 15.99 -8.25 -19.44
N CYS A 369 15.87 -8.69 -18.19
CA CYS A 369 14.81 -8.25 -17.29
C CYS A 369 15.30 -7.36 -16.15
N SER A 370 16.62 -7.14 -16.09
CA SER A 370 17.29 -6.39 -15.02
C SER A 370 18.04 -5.14 -15.54
N MSE A 371 17.47 -4.57 -16.60
CA MSE A 371 18.06 -3.53 -17.44
C MSE A 371 17.25 -2.26 -17.37
O MSE A 371 16.20 -2.24 -16.74
CB MSE A 371 18.05 -3.96 -18.90
CG MSE A 371 19.23 -4.67 -19.43
SE MSE A 371 18.76 -5.06 -21.29
CE MSE A 371 18.43 -3.27 -22.01
N TRP A 372 17.68 -1.25 -18.10
CA TRP A 372 16.75 -0.22 -18.50
C TRP A 372 16.17 -0.59 -19.86
N ARG A 373 14.88 -0.38 -20.04
CA ARG A 373 14.25 -0.49 -21.34
C ARG A 373 13.18 0.56 -21.33
N ASP A 374 12.77 1.00 -22.50
CA ASP A 374 11.73 2.01 -22.54
C ASP A 374 10.35 1.42 -22.22
N THR A 375 10.29 0.21 -21.68
CA THR A 375 9.03 -0.24 -21.12
C THR A 375 8.78 0.51 -19.83
N ASN A 376 9.82 0.90 -19.11
CA ASN A 376 9.61 1.56 -17.82
C ASN A 376 8.73 2.83 -17.96
N PRO A 377 9.10 3.79 -18.81
CA PRO A 377 8.23 4.97 -18.93
C PRO A 377 6.80 4.65 -19.37
N TYR A 378 6.63 3.69 -20.27
CA TYR A 378 5.28 3.33 -20.70
C TYR A 378 4.47 2.78 -19.52
N ASN A 379 5.07 1.89 -18.76
CA ASN A 379 4.40 1.31 -17.64
C ASN A 379 4.17 2.31 -16.52
N GLU A 380 5.10 3.24 -16.36
CA GLU A 380 4.95 4.30 -15.37
C GLU A 380 3.72 5.15 -15.70
N LEU A 381 3.39 5.25 -16.97
CA LEU A 381 2.30 6.14 -17.36
C LEU A 381 1.04 5.38 -17.66
N GLY A 382 1.00 4.12 -17.22
CA GLY A 382 -0.23 3.34 -17.29
C GLY A 382 -0.53 2.67 -18.62
N ILE A 383 0.49 2.54 -19.46
CA ILE A 383 0.37 1.91 -20.75
C ILE A 383 1.14 0.60 -20.65
N PRO A 384 0.44 -0.54 -20.54
CA PRO A 384 1.14 -1.82 -20.37
C PRO A 384 2.05 -2.06 -21.54
N SER A 385 3.26 -2.48 -21.23
CA SER A 385 4.29 -2.50 -22.23
C SER A 385 5.25 -3.66 -21.99
N LEU A 386 5.57 -4.32 -23.09
CA LEU A 386 6.57 -5.37 -23.08
C LEU A 386 7.57 -5.07 -24.21
N THR A 387 8.70 -5.75 -24.15
CA THR A 387 9.75 -5.60 -25.11
C THR A 387 9.97 -6.94 -25.84
N TYR A 388 10.08 -6.87 -27.18
CA TYR A 388 10.24 -8.03 -28.05
C TYR A 388 10.78 -7.66 -29.44
N GLY A 389 11.78 -8.40 -29.91
CA GLY A 389 12.22 -8.27 -31.30
C GLY A 389 13.22 -9.35 -31.67
N CYS A 390 13.63 -9.36 -32.93
CA CYS A 390 14.60 -10.36 -33.39
C CYS A 390 16.02 -10.05 -32.99
N GLY A 391 16.87 -11.07 -33.06
CA GLY A 391 18.32 -10.85 -33.01
C GLY A 391 18.91 -10.94 -31.63
N GLY A 392 20.22 -10.83 -31.54
CA GLY A 392 20.87 -10.91 -30.25
C GLY A 392 21.19 -12.35 -29.92
N ASN A 398 24.48 -10.64 -32.21
CA ASN A 398 25.28 -9.58 -31.56
C ASN A 398 26.18 -8.79 -32.53
N THR A 399 26.42 -9.36 -33.72
CA THR A 399 27.24 -8.76 -34.78
C THR A 399 26.34 -8.43 -35.97
N TYR A 400 25.34 -9.29 -36.19
CA TYR A 400 24.46 -9.16 -37.34
C TYR A 400 23.02 -9.67 -37.08
N PHE A 401 22.13 -9.33 -38.00
CA PHE A 401 20.75 -9.82 -38.00
C PHE A 401 20.54 -10.72 -39.22
N LEU A 402 19.79 -11.80 -39.10
CA LEU A 402 19.32 -12.50 -40.30
C LEU A 402 18.14 -11.74 -40.85
N VAL A 403 18.19 -11.42 -42.14
CA VAL A 403 17.06 -10.75 -42.75
C VAL A 403 15.79 -11.58 -42.56
N ASP A 404 15.94 -12.90 -42.55
CA ASP A 404 14.79 -13.77 -42.33
C ASP A 404 14.20 -13.52 -40.96
N ASP A 405 15.04 -13.45 -39.94
CA ASP A 405 14.60 -13.12 -38.59
C ASP A 405 13.89 -11.76 -38.54
N MSE A 406 14.38 -10.78 -39.30
CA MSE A 406 13.74 -9.49 -39.37
C MSE A 406 12.39 -9.50 -40.08
O MSE A 406 11.45 -8.76 -39.72
CB MSE A 406 14.64 -8.51 -40.09
CG MSE A 406 15.98 -8.30 -39.46
SE MSE A 406 17.01 -6.92 -40.47
CE MSE A 406 15.84 -5.37 -40.17
N LEU A 407 12.28 -10.30 -41.13
CA LEU A 407 11.01 -10.37 -41.82
C LEU A 407 10.00 -11.04 -40.88
N LYS A 408 10.49 -12.04 -40.13
CA LYS A 408 9.67 -12.68 -39.12
C LYS A 408 9.18 -11.70 -38.07
N ALA A 409 10.07 -10.89 -37.53
CA ALA A 409 9.64 -9.93 -36.51
C ALA A 409 8.61 -8.99 -37.08
N ALA A 410 8.81 -8.56 -38.32
CA ALA A 410 7.91 -7.60 -38.91
C ALA A 410 6.57 -8.23 -39.12
N LYS A 411 6.56 -9.54 -39.40
CA LYS A 411 5.30 -10.27 -39.58
C LYS A 411 4.55 -10.36 -38.24
N VAL A 412 5.29 -10.73 -37.17
CA VAL A 412 4.74 -10.76 -35.84
C VAL A 412 4.13 -9.41 -35.44
N TYR A 413 4.88 -8.32 -35.65
CA TYR A 413 4.37 -7.00 -35.27
C TYR A 413 3.10 -6.72 -36.04
N ALA A 414 3.09 -7.01 -37.33
CA ALA A 414 1.92 -6.68 -38.16
C ALA A 414 0.69 -7.45 -37.68
N MSE A 415 0.87 -8.72 -37.34
CA MSE A 415 -0.25 -9.52 -36.82
C MSE A 415 -0.71 -9.07 -35.45
O MSE A 415 -1.93 -8.97 -35.19
CB MSE A 415 0.15 -10.98 -36.73
CG MSE A 415 0.12 -11.70 -38.09
SE MSE A 415 0.30 -13.65 -37.88
CE MSE A 415 -1.46 -14.03 -37.06
N THR A 416 0.23 -8.86 -34.56
CA THR A 416 -0.08 -8.39 -33.22
C THR A 416 -1.00 -7.18 -33.32
N ALA A 417 -0.68 -6.25 -34.21
CA ALA A 417 -1.53 -5.07 -34.38
C ALA A 417 -2.91 -5.40 -34.94
N MSE A 418 -2.99 -6.34 -35.87
CA MSE A 418 -4.27 -6.65 -36.51
C MSE A 418 -5.21 -7.32 -35.51
O MSE A 418 -6.42 -7.11 -35.56
CB MSE A 418 -4.05 -7.56 -37.72
CG MSE A 418 -3.62 -6.76 -38.93
SE MSE A 418 -3.38 -7.84 -40.56
CE MSE A 418 -1.79 -8.90 -40.14
N ASP A 419 -4.64 -8.11 -34.61
CA ASP A 419 -5.37 -8.69 -33.51
C ASP A 419 -5.81 -7.61 -32.52
N LEU A 420 -4.82 -7.06 -31.82
CA LEU A 420 -5.03 -6.18 -30.69
C LEU A 420 -5.78 -4.90 -31.05
N CYS A 421 -5.56 -4.36 -32.25
CA CYS A 421 -6.18 -3.09 -32.61
C CYS A 421 -7.60 -3.25 -33.06
N ASN A 422 -8.07 -4.50 -33.14
CA ASN A 422 -9.47 -4.73 -33.46
C ASN A 422 -10.28 -5.23 -32.24
N ARG A 423 -9.60 -5.47 -31.11
CA ARG A 423 -10.30 -5.78 -29.87
C ARG A 423 -10.82 -4.47 -29.38
N THR A 424 -11.97 -4.49 -28.70
CA THR A 424 -12.51 -3.27 -28.11
C THR A 424 -11.87 -3.08 -26.71
N PRO A 425 -11.66 -1.81 -26.26
CA PRO A 425 -11.02 -1.58 -24.95
C PRO A 425 -11.98 -1.38 -23.77
N ASN B 5 12.11 -33.08 -15.07
CA ASN B 5 11.92 -32.06 -14.05
C ASN B 5 11.18 -32.66 -12.82
N ASP B 6 11.42 -32.14 -11.61
CA ASP B 6 10.55 -32.39 -10.45
C ASP B 6 9.05 -32.21 -10.70
N VAL B 7 8.69 -31.22 -11.51
CA VAL B 7 7.32 -31.06 -11.90
C VAL B 7 6.74 -32.32 -12.52
N ALA B 8 7.35 -32.81 -13.59
CA ALA B 8 6.80 -33.98 -14.28
C ALA B 8 6.71 -35.19 -13.35
N LYS B 9 7.66 -35.32 -12.43
CA LYS B 9 7.65 -36.44 -11.50
C LYS B 9 6.40 -36.34 -10.65
N VAL B 10 6.20 -35.16 -10.07
CA VAL B 10 5.05 -34.86 -9.22
C VAL B 10 3.72 -34.95 -10.00
N MSE B 11 3.69 -34.50 -11.24
CA MSE B 11 2.48 -34.68 -12.05
C MSE B 11 2.13 -36.15 -12.14
O MSE B 11 0.97 -36.50 -12.06
CB MSE B 11 2.63 -34.15 -13.47
CG MSE B 11 2.87 -32.66 -13.58
SE MSE B 11 1.56 -31.53 -12.70
CE MSE B 11 2.42 -31.40 -10.94
N LYS B 12 3.13 -36.99 -12.34
CA LYS B 12 2.86 -38.41 -12.49
C LYS B 12 2.42 -39.05 -11.20
N THR B 13 3.05 -38.65 -10.10
CA THR B 13 2.61 -39.09 -8.79
C THR B 13 1.12 -38.78 -8.60
N LEU B 14 0.70 -37.60 -9.01
CA LEU B 14 -0.67 -37.19 -8.79
C LEU B 14 -1.65 -37.98 -9.63
N ASP B 15 -1.29 -38.22 -10.89
CA ASP B 15 -2.06 -39.07 -11.78
C ASP B 15 -2.22 -40.47 -11.18
N GLY B 16 -1.17 -40.93 -10.48
CA GLY B 16 -1.18 -42.23 -9.83
C GLY B 16 -1.84 -42.29 -8.46
N MSE B 17 -2.52 -41.20 -8.10
CA MSE B 17 -3.27 -41.10 -6.85
C MSE B 17 -4.72 -40.69 -7.07
O MSE B 17 -5.39 -40.30 -6.13
CB MSE B 17 -2.66 -40.06 -5.93
CG MSE B 17 -1.44 -40.49 -5.24
SE MSE B 17 -0.72 -38.94 -4.25
CE MSE B 17 0.76 -39.91 -3.31
N ARG B 18 -5.21 -40.75 -8.30
CA ARG B 18 -6.62 -40.48 -8.54
C ARG B 18 -7.49 -41.19 -7.50
N GLU B 19 -7.21 -42.45 -7.19
CA GLU B 19 -8.05 -43.20 -6.25
C GLU B 19 -7.98 -42.68 -4.81
N GLY B 20 -6.80 -42.34 -4.32
CA GLY B 20 -6.69 -41.76 -2.98
C GLY B 20 -7.46 -40.44 -2.91
N LEU B 21 -7.40 -39.67 -3.99
CA LEU B 21 -8.14 -38.43 -4.11
C LEU B 21 -9.64 -38.65 -3.96
N ILE B 22 -10.19 -39.61 -4.70
CA ILE B 22 -11.63 -39.84 -4.66
C ILE B 22 -12.05 -40.36 -3.30
N GLN B 23 -11.26 -41.27 -2.77
CA GLN B 23 -11.63 -41.89 -1.54
C GLN B 23 -11.61 -40.79 -0.45
N THR B 24 -10.51 -40.04 -0.37
CA THR B 24 -10.42 -38.97 0.61
C THR B 24 -11.61 -38.03 0.53
N ALA B 25 -11.94 -37.56 -0.67
CA ALA B 25 -13.08 -36.67 -0.81
C ALA B 25 -14.38 -37.31 -0.33
N VAL B 26 -14.61 -38.58 -0.69
CA VAL B 26 -15.89 -39.22 -0.38
C VAL B 26 -15.99 -39.50 1.12
N GLU B 27 -14.93 -40.05 1.71
CA GLU B 27 -14.90 -40.27 3.14
C GLU B 27 -15.11 -38.97 3.88
N LEU B 28 -14.43 -37.88 3.48
CA LEU B 28 -14.59 -36.61 4.17
C LEU B 28 -15.96 -36.04 3.99
N GLY B 29 -16.46 -36.12 2.76
CA GLY B 29 -17.74 -35.54 2.45
C GLY B 29 -18.90 -36.27 3.08
N SER B 30 -18.60 -37.45 3.62
CA SER B 30 -19.62 -38.36 4.16
C SER B 30 -19.83 -38.10 5.62
N ILE B 31 -18.84 -37.45 6.23
CA ILE B 31 -18.91 -37.08 7.64
C ILE B 31 -19.88 -35.93 7.85
N GLU B 32 -20.73 -36.08 8.84
CA GLU B 32 -21.69 -35.08 9.24
C GLU B 32 -20.93 -34.02 10.05
N ALA B 33 -20.96 -32.78 9.57
CA ALA B 33 -20.14 -31.73 10.15
C ALA B 33 -20.67 -30.31 9.94
N PRO B 34 -21.92 -30.02 10.35
CA PRO B 34 -22.37 -28.63 10.26
C PRO B 34 -21.66 -27.75 11.31
N THR B 35 -21.68 -26.44 11.11
CA THR B 35 -21.01 -25.53 12.01
C THR B 35 -21.58 -25.81 13.42
N GLY B 36 -20.69 -26.01 14.40
CA GLY B 36 -21.08 -26.40 15.73
C GLY B 36 -20.66 -27.83 16.07
N ARG B 37 -20.44 -28.65 15.06
CA ARG B 37 -20.24 -30.09 15.21
C ARG B 37 -19.19 -30.63 14.24
N GLU B 38 -18.06 -29.92 14.13
CA GLU B 38 -17.01 -30.23 13.15
C GLU B 38 -15.96 -31.20 13.70
N GLY B 39 -16.07 -31.61 14.95
CA GLY B 39 -15.09 -32.51 15.52
C GLY B 39 -14.78 -33.77 14.72
N ALA B 40 -15.80 -34.46 14.22
CA ALA B 40 -15.52 -35.74 13.58
C ALA B 40 -14.75 -35.53 12.30
N ALA B 41 -15.09 -34.48 11.56
CA ALA B 41 -14.31 -34.15 10.37
C ALA B 41 -12.87 -33.76 10.77
N GLY B 42 -12.73 -32.94 11.79
CA GLY B 42 -11.41 -32.59 12.24
C GLY B 42 -10.60 -33.82 12.60
N ASP B 43 -11.22 -34.80 13.25
CA ASP B 43 -10.53 -36.00 13.68
C ASP B 43 -10.10 -36.81 12.46
N TYR B 44 -10.96 -36.87 11.46
CA TYR B 44 -10.61 -37.58 10.24
C TYR B 44 -9.32 -37.03 9.66
N VAL B 45 -9.25 -35.70 9.56
CA VAL B 45 -8.16 -34.99 8.92
C VAL B 45 -6.90 -35.07 9.79
N TYR B 46 -7.04 -35.00 11.10
CA TYR B 46 -5.90 -35.21 11.96
C TYR B 46 -5.31 -36.58 11.71
N GLU B 47 -6.14 -37.60 11.64
CA GLU B 47 -5.62 -38.96 11.50
C GLU B 47 -5.00 -39.11 10.11
N TRP B 48 -5.60 -38.46 9.13
CA TRP B 48 -5.08 -38.48 7.76
C TRP B 48 -3.70 -37.89 7.65
N MSE B 49 -3.55 -36.70 8.23
CA MSE B 49 -2.30 -36.02 8.16
C MSE B 49 -1.28 -36.83 8.95
O MSE B 49 -0.14 -36.91 8.55
CB MSE B 49 -2.41 -34.59 8.70
CG MSE B 49 -3.09 -33.64 7.77
SE MSE B 49 -3.10 -31.72 8.34
CE MSE B 49 -2.02 -31.95 9.83
N ALA B 50 -1.71 -37.41 10.06
CA ALA B 50 -0.78 -38.19 10.89
C ALA B 50 -0.22 -39.38 10.13
N ARG B 51 -1.11 -40.11 9.48
CA ARG B 51 -0.71 -41.32 8.79
C ARG B 51 0.26 -40.98 7.65
N ASN B 52 0.05 -39.83 7.01
CA ASN B 52 0.89 -39.33 5.92
C ASN B 52 2.10 -38.49 6.38
N GLY B 53 2.40 -38.47 7.68
CA GLY B 53 3.66 -37.91 8.18
C GLY B 53 3.76 -36.40 8.27
N PHE B 54 2.62 -35.71 8.24
CA PHE B 54 2.57 -34.25 8.23
C PHE B 54 2.48 -33.64 9.65
N GLY B 55 2.62 -34.46 10.68
CA GLY B 55 2.72 -33.99 12.06
C GLY B 55 1.64 -33.06 12.56
N PRO B 56 0.37 -33.47 12.45
CA PRO B 56 -0.79 -32.67 12.82
C PRO B 56 -0.82 -32.26 14.27
N GLU B 57 -1.45 -31.11 14.52
CA GLU B 57 -1.84 -30.69 15.84
C GLU B 57 -3.24 -30.14 15.82
N ARG B 58 -3.99 -30.48 16.86
CA ARG B 58 -5.32 -29.94 17.07
C ARG B 58 -5.10 -28.61 17.74
N VAL B 59 -5.64 -27.57 17.11
CA VAL B 59 -5.45 -26.20 17.54
C VAL B 59 -6.82 -25.56 17.60
N GLY B 60 -7.43 -25.56 18.79
CA GLY B 60 -8.83 -25.20 18.94
C GLY B 60 -9.11 -24.65 20.30
N VAL B 61 -10.24 -23.98 20.49
CA VAL B 61 -10.55 -23.46 21.80
C VAL B 61 -11.46 -24.43 22.54
N PHE B 62 -12.08 -25.32 21.78
CA PHE B 62 -12.89 -26.38 22.32
C PHE B 62 -12.32 -27.73 21.88
N ASP B 63 -12.41 -28.75 22.74
CA ASP B 63 -11.84 -30.06 22.40
C ASP B 63 -12.63 -30.82 21.31
N ASP B 64 -13.84 -30.39 20.98
CA ASP B 64 -14.57 -31.00 19.85
C ASP B 64 -14.89 -30.05 18.69
N ARG B 65 -14.33 -28.84 18.73
CA ARG B 65 -14.38 -27.89 17.62
C ARG B 65 -13.00 -27.30 17.48
N PHE B 66 -12.19 -27.86 16.58
CA PHE B 66 -10.78 -27.50 16.55
C PHE B 66 -10.31 -27.40 15.10
N ASN B 67 -9.25 -26.62 14.90
CA ASN B 67 -8.54 -26.58 13.64
C ASN B 67 -7.44 -27.60 13.65
N VAL B 68 -7.00 -27.98 12.45
CA VAL B 68 -5.95 -28.97 12.33
C VAL B 68 -4.86 -28.42 11.47
N VAL B 69 -3.66 -28.37 12.05
CA VAL B 69 -2.50 -27.75 11.42
C VAL B 69 -1.34 -28.74 11.35
N GLY B 70 -0.85 -28.96 10.14
CA GLY B 70 0.36 -29.74 9.91
C GLY B 70 1.32 -29.03 8.98
N ARG B 71 2.47 -29.63 8.71
CA ARG B 71 3.50 -29.02 7.89
C ARG B 71 4.18 -30.07 7.06
N LEU B 72 4.61 -29.65 5.87
CA LEU B 72 5.64 -30.31 5.10
C LEU B 72 6.91 -29.48 5.12
N ARG B 73 7.85 -29.83 5.98
CA ARG B 73 8.99 -28.95 6.19
C ARG B 73 9.99 -28.99 5.04
N GLY B 74 10.55 -27.83 4.74
CA GLY B 74 11.50 -27.69 3.65
C GLY B 74 12.94 -27.80 4.12
N THR B 75 13.86 -27.56 3.19
CA THR B 75 15.28 -27.75 3.47
C THR B 75 15.84 -26.50 4.18
N GLY B 76 15.08 -25.40 4.09
CA GLY B 76 15.43 -24.15 4.77
C GLY B 76 15.60 -23.02 3.78
N GLY B 77 15.25 -21.80 4.19
CA GLY B 77 15.53 -20.66 3.33
C GLY B 77 14.52 -20.26 2.26
N GLY B 78 13.35 -20.90 2.23
CA GLY B 78 12.34 -20.57 1.23
C GLY B 78 11.18 -19.79 1.84
N ALA B 79 10.34 -19.21 0.99
CA ALA B 79 9.06 -18.65 1.41
C ALA B 79 8.12 -19.82 1.78
N SER B 80 7.25 -19.62 2.76
CA SER B 80 6.32 -20.65 3.19
C SER B 80 4.92 -20.37 2.70
N LEU B 81 4.23 -21.41 2.27
CA LEU B 81 2.89 -21.28 1.75
C LEU B 81 1.92 -22.07 2.56
N SER B 82 0.76 -21.48 2.89
CA SER B 82 -0.36 -22.17 3.55
C SER B 82 -1.41 -22.58 2.57
N PHE B 83 -1.90 -23.79 2.72
CA PHE B 83 -3.16 -24.16 2.10
C PHE B 83 -4.22 -24.25 3.20
N ASN B 84 -5.40 -23.75 2.87
CA ASN B 84 -6.47 -23.61 3.84
C ASN B 84 -7.82 -23.98 3.25
N SER B 85 -8.55 -24.80 3.99
CA SER B 85 -9.96 -25.04 3.70
C SER B 85 -10.68 -25.27 5.03
N HIS B 86 -12.00 -25.20 5.01
CA HIS B 86 -12.74 -25.32 6.25
C HIS B 86 -13.52 -26.61 6.40
N LEU B 87 -13.56 -27.10 7.63
CA LEU B 87 -14.18 -28.36 7.96
C LEU B 87 -15.71 -28.33 8.10
N ASP B 88 -16.29 -27.16 8.36
CA ASP B 88 -17.75 -27.10 8.59
C ASP B 88 -18.51 -27.01 7.28
N THR B 89 -19.80 -27.36 7.34
CA THR B 89 -20.74 -27.27 6.22
C THR B 89 -22.06 -26.64 6.67
N ILE B 90 -22.98 -26.49 5.73
CA ILE B 90 -24.36 -26.09 5.99
C ILE B 90 -25.19 -27.30 6.44
N MSE B 91 -26.25 -27.10 7.20
CA MSE B 91 -27.08 -28.24 7.64
C MSE B 91 -27.87 -28.87 6.49
O MSE B 91 -28.86 -28.32 5.98
CB MSE B 91 -28.06 -27.77 8.72
CG MSE B 91 -27.38 -27.34 10.01
SE MSE B 91 -26.33 -28.70 10.85
CE MSE B 91 -27.78 -29.89 11.38
N HIS B 108 -26.67 -35.42 2.28
CA HIS B 108 -26.23 -35.95 3.57
C HIS B 108 -24.97 -36.77 3.35
N GLU B 109 -24.98 -37.58 2.28
CA GLU B 109 -23.84 -38.39 1.88
C GLU B 109 -23.09 -37.84 0.65
N ALA B 110 -21.85 -38.32 0.47
CA ALA B 110 -20.99 -38.02 -0.67
C ALA B 110 -20.60 -39.32 -1.35
N TRP B 111 -20.60 -39.36 -2.68
CA TRP B 111 -20.28 -40.59 -3.40
C TRP B 111 -19.67 -40.37 -4.80
N HIS B 112 -18.91 -41.36 -5.26
CA HIS B 112 -18.29 -41.39 -6.59
C HIS B 112 -19.20 -42.04 -7.63
N GLU B 113 -19.33 -41.42 -8.78
CA GLU B 113 -20.06 -42.00 -9.89
C GLU B 113 -19.56 -41.43 -11.25
N GLU B 114 -19.26 -42.30 -12.22
CA GLU B 114 -18.82 -41.90 -13.57
C GLU B 114 -17.84 -40.72 -13.64
N GLY B 115 -16.79 -40.75 -12.81
CA GLY B 115 -15.83 -39.64 -12.74
C GLY B 115 -16.31 -38.32 -12.11
N ARG B 116 -17.41 -38.39 -11.38
CA ARG B 116 -17.95 -37.26 -10.60
C ARG B 116 -17.99 -37.61 -9.12
N ILE B 117 -17.90 -36.59 -8.29
CA ILE B 117 -18.17 -36.76 -6.89
C ILE B 117 -19.34 -35.88 -6.54
N TYR B 118 -20.37 -36.52 -5.97
CA TYR B 118 -21.61 -35.87 -5.62
C TYR B 118 -21.58 -35.59 -4.13
N GLY B 119 -22.22 -34.49 -3.73
CA GLY B 119 -22.38 -34.13 -2.32
C GLY B 119 -22.16 -32.64 -2.12
N TYR B 120 -23.12 -31.95 -1.52
CA TYR B 120 -22.88 -30.54 -1.32
C TYR B 120 -21.75 -30.36 -0.27
N SER B 121 -21.49 -31.36 0.54
CA SER B 121 -20.38 -31.29 1.49
C SER B 121 -19.04 -31.33 0.76
N VAL B 122 -19.06 -31.76 -0.49
CA VAL B 122 -17.85 -31.87 -1.28
C VAL B 122 -17.56 -30.51 -1.93
N VAL B 123 -18.60 -29.83 -2.40
CA VAL B 123 -18.48 -28.53 -3.02
C VAL B 123 -18.05 -27.47 -2.01
N ASN B 124 -18.63 -27.58 -0.83
CA ASN B 124 -18.42 -26.66 0.25
C ASN B 124 -18.26 -27.42 1.55
N CYS B 125 -17.04 -27.87 1.89
CA CYS B 125 -15.79 -27.52 1.21
C CYS B 125 -14.75 -28.64 1.29
N LYS B 126 -15.19 -29.89 1.28
CA LYS B 126 -14.26 -31.00 1.47
C LYS B 126 -13.53 -31.36 0.18
N GLY B 127 -14.16 -31.05 -0.93
CA GLY B 127 -13.56 -31.28 -2.24
C GLY B 127 -12.26 -30.51 -2.41
N PRO B 128 -12.33 -29.18 -2.33
CA PRO B 128 -11.09 -28.41 -2.43
C PRO B 128 -10.09 -28.86 -1.39
N MSE B 129 -10.55 -29.29 -0.24
CA MSE B 129 -9.63 -29.76 0.80
C MSE B 129 -8.88 -31.04 0.41
O MSE B 129 -7.72 -31.20 0.78
CB MSE B 129 -10.37 -30.02 2.10
CG MSE B 129 -9.42 -30.23 3.27
SE MSE B 129 -10.33 -30.58 4.97
CE MSE B 129 -11.02 -28.79 5.38
N ALA B 130 -9.56 -31.95 -0.26
CA ALA B 130 -8.87 -33.15 -0.69
C ALA B 130 -7.79 -32.80 -1.68
N CYS B 131 -8.09 -31.89 -2.59
CA CYS B 131 -7.12 -31.50 -3.59
C CYS B 131 -5.79 -31.11 -2.99
N TRP B 132 -5.81 -30.25 -1.98
CA TRP B 132 -4.52 -29.82 -1.47
C TRP B 132 -3.98 -30.79 -0.46
N LEU B 133 -4.82 -31.61 0.16
CA LEU B 133 -4.25 -32.70 0.96
C LEU B 133 -3.48 -33.66 0.06
N ILE B 134 -4.05 -33.94 -1.11
CA ILE B 134 -3.44 -34.89 -2.03
C ILE B 134 -2.21 -34.25 -2.64
N ALA B 135 -2.26 -32.94 -2.90
CA ALA B 135 -1.08 -32.24 -3.43
C ALA B 135 0.07 -32.27 -2.45
N ALA B 136 -0.21 -32.13 -1.16
CA ALA B 136 0.85 -32.25 -0.18
C ALA B 136 1.39 -33.68 -0.16
N LYS B 137 0.53 -34.67 -0.33
CA LYS B 137 0.95 -36.07 -0.34
C LYS B 137 1.87 -36.34 -1.51
N ALA B 138 1.47 -35.87 -2.69
CA ALA B 138 2.27 -36.01 -3.91
C ALA B 138 3.63 -35.35 -3.77
N LEU B 139 3.65 -34.12 -3.27
CA LEU B 139 4.93 -33.44 -3.10
C LEU B 139 5.85 -34.23 -2.19
N LYS B 140 5.32 -34.73 -1.09
CA LYS B 140 6.15 -35.39 -0.08
C LYS B 140 6.74 -36.69 -0.64
N GLU B 141 5.91 -37.44 -1.35
CA GLU B 141 6.30 -38.76 -1.82
C GLU B 141 7.18 -38.69 -3.06
N ALA B 142 6.96 -37.69 -3.91
CA ALA B 142 7.83 -37.46 -5.07
C ALA B 142 9.20 -36.94 -4.67
N GLY B 143 9.41 -36.76 -3.35
CA GLY B 143 10.66 -36.24 -2.83
C GLY B 143 11.01 -34.83 -3.33
N ALA B 144 9.98 -34.07 -3.75
CA ALA B 144 10.12 -32.73 -4.31
C ALA B 144 10.97 -31.80 -3.47
N ALA B 145 11.76 -31.01 -4.17
CA ALA B 145 12.72 -30.14 -3.50
C ALA B 145 12.05 -28.81 -3.21
N LEU B 146 11.80 -28.57 -1.93
CA LEU B 146 11.13 -27.35 -1.46
C LEU B 146 11.98 -26.72 -0.38
N LYS B 147 12.38 -25.46 -0.58
CA LYS B 147 13.24 -24.80 0.39
C LYS B 147 12.37 -24.32 1.56
N GLY B 148 11.16 -23.87 1.25
CA GLY B 148 10.23 -23.39 2.24
C GLY B 148 9.25 -24.44 2.70
N ASP B 149 8.63 -24.16 3.84
CA ASP B 149 7.58 -25.01 4.38
C ASP B 149 6.24 -24.89 3.67
N VAL B 150 5.51 -26.00 3.54
CA VAL B 150 4.10 -25.95 3.20
C VAL B 150 3.30 -26.14 4.49
N VAL B 151 2.38 -25.23 4.78
CA VAL B 151 1.61 -25.33 6.01
C VAL B 151 0.19 -25.74 5.70
N LEU B 152 -0.25 -26.82 6.33
CA LEU B 152 -1.53 -27.47 6.05
C LEU B 152 -2.55 -27.14 7.12
N THR B 153 -3.57 -26.38 6.73
CA THR B 153 -4.47 -25.79 7.70
C THR B 153 -5.94 -26.04 7.40
N ALA B 154 -6.54 -26.93 8.17
CA ALA B 154 -7.95 -27.20 8.05
C ALA B 154 -8.63 -26.62 9.25
N VAL B 155 -9.59 -25.74 8.99
CA VAL B 155 -10.19 -24.92 10.04
C VAL B 155 -11.66 -25.18 10.23
N CYS B 156 -12.12 -24.93 11.44
CA CYS B 156 -13.52 -25.01 11.77
C CYS B 156 -14.14 -23.64 11.72
N GLY B 157 -15.45 -23.58 11.73
CA GLY B 157 -16.15 -22.33 11.92
C GLY B 157 -15.92 -21.25 10.88
N GLU B 158 -15.93 -21.59 9.60
CA GLU B 158 -15.75 -20.58 8.59
C GLU B 158 -17.08 -19.88 8.26
N ILE B 159 -18.18 -20.62 8.37
CA ILE B 159 -19.50 -20.12 7.98
C ILE B 159 -20.09 -19.12 8.99
N ASP B 160 -20.90 -18.18 8.50
CA ASP B 160 -21.16 -16.88 9.16
C ASP B 160 -22.16 -16.89 10.31
N CYS B 161 -22.39 -18.06 10.89
CA CYS B 161 -23.03 -18.14 12.18
C CYS B 161 -22.32 -17.31 13.21
N GLU B 162 -23.09 -16.65 14.04
CA GLU B 162 -22.56 -15.90 15.15
C GLU B 162 -23.54 -15.92 16.29
N PRO B 163 -23.04 -15.93 17.53
CA PRO B 163 -23.86 -15.72 18.73
C PRO B 163 -24.57 -14.39 18.80
N VAL B 164 -25.69 -14.36 19.51
CA VAL B 164 -26.42 -13.12 19.73
C VAL B 164 -27.46 -13.41 20.79
N ASP B 165 -27.76 -12.42 21.63
CA ASP B 165 -28.80 -12.57 22.64
C ASP B 165 -28.58 -13.82 23.50
N GLU B 166 -29.60 -14.67 23.65
CA GLU B 166 -29.47 -15.79 24.56
C GLU B 166 -28.62 -16.91 23.97
N PHE B 167 -28.21 -16.76 22.73
CA PHE B 167 -27.49 -17.81 22.03
C PHE B 167 -26.01 -17.53 22.12
N GLN B 168 -25.34 -18.15 23.08
CA GLN B 168 -23.95 -17.82 23.39
C GLN B 168 -23.09 -19.04 23.47
N GLY B 169 -21.78 -18.84 23.37
CA GLY B 169 -20.80 -19.86 23.58
C GLY B 169 -20.67 -20.94 22.54
N HIS B 170 -20.08 -22.04 22.98
CA HIS B 170 -19.76 -23.21 22.18
C HIS B 170 -20.61 -23.54 20.97
N ASP B 171 -21.92 -23.59 21.13
CA ASP B 171 -22.80 -24.12 20.06
C ASP B 171 -22.98 -23.11 18.93
N TYR B 172 -22.70 -21.85 19.22
CA TYR B 172 -23.03 -20.79 18.29
C TYR B 172 -21.81 -20.01 17.73
N LEU B 173 -20.61 -20.27 18.26
CA LEU B 173 -19.39 -19.65 17.78
C LEU B 173 -19.02 -20.19 16.42
N ALA B 174 -18.24 -19.42 15.67
CA ALA B 174 -17.68 -19.88 14.40
C ALA B 174 -16.35 -19.18 14.04
N GLU B 175 -16.40 -18.01 13.44
CA GLU B 175 -15.16 -17.45 12.87
C GLU B 175 -14.12 -17.06 13.92
N ASP B 176 -14.56 -16.68 15.11
CA ASP B 176 -13.62 -16.32 16.14
C ASP B 176 -12.79 -17.50 16.59
N ILE B 177 -13.31 -18.71 16.41
CA ILE B 177 -12.54 -19.89 16.80
C ILE B 177 -11.92 -20.63 15.62
N GLY B 178 -12.06 -20.11 14.41
CA GLY B 178 -11.52 -20.79 13.25
C GLY B 178 -10.16 -20.34 12.80
N ALA B 179 -10.06 -20.02 11.51
CA ALA B 179 -8.80 -19.61 10.91
C ALA B 179 -8.06 -18.55 11.69
N ARG B 180 -8.74 -17.48 12.10
CA ARG B 180 -7.98 -16.51 12.85
C ARG B 180 -7.32 -17.11 14.07
N TYR B 181 -8.05 -17.99 14.76
CA TYR B 181 -7.52 -18.59 15.95
C TYR B 181 -6.32 -19.45 15.56
N ALA B 182 -6.41 -20.16 14.45
CA ALA B 182 -5.31 -21.04 14.07
C ALA B 182 -4.06 -20.27 13.70
N ILE B 183 -4.22 -19.26 12.85
CA ILE B 183 -3.10 -18.44 12.44
C ILE B 183 -2.44 -17.84 13.69
N SER B 184 -3.25 -17.31 14.59
CA SER B 184 -2.74 -16.65 15.77
C SER B 184 -2.01 -17.61 16.66
N HIS B 185 -2.28 -18.90 16.51
CA HIS B 185 -1.67 -19.88 17.41
C HIS B 185 -0.67 -20.74 16.69
N GLY B 186 -0.10 -20.17 15.63
CA GLY B 186 1.15 -20.64 15.08
C GLY B 186 1.12 -20.98 13.59
N ALA B 187 -0.06 -21.00 12.97
CA ALA B 187 -0.19 -21.45 11.58
C ALA B 187 0.07 -20.32 10.63
N ILE B 188 1.25 -19.74 10.74
CA ILE B 188 1.63 -18.61 9.95
C ILE B 188 2.55 -19.01 8.78
N SER B 189 2.48 -18.22 7.72
CA SER B 189 3.32 -18.43 6.57
C SER B 189 3.54 -17.08 5.87
N ASP B 190 4.35 -17.09 4.82
CA ASP B 190 4.53 -15.89 4.01
C ASP B 190 3.33 -15.62 3.09
N TYR B 191 2.73 -16.67 2.55
CA TYR B 191 1.60 -16.53 1.65
C TYR B 191 0.58 -17.61 2.01
N ALA B 192 -0.65 -17.40 1.59
CA ALA B 192 -1.69 -18.36 1.89
C ALA B 192 -2.71 -18.47 0.77
N LEU B 193 -2.92 -19.70 0.33
CA LEU B 193 -3.96 -19.99 -0.65
C LEU B 193 -5.13 -20.63 0.05
N VAL B 194 -6.28 -20.01 -0.07
CA VAL B 194 -7.48 -20.54 0.50
C VAL B 194 -8.21 -21.30 -0.58
N ALA B 195 -8.35 -22.61 -0.43
CA ALA B 195 -9.01 -23.43 -1.46
C ALA B 195 -10.52 -23.45 -1.24
N GLU B 196 -11.26 -22.95 -2.20
CA GLU B 196 -12.71 -22.95 -2.14
C GLU B 196 -13.20 -23.20 -3.58
N ALA B 197 -14.49 -23.42 -3.81
CA ALA B 197 -14.96 -23.69 -5.18
C ALA B 197 -15.11 -22.40 -5.95
N THR B 198 -14.09 -22.06 -6.72
CA THR B 198 -14.07 -20.80 -7.44
C THR B 198 -14.00 -21.00 -8.94
N ASN B 199 -13.99 -22.26 -9.38
CA ASN B 199 -14.00 -22.62 -10.79
C ASN B 199 -12.78 -22.01 -11.46
N PHE B 200 -11.65 -22.23 -10.82
CA PHE B 200 -10.35 -21.80 -11.27
C PHE B 200 -10.24 -20.29 -11.49
N LYS B 201 -11.05 -19.51 -10.78
CA LYS B 201 -10.94 -18.04 -10.81
C LYS B 201 -10.42 -17.48 -9.49
N PRO B 202 -9.28 -16.79 -9.51
CA PRO B 202 -8.76 -16.28 -8.24
C PRO B 202 -9.32 -14.93 -7.82
N ALA B 203 -9.58 -14.77 -6.53
CA ALA B 203 -10.01 -13.52 -5.89
C ALA B 203 -9.06 -13.15 -4.76
N TRP B 204 -8.84 -11.86 -4.49
CA TRP B 204 -8.05 -11.52 -3.31
C TRP B 204 -8.52 -10.22 -2.69
N VAL B 205 -9.82 -9.97 -2.81
CA VAL B 205 -10.51 -9.03 -1.98
C VAL B 205 -11.74 -9.72 -1.47
N GLU B 206 -12.11 -9.47 -0.23
CA GLU B 206 -13.39 -9.93 0.28
C GLU B 206 -14.04 -8.82 1.07
N ALA B 207 -15.35 -8.92 1.25
CA ALA B 207 -16.09 -7.97 2.07
C ALA B 207 -15.93 -8.29 3.56
N GLY B 208 -16.19 -7.27 4.37
CA GLY B 208 -16.35 -7.42 5.79
C GLY B 208 -17.85 -7.44 6.08
N LYS B 209 -18.23 -7.24 7.34
CA LYS B 209 -19.64 -7.22 7.71
C LYS B 209 -19.91 -6.57 9.04
N VAL B 210 -21.11 -6.01 9.18
CA VAL B 210 -21.62 -5.56 10.46
C VAL B 210 -23.04 -6.17 10.59
N PHE B 211 -23.32 -6.88 11.67
CA PHE B 211 -24.68 -7.33 11.91
C PHE B 211 -25.34 -6.39 12.89
N LEU B 212 -26.61 -6.08 12.66
CA LEU B 212 -27.34 -5.14 13.51
C LEU B 212 -28.63 -5.73 13.96
N LYS B 213 -28.88 -5.63 15.27
CA LYS B 213 -30.17 -5.93 15.86
C LYS B 213 -30.90 -4.63 15.93
N VAL B 214 -32.08 -4.59 15.34
CA VAL B 214 -32.87 -3.37 15.29
C VAL B 214 -34.17 -3.65 15.99
N THR B 215 -34.36 -2.99 17.12
CA THR B 215 -35.56 -3.19 17.92
C THR B 215 -36.45 -1.96 17.92
N VAL B 216 -37.64 -2.09 17.36
CA VAL B 216 -38.57 -0.99 17.29
C VAL B 216 -39.46 -0.95 18.53
N PHE B 217 -39.67 0.25 19.05
CA PHE B 217 -40.54 0.46 20.21
C PHE B 217 -41.95 0.91 19.86
N ALA B 218 -42.92 0.35 20.57
CA ALA B 218 -44.32 0.69 20.38
C ALA B 218 -44.98 0.60 21.73
N GLY B 219 -46.09 -0.13 21.83
CA GLY B 219 -46.83 -0.20 23.08
C GLY B 219 -47.87 0.91 23.21
N PRO B 220 -48.65 0.91 24.30
CA PRO B 220 -48.62 -0.13 25.33
C PRO B 220 -49.35 -1.37 24.92
N SER B 221 -48.87 -2.50 25.42
CA SER B 221 -49.49 -3.76 25.14
C SER B 221 -50.84 -3.87 25.86
N ARG B 222 -51.83 -4.43 25.18
CA ARG B 222 -53.14 -4.71 25.78
C ARG B 222 -53.52 -6.17 25.50
N TYR B 223 -54.32 -6.76 26.40
CA TYR B 223 -55.00 -8.04 26.18
C TYR B 223 -55.93 -7.88 24.97
N THR B 224 -56.02 -8.90 24.14
CA THR B 224 -56.62 -8.75 22.81
C THR B 224 -58.02 -8.12 22.83
N PRO B 225 -58.88 -8.49 23.79
CA PRO B 225 -60.21 -7.86 23.77
C PRO B 225 -60.22 -6.34 23.97
N TYR B 226 -59.05 -5.77 24.29
CA TYR B 226 -58.94 -4.37 24.53
C TYR B 226 -58.14 -3.67 23.46
N VAL B 227 -57.84 -4.38 22.38
CA VAL B 227 -56.93 -3.81 21.39
C VAL B 227 -57.63 -2.65 20.67
N PRO B 228 -57.00 -1.47 20.64
CA PRO B 228 -57.57 -0.32 19.93
C PRO B 228 -57.44 -0.40 18.42
N ARG B 229 -58.56 -0.22 17.71
CA ARG B 229 -58.59 -0.12 16.25
C ARG B 229 -59.65 0.90 15.89
N PRO B 230 -59.54 1.53 14.72
CA PRO B 230 -58.46 1.48 13.74
C PRO B 230 -57.32 2.46 14.08
N VAL B 231 -56.08 2.05 13.80
CA VAL B 231 -54.89 2.88 13.97
C VAL B 231 -53.98 2.72 12.78
N ALA B 232 -53.30 3.79 12.39
CA ALA B 232 -52.40 3.70 11.24
C ALA B 232 -51.19 2.79 11.56
N ALA B 233 -50.71 2.03 10.58
CA ALA B 233 -49.66 1.04 10.86
C ALA B 233 -48.49 1.67 11.62
N LEU B 234 -47.99 2.82 11.16
CA LEU B 234 -46.91 3.50 11.86
C LEU B 234 -47.23 3.96 13.29
N ASP B 235 -48.50 3.99 13.65
CA ASP B 235 -48.88 4.43 15.01
C ASP B 235 -49.40 3.26 15.85
N SER B 236 -49.33 2.05 15.29
CA SER B 236 -49.92 0.91 15.95
C SER B 236 -49.28 0.56 17.29
N PRO B 237 -50.09 0.25 18.29
CA PRO B 237 -49.47 -0.12 19.56
C PRO B 237 -48.69 -1.44 19.48
N ASN B 238 -48.87 -2.18 18.38
CA ASN B 238 -48.21 -3.46 18.18
C ASN B 238 -46.91 -3.28 17.41
N ALA B 239 -45.79 -3.59 18.04
CA ALA B 239 -44.50 -3.35 17.40
C ALA B 239 -44.30 -4.21 16.19
N ILE B 240 -44.99 -5.34 16.09
CA ILE B 240 -44.92 -6.16 14.88
C ILE B 240 -45.44 -5.39 13.67
N VAL B 241 -46.43 -4.52 13.90
CA VAL B 241 -47.09 -3.79 12.82
C VAL B 241 -46.28 -2.56 12.42
N ARG B 242 -45.67 -1.87 13.38
CA ARG B 242 -44.74 -0.80 13.03
C ARG B 242 -43.58 -1.37 12.28
N MSE B 243 -43.10 -2.50 12.77
CA MSE B 243 -41.98 -3.16 12.14
C MSE B 243 -42.28 -3.46 10.67
O MSE B 243 -41.37 -3.47 9.87
CB MSE B 243 -41.60 -4.45 12.87
CG MSE B 243 -40.40 -5.16 12.24
SE MSE B 243 -38.73 -4.02 12.23
CE MSE B 243 -38.25 -4.31 14.15
N ALA B 244 -43.54 -3.69 10.30
CA ALA B 244 -43.84 -3.97 8.89
C ALA B 244 -43.46 -2.78 8.01
N LYS B 245 -43.70 -1.57 8.51
CA LYS B 245 -43.35 -0.36 7.78
C LYS B 245 -41.84 -0.15 7.75
N LEU B 246 -41.16 -0.54 8.83
CA LEU B 246 -39.72 -0.25 8.92
C LEU B 246 -38.95 -1.19 8.00
N VAL B 247 -39.46 -2.39 7.84
CA VAL B 247 -38.87 -3.38 6.97
C VAL B 247 -38.90 -2.87 5.54
N GLU B 248 -40.06 -2.38 5.15
CA GLU B 248 -40.27 -1.81 3.82
C GLU B 248 -39.31 -0.69 3.55
N ALA B 249 -39.16 0.19 4.53
CA ALA B 249 -38.21 1.29 4.35
C ALA B 249 -36.74 0.83 4.31
N LEU B 250 -36.41 -0.19 5.10
CA LEU B 250 -35.04 -0.69 5.14
C LEU B 250 -34.70 -1.48 3.90
N GLU B 251 -35.68 -2.14 3.29
CA GLU B 251 -35.45 -2.79 1.99
C GLU B 251 -35.11 -1.81 0.89
N GLU B 252 -35.84 -0.70 0.86
CA GLU B 252 -35.60 0.35 -0.10
C GLU B 252 -34.17 0.86 0.13
N TRP B 253 -33.82 1.08 1.40
CA TRP B 253 -32.49 1.52 1.78
C TRP B 253 -31.40 0.53 1.29
N ALA B 254 -31.68 -0.76 1.42
CA ALA B 254 -30.79 -1.80 0.98
C ALA B 254 -30.57 -1.86 -0.53
N ASP B 255 -31.60 -1.51 -1.30
CA ASP B 255 -31.50 -1.52 -2.76
C ASP B 255 -30.41 -0.55 -3.22
N ASN B 256 -30.34 0.62 -2.59
CA ASN B 256 -29.38 1.64 -3.01
C ASN B 256 -28.04 1.50 -2.30
N TYR B 257 -28.03 0.78 -1.18
CA TYR B 257 -26.82 0.68 -0.38
C TYR B 257 -25.78 -0.01 -1.24
N GLU B 258 -26.22 -1.05 -1.93
CA GLU B 258 -25.24 -1.84 -2.63
C GLU B 258 -24.66 -1.07 -3.82
N LYS B 259 -25.44 -0.15 -4.38
CA LYS B 259 -25.00 0.63 -5.53
C LYS B 259 -24.00 1.67 -5.01
N ARG B 260 -24.43 2.42 -4.00
CA ARG B 260 -23.57 3.47 -3.42
C ARG B 260 -22.23 2.97 -2.94
N TYR B 261 -22.15 1.73 -2.47
CA TYR B 261 -20.90 1.29 -1.83
C TYR B 261 -20.13 0.26 -2.64
N THR B 262 -20.56 0.04 -3.88
CA THR B 262 -19.79 -0.79 -4.82
C THR B 262 -18.43 -0.16 -5.01
N ARG B 263 -17.39 -0.99 -5.10
CA ARG B 263 -16.04 -0.44 -5.20
C ARG B 263 -15.13 -1.43 -5.91
N GLU B 264 -14.33 -0.92 -6.86
CA GLU B 264 -13.44 -1.78 -7.62
C GLU B 264 -12.09 -1.87 -6.90
N TYR B 265 -11.58 -3.08 -6.81
CA TYR B 265 -10.25 -3.34 -6.26
C TYR B 265 -9.49 -4.19 -7.22
N GLY B 266 -8.19 -4.24 -6.98
CA GLY B 266 -7.31 -5.12 -7.71
C GLY B 266 -7.68 -6.57 -7.65
N GLY B 267 -8.15 -7.01 -6.50
CA GLY B 267 -8.51 -8.42 -6.30
C GLY B 267 -9.95 -8.75 -6.67
N GLY B 268 -10.71 -7.74 -7.04
CA GLY B 268 -12.06 -7.98 -7.46
C GLY B 268 -12.92 -6.77 -7.23
N THR B 269 -14.15 -6.80 -7.75
CA THR B 269 -15.10 -5.75 -7.47
C THR B 269 -16.02 -6.18 -6.35
N VAL B 270 -16.12 -5.34 -5.32
CA VAL B 270 -16.94 -5.64 -4.18
C VAL B 270 -18.29 -4.94 -4.33
N VAL B 271 -19.35 -5.74 -4.36
CA VAL B 271 -20.71 -5.24 -4.31
C VAL B 271 -21.32 -5.66 -3.00
N PRO B 272 -21.34 -4.78 -2.02
CA PRO B 272 -21.80 -5.16 -0.68
C PRO B 272 -23.31 -5.14 -0.51
N LYS B 273 -23.86 -6.30 -0.16
CA LYS B 273 -25.29 -6.49 -0.08
C LYS B 273 -25.82 -6.55 1.35
N VAL B 274 -27.14 -6.40 1.45
CA VAL B 274 -27.85 -6.30 2.70
C VAL B 274 -28.97 -7.29 2.71
N ALA B 275 -29.24 -7.90 3.87
CA ALA B 275 -30.38 -8.76 3.96
C ALA B 275 -30.88 -8.87 5.37
N ILE B 276 -32.20 -9.02 5.53
CA ILE B 276 -32.82 -9.20 6.82
C ILE B 276 -32.95 -10.69 7.04
N GLY B 277 -32.10 -11.24 7.90
CA GLY B 277 -31.97 -12.67 8.06
C GLY B 277 -32.88 -13.27 9.09
N ALA B 278 -33.36 -12.47 10.03
CA ALA B 278 -34.26 -12.98 11.06
C ALA B 278 -35.06 -11.88 11.70
N ILE B 279 -36.24 -12.26 12.19
CA ILE B 279 -37.13 -11.38 12.91
C ILE B 279 -37.74 -12.09 14.09
N ARG B 280 -37.92 -11.40 15.21
CA ARG B 280 -38.78 -11.94 16.25
C ARG B 280 -39.38 -10.89 17.15
N GLY B 281 -40.66 -11.12 17.48
CA GLY B 281 -41.47 -10.23 18.29
C GLY B 281 -42.46 -11.07 19.03
N GLY B 282 -42.60 -10.87 20.33
CA GLY B 282 -43.44 -11.75 21.11
C GLY B 282 -42.90 -13.15 21.24
N VAL B 283 -43.63 -14.00 21.95
CA VAL B 283 -43.34 -15.42 22.00
C VAL B 283 -44.59 -16.20 21.58
N PRO B 284 -44.41 -17.25 20.80
CA PRO B 284 -45.55 -17.99 20.27
C PRO B 284 -46.45 -18.63 21.29
N TYR B 285 -45.93 -19.00 22.44
CA TYR B 285 -46.71 -19.67 23.49
C TYR B 285 -47.44 -18.69 24.41
N LYS B 286 -47.36 -17.39 24.14
CA LYS B 286 -48.13 -16.40 24.89
C LYS B 286 -48.61 -15.31 23.94
N ILE B 287 -49.66 -15.55 23.17
CA ILE B 287 -50.00 -14.55 22.13
C ILE B 287 -51.21 -13.69 22.48
N TYR B 288 -51.71 -13.82 23.68
CA TYR B 288 -52.88 -13.08 24.08
C TYR B 288 -52.57 -11.62 24.44
N ARG B 289 -51.31 -11.19 24.43
CA ARG B 289 -50.95 -9.77 24.63
C ARG B 289 -49.96 -9.41 23.54
N PHE B 290 -50.31 -8.53 22.64
CA PHE B 290 -49.38 -8.23 21.58
C PHE B 290 -48.16 -7.51 22.15
N PRO B 291 -47.02 -7.63 21.47
CA PRO B 291 -45.72 -7.16 21.94
C PRO B 291 -45.47 -5.68 21.76
N GLU B 292 -44.71 -5.09 22.68
CA GLU B 292 -44.30 -3.69 22.62
C GLU B 292 -42.99 -3.55 21.96
N LEU B 293 -42.29 -4.67 21.82
CA LEU B 293 -41.02 -4.71 21.11
C LEU B 293 -41.00 -5.73 19.99
N CYS B 294 -40.27 -5.39 18.93
CA CYS B 294 -40.01 -6.31 17.84
C CYS B 294 -38.61 -6.06 17.32
N SER B 295 -37.91 -7.15 17.00
CA SER B 295 -36.51 -7.10 16.55
C SER B 295 -36.27 -7.75 15.20
N ILE B 296 -35.44 -7.11 14.39
CA ILE B 296 -34.88 -7.77 13.22
C ILE B 296 -33.36 -7.82 13.29
N TYR B 297 -32.80 -8.75 12.54
CA TYR B 297 -31.39 -8.98 12.57
C TYR B 297 -30.90 -8.87 11.15
N MSE B 298 -30.02 -7.89 10.92
CA MSE B 298 -29.54 -7.54 9.58
C MSE B 298 -28.11 -7.97 9.29
O MSE B 298 -27.20 -7.68 10.06
CB MSE B 298 -29.61 -6.05 9.39
CG MSE B 298 -30.97 -5.48 9.64
SE MSE B 298 -30.98 -3.55 9.33
CE MSE B 298 -31.18 -3.61 7.36
N ASP B 299 -27.92 -8.61 8.15
CA ASP B 299 -26.60 -8.92 7.61
C ASP B 299 -26.23 -7.80 6.64
N ILE B 300 -25.31 -6.94 7.00
CA ILE B 300 -24.88 -5.87 6.12
C ILE B 300 -23.43 -6.06 5.76
N ARG B 301 -23.13 -6.40 4.50
CA ARG B 301 -21.75 -6.50 4.11
C ARG B 301 -21.09 -5.13 3.95
N LEU B 302 -19.79 -5.09 4.15
CA LEU B 302 -19.03 -3.87 4.04
C LEU B 302 -17.90 -4.00 3.02
N ASN B 303 -17.64 -2.98 2.21
CA ASN B 303 -16.40 -3.01 1.43
C ASN B 303 -15.27 -2.69 2.43
N PRO B 304 -14.01 -2.97 2.07
CA PRO B 304 -12.91 -2.82 3.05
C PRO B 304 -12.69 -1.43 3.60
N ASP B 305 -13.35 -0.44 3.01
CA ASP B 305 -13.10 0.95 3.36
C ASP B 305 -14.25 1.61 4.04
N THR B 306 -15.24 0.83 4.47
CA THR B 306 -16.38 1.40 5.16
C THR B 306 -16.42 1.10 6.67
N ASN B 307 -16.45 2.17 7.44
CA ASN B 307 -16.64 2.15 8.87
C ASN B 307 -18.03 1.67 9.25
N PRO B 308 -18.13 0.69 10.17
CA PRO B 308 -19.44 0.16 10.55
C PRO B 308 -20.33 1.20 11.20
N LEU B 309 -19.74 2.20 11.82
CA LEU B 309 -20.55 3.22 12.48
C LEU B 309 -21.24 4.11 11.47
N VAL B 310 -20.59 4.38 10.35
CA VAL B 310 -21.25 5.09 9.27
C VAL B 310 -22.53 4.34 8.89
N VAL B 311 -22.45 3.01 8.77
CA VAL B 311 -23.64 2.23 8.39
C VAL B 311 -24.67 2.19 9.50
N GLN B 312 -24.22 2.15 10.75
CA GLN B 312 -25.18 2.21 11.82
C GLN B 312 -25.97 3.53 11.79
N ARG B 313 -25.27 4.66 11.64
CA ARG B 313 -25.96 5.93 11.51
C ARG B 313 -26.97 5.99 10.39
N GLU B 314 -26.65 5.37 9.26
CA GLU B 314 -27.55 5.40 8.14
C GLU B 314 -28.85 4.71 8.49
N VAL B 315 -28.76 3.58 9.20
CA VAL B 315 -29.92 2.76 9.54
C VAL B 315 -30.77 3.49 10.59
N GLU B 316 -30.07 4.12 11.54
CA GLU B 316 -30.71 4.97 12.52
C GLU B 316 -31.49 6.09 11.80
N ALA B 317 -30.98 6.57 10.68
CA ALA B 317 -31.62 7.68 9.99
C ALA B 317 -32.85 7.20 9.29
N VAL B 318 -32.84 5.99 8.73
CA VAL B 318 -34.03 5.43 8.15
C VAL B 318 -35.15 5.40 9.19
N VAL B 319 -34.78 5.06 10.42
CA VAL B 319 -35.74 4.92 11.50
C VAL B 319 -36.33 6.26 11.86
N SER B 320 -35.47 7.26 11.98
CA SER B 320 -35.90 8.62 12.28
C SER B 320 -36.83 9.24 11.21
N LYS B 321 -36.57 8.97 9.93
CA LYS B 321 -37.37 9.51 8.83
C LYS B 321 -38.80 8.94 8.85
N LEU B 322 -39.00 7.84 9.57
CA LEU B 322 -40.32 7.26 9.71
C LEU B 322 -40.97 7.71 11.01
N GLY B 323 -40.21 8.46 11.80
CA GLY B 323 -40.69 8.93 13.08
C GLY B 323 -40.93 7.82 14.07
N LEU B 324 -40.16 6.76 13.91
CA LEU B 324 -40.16 5.66 14.85
C LEU B 324 -39.00 5.85 15.82
N LYS B 325 -39.08 5.18 16.98
CA LYS B 325 -37.96 5.12 17.91
C LYS B 325 -37.54 3.65 17.94
N ALA B 326 -36.24 3.41 17.87
CA ALA B 326 -35.72 2.05 17.87
C ALA B 326 -34.30 2.00 18.35
N GLU B 327 -33.90 0.86 18.90
CA GLU B 327 -32.52 0.60 19.28
C GLU B 327 -31.85 -0.10 18.11
N VAL B 328 -30.73 0.47 17.66
CA VAL B 328 -29.95 -0.11 16.59
C VAL B 328 -28.63 -0.52 17.18
N LYS B 329 -28.48 -1.81 17.43
CA LYS B 329 -27.37 -2.35 18.19
C LYS B 329 -26.51 -3.27 17.33
N PRO B 330 -25.24 -2.94 17.17
CA PRO B 330 -24.38 -3.88 16.45
C PRO B 330 -24.07 -5.13 17.30
N PHE B 331 -24.06 -6.33 16.72
CA PHE B 331 -23.53 -7.49 17.44
C PHE B 331 -22.45 -8.28 16.70
N LEU B 332 -21.99 -7.74 15.58
CA LEU B 332 -20.88 -8.33 14.87
C LEU B 332 -20.25 -7.28 13.99
N PHE B 333 -18.93 -7.21 14.04
CA PHE B 333 -18.16 -6.40 13.13
C PHE B 333 -16.91 -7.14 12.71
N ARG B 334 -16.76 -7.35 11.41
CA ARG B 334 -15.49 -7.87 10.87
C ARG B 334 -15.03 -7.04 9.69
N ARG B 335 -13.73 -6.82 9.62
CA ARG B 335 -13.18 -6.09 8.49
C ARG B 335 -12.91 -7.00 7.32
N GLY B 336 -13.21 -6.52 6.11
CA GLY B 336 -12.71 -7.11 4.89
C GLY B 336 -11.39 -6.50 4.46
N TYR B 337 -10.66 -7.25 3.65
CA TYR B 337 -9.33 -6.85 3.19
C TYR B 337 -9.09 -7.08 1.71
N GLU B 338 -8.28 -6.21 1.09
CA GLU B 338 -7.66 -6.55 -0.18
C GLU B 338 -6.24 -7.02 0.12
N ALA B 339 -5.85 -8.16 -0.41
CA ALA B 339 -4.49 -8.62 -0.20
C ALA B 339 -3.48 -7.56 -0.67
N GLN B 340 -2.42 -7.38 0.09
CA GLN B 340 -1.36 -6.45 -0.25
C GLN B 340 -0.09 -7.23 -0.50
N GLY B 341 0.51 -7.10 -1.68
CA GLY B 341 1.75 -7.82 -1.96
C GLY B 341 1.48 -9.25 -2.33
N ILE B 342 0.36 -9.44 -3.04
CA ILE B 342 -0.07 -10.74 -3.46
C ILE B 342 0.68 -11.25 -4.70
N GLU B 343 1.46 -10.40 -5.38
CA GLU B 343 1.91 -10.68 -6.76
C GLU B 343 2.71 -11.98 -6.87
N PRO B 344 3.67 -12.22 -5.96
CA PRO B 344 4.42 -13.47 -5.98
C PRO B 344 3.58 -14.74 -5.93
N LEU B 345 2.56 -14.76 -5.08
CA LEU B 345 1.61 -15.87 -5.08
C LEU B 345 0.66 -15.78 -6.28
N GLN B 346 0.16 -14.60 -6.61
CA GLN B 346 -0.67 -14.45 -7.81
C GLN B 346 0.06 -15.00 -9.02
N ASN B 347 1.35 -14.73 -9.07
CA ASN B 347 2.16 -15.09 -10.21
C ASN B 347 2.43 -16.59 -10.27
N ALA B 348 2.88 -17.16 -9.17
CA ALA B 348 3.14 -18.59 -9.12
C ALA B 348 1.87 -19.35 -9.51
N LEU B 349 0.73 -18.87 -9.04
CA LEU B 349 -0.53 -19.52 -9.31
C LEU B 349 -0.85 -19.43 -10.78
N GLU B 350 -0.69 -18.24 -11.35
CA GLU B 350 -1.10 -18.03 -12.74
C GLU B 350 -0.28 -18.93 -13.66
N VAL B 351 1.01 -19.08 -13.35
CA VAL B 351 1.91 -19.87 -14.18
C VAL B 351 1.50 -21.33 -14.10
N ALA B 352 1.24 -21.80 -12.89
CA ALA B 352 0.82 -23.18 -12.70
C ALA B 352 -0.52 -23.45 -13.36
N HIS B 353 -1.42 -22.50 -13.25
CA HIS B 353 -2.73 -22.62 -13.82
C HIS B 353 -2.65 -22.79 -15.31
N ARG B 354 -1.91 -21.90 -15.96
CA ARG B 354 -1.85 -21.88 -17.42
C ARG B 354 -1.27 -23.17 -17.98
N GLU B 355 -0.30 -23.75 -17.28
CA GLU B 355 0.28 -25.03 -17.67
C GLU B 355 -0.69 -26.22 -17.58
N VAL B 356 -1.48 -26.26 -16.51
CA VAL B 356 -2.36 -27.38 -16.23
C VAL B 356 -3.75 -27.25 -16.85
N VAL B 357 -4.31 -26.07 -16.80
CA VAL B 357 -5.65 -25.79 -17.30
C VAL B 357 -5.62 -25.27 -18.75
N GLY B 358 -4.49 -24.66 -19.13
CA GLY B 358 -4.19 -24.39 -20.53
C GLY B 358 -4.62 -23.05 -21.08
N ARG B 359 -5.30 -22.27 -20.27
CA ARG B 359 -5.75 -20.94 -20.67
C ARG B 359 -5.28 -20.04 -19.55
N PRO B 360 -5.30 -18.72 -19.76
CA PRO B 360 -5.10 -17.83 -18.61
C PRO B 360 -6.39 -17.74 -17.74
N THR B 361 -6.27 -17.38 -16.47
CA THR B 361 -7.41 -17.35 -15.54
C THR B 361 -8.44 -16.30 -15.91
N GLU B 362 -9.72 -16.63 -15.70
CA GLU B 362 -10.78 -15.64 -15.82
C GLU B 362 -11.00 -14.92 -14.48
N ARG B 363 -11.64 -13.76 -14.51
CA ARG B 363 -11.87 -13.04 -13.26
C ARG B 363 -13.21 -13.46 -12.60
N PRO B 364 -13.21 -13.53 -11.25
CA PRO B 364 -14.42 -14.03 -10.58
C PRO B 364 -15.55 -13.01 -10.64
N GLY B 365 -16.79 -13.45 -10.47
CA GLY B 365 -17.92 -12.53 -10.41
C GLY B 365 -17.82 -11.74 -9.13
N SER B 366 -18.60 -10.66 -9.01
CA SER B 366 -18.46 -9.81 -7.82
C SER B 366 -18.93 -10.47 -6.50
N PRO B 367 -19.98 -11.34 -6.55
CA PRO B 367 -20.36 -12.04 -5.30
C PRO B 367 -19.22 -12.83 -4.64
N GLU B 368 -18.36 -13.50 -5.40
CA GLU B 368 -17.25 -14.24 -4.78
C GLU B 368 -16.09 -13.31 -4.35
N CYS B 369 -16.25 -12.01 -4.60
CA CYS B 369 -15.38 -10.99 -4.06
C CYS B 369 -16.06 -10.14 -2.97
N SER B 370 -17.34 -10.37 -2.74
CA SER B 370 -18.14 -9.59 -1.81
C SER B 370 -18.75 -10.41 -0.68
N MSE B 371 -18.11 -11.52 -0.35
CA MSE B 371 -18.59 -12.40 0.72
C MSE B 371 -17.50 -12.55 1.80
O MSE B 371 -16.51 -11.81 1.78
CB MSE B 371 -18.96 -13.75 0.15
CG MSE B 371 -17.79 -14.49 -0.47
SE MSE B 371 -18.26 -16.22 -1.31
CE MSE B 371 -19.99 -15.78 -2.11
N TRP B 372 -17.69 -13.48 2.73
CA TRP B 372 -16.63 -13.83 3.66
C TRP B 372 -15.83 -15.01 3.10
N ARG B 373 -14.53 -14.97 3.26
CA ARG B 373 -13.62 -16.06 2.92
C ARG B 373 -12.52 -15.97 3.96
N ASP B 374 -11.81 -17.06 4.23
CA ASP B 374 -10.77 -16.99 5.22
C ASP B 374 -9.52 -16.28 4.71
N THR B 375 -9.62 -15.58 3.60
CA THR B 375 -8.51 -14.73 3.21
C THR B 375 -8.44 -13.54 4.13
N ASN B 376 -9.61 -13.10 4.63
CA ASN B 376 -9.66 -11.94 5.51
C ASN B 376 -8.72 -12.09 6.73
N PRO B 377 -8.89 -13.16 7.51
CA PRO B 377 -7.94 -13.30 8.63
C PRO B 377 -6.49 -13.41 8.22
N TYR B 378 -6.17 -14.06 7.11
CA TYR B 378 -4.78 -14.12 6.67
C TYR B 378 -4.28 -12.71 6.30
N ASN B 379 -5.08 -11.95 5.59
CA ASN B 379 -4.67 -10.63 5.19
C ASN B 379 -4.59 -9.66 6.37
N GLU B 380 -5.47 -9.87 7.36
CA GLU B 380 -5.45 -9.04 8.56
C GLU B 380 -4.11 -9.27 9.30
N LEU B 381 -3.51 -10.42 9.14
CA LEU B 381 -2.32 -10.73 9.90
C LEU B 381 -1.07 -10.63 9.05
N GLY B 382 -1.20 -9.98 7.90
CA GLY B 382 -0.01 -9.65 7.10
C GLY B 382 0.48 -10.74 6.19
N ILE B 383 -0.37 -11.71 5.93
CA ILE B 383 -0.06 -12.84 5.11
C ILE B 383 -0.89 -12.70 3.88
N PRO B 384 -0.27 -12.31 2.75
CA PRO B 384 -1.04 -12.06 1.54
C PRO B 384 -1.70 -13.32 1.08
N SER B 385 -2.98 -13.20 0.76
CA SER B 385 -3.76 -14.38 0.56
C SER B 385 -4.87 -14.20 -0.46
N LEU B 386 -4.98 -15.20 -1.32
CA LEU B 386 -6.05 -15.28 -2.31
C LEU B 386 -6.73 -16.63 -2.18
N THR B 387 -7.88 -16.70 -2.83
CA THR B 387 -8.70 -17.86 -2.84
C THR B 387 -8.84 -18.42 -4.29
N TYR B 388 -8.70 -19.74 -4.42
CA TYR B 388 -8.74 -20.43 -5.71
C TYR B 388 -9.00 -21.95 -5.59
N GLY B 389 -9.93 -22.47 -6.39
CA GLY B 389 -10.08 -23.91 -6.51
C GLY B 389 -11.05 -24.32 -7.59
N CYS B 390 -11.19 -25.63 -7.82
CA CYS B 390 -12.14 -26.11 -8.82
C CYS B 390 -13.60 -26.10 -8.38
N GLY B 391 -14.53 -26.14 -9.34
CA GLY B 391 -15.92 -26.42 -9.01
C GLY B 391 -16.84 -25.22 -8.88
N GLY B 392 -18.13 -25.48 -8.62
CA GLY B 392 -19.14 -24.44 -8.53
C GLY B 392 -20.00 -24.23 -9.77
N ASN B 398 -23.06 -25.91 -6.21
CA ASN B 398 -23.97 -26.83 -6.87
C ASN B 398 -23.85 -28.29 -6.35
N THR B 399 -23.87 -29.27 -7.25
CA THR B 399 -24.05 -30.68 -6.90
C THR B 399 -22.85 -31.58 -6.94
N TYR B 400 -21.92 -31.36 -7.87
CA TYR B 400 -20.77 -32.24 -7.99
C TYR B 400 -19.50 -31.57 -8.50
N PHE B 401 -18.40 -32.28 -8.34
CA PHE B 401 -17.09 -31.92 -8.86
C PHE B 401 -16.71 -32.96 -9.91
N LEU B 402 -16.05 -32.57 -11.00
CA LEU B 402 -15.40 -33.55 -11.86
C LEU B 402 -14.09 -33.99 -11.27
N VAL B 403 -13.86 -35.28 -11.16
CA VAL B 403 -12.56 -35.75 -10.66
C VAL B 403 -11.43 -35.17 -11.51
N ASP B 404 -11.68 -34.97 -12.81
CA ASP B 404 -10.68 -34.36 -13.67
C ASP B 404 -10.31 -32.95 -13.15
N ASP B 405 -11.32 -32.13 -12.85
CA ASP B 405 -11.10 -30.78 -12.33
C ASP B 405 -10.38 -30.80 -10.98
N MSE B 406 -10.64 -31.79 -10.15
CA MSE B 406 -9.96 -31.89 -8.88
C MSE B 406 -8.51 -32.29 -9.04
O MSE B 406 -7.64 -31.89 -8.24
CB MSE B 406 -10.64 -32.91 -7.99
CG MSE B 406 -12.09 -32.60 -7.60
SE MSE B 406 -12.80 -34.05 -6.44
CE MSE B 406 -11.54 -33.96 -4.94
N LEU B 407 -8.25 -33.13 -10.02
CA LEU B 407 -6.88 -33.52 -10.26
C LEU B 407 -6.06 -32.31 -10.80
N LYS B 408 -6.69 -31.50 -11.64
CA LYS B 408 -6.09 -30.27 -12.13
C LYS B 408 -5.77 -29.34 -10.97
N ALA B 409 -6.72 -29.12 -10.07
CA ALA B 409 -6.47 -28.27 -8.93
C ALA B 409 -5.32 -28.79 -8.07
N ALA B 410 -5.24 -30.10 -7.90
CA ALA B 410 -4.19 -30.62 -7.05
C ALA B 410 -2.87 -30.39 -7.72
N LYS B 411 -2.88 -30.46 -9.04
CA LYS B 411 -1.65 -30.24 -9.80
C LYS B 411 -1.21 -28.78 -9.68
N VAL B 412 -2.13 -27.82 -9.87
CA VAL B 412 -1.86 -26.39 -9.70
C VAL B 412 -1.29 -26.09 -8.31
N TYR B 413 -1.91 -26.67 -7.29
CA TYR B 413 -1.45 -26.44 -5.94
C TYR B 413 -0.01 -26.94 -5.79
N ALA B 414 0.28 -28.13 -6.32
CA ALA B 414 1.63 -28.67 -6.14
C ALA B 414 2.65 -27.78 -6.84
N MSE B 415 2.27 -27.31 -8.02
CA MSE B 415 3.13 -26.49 -8.83
C MSE B 415 3.38 -25.17 -8.21
O MSE B 415 4.53 -24.74 -8.12
CB MSE B 415 2.54 -26.30 -10.22
CG MSE B 415 2.97 -27.38 -11.20
SE MSE B 415 2.55 -27.03 -13.09
CE MSE B 415 3.91 -25.61 -13.39
N THR B 416 2.29 -24.50 -7.80
CA THR B 416 2.39 -23.23 -7.11
C THR B 416 3.38 -23.32 -5.95
N ALA B 417 3.30 -24.39 -5.18
CA ALA B 417 4.21 -24.55 -4.05
C ALA B 417 5.64 -24.73 -4.48
N MSE B 418 5.87 -25.47 -5.56
CA MSE B 418 7.24 -25.74 -6.01
C MSE B 418 7.95 -24.46 -6.49
O MSE B 418 9.16 -24.30 -6.32
CB MSE B 418 7.22 -26.77 -7.10
CG MSE B 418 7.27 -28.17 -6.53
SE MSE B 418 7.00 -29.62 -7.82
CE MSE B 418 5.38 -29.15 -8.76
N ASP B 419 7.17 -23.59 -7.11
CA ASP B 419 7.58 -22.27 -7.50
C ASP B 419 7.85 -21.42 -6.25
N LEU B 420 6.78 -21.09 -5.56
CA LEU B 420 6.82 -20.12 -4.49
C LEU B 420 7.70 -20.51 -3.30
N CYS B 421 7.75 -21.80 -2.98
CA CYS B 421 8.53 -22.23 -1.80
C CYS B 421 10.01 -22.33 -2.09
N ASN B 422 10.37 -22.11 -3.35
CA ASN B 422 11.77 -22.05 -3.74
C ASN B 422 12.24 -20.60 -4.03
N ARG B 423 11.34 -19.64 -3.88
CA ARG B 423 11.69 -18.23 -3.87
C ARG B 423 12.20 -17.85 -2.51
N THR B 424 13.17 -16.94 -2.46
CA THR B 424 13.62 -16.36 -1.18
C THR B 424 12.72 -15.14 -0.89
N PRO B 425 12.54 -14.80 0.39
CA PRO B 425 13.21 -15.43 1.53
C PRO B 425 12.35 -16.47 2.15
N ASP C 6 -20.72 23.68 33.02
CA ASP C 6 -21.14 22.26 32.83
C ASP C 6 -19.99 21.27 33.04
N VAL C 7 -18.83 21.60 32.54
CA VAL C 7 -17.63 20.94 32.99
C VAL C 7 -17.60 21.11 34.51
N ALA C 8 -17.82 22.34 34.97
CA ALA C 8 -17.77 22.64 36.40
C ALA C 8 -18.70 21.79 37.24
N LYS C 9 -19.90 21.48 36.74
CA LYS C 9 -20.81 20.69 37.54
C LYS C 9 -20.22 19.27 37.70
N VAL C 10 -19.79 18.66 36.59
CA VAL C 10 -19.22 17.31 36.63
C VAL C 10 -18.00 17.22 37.55
N MSE C 11 -17.12 18.21 37.51
CA MSE C 11 -16.01 18.25 38.44
C MSE C 11 -16.46 18.16 39.88
O MSE C 11 -15.79 17.57 40.71
CB MSE C 11 -15.21 19.53 38.30
CG MSE C 11 -14.50 19.75 36.98
SE MSE C 11 -13.30 18.32 36.44
CE MSE C 11 -14.55 17.24 35.38
N LYS C 12 -17.58 18.77 40.21
CA LYS C 12 -17.98 18.86 41.60
C LYS C 12 -18.69 17.58 41.97
N THR C 13 -19.44 17.03 41.02
CA THR C 13 -20.00 15.71 41.20
C THR C 13 -18.88 14.71 41.52
N LEU C 14 -17.76 14.82 40.84
CA LEU C 14 -16.71 13.87 41.05
C LEU C 14 -16.06 14.06 42.40
N ASP C 15 -15.86 15.32 42.79
CA ASP C 15 -15.34 15.66 44.12
C ASP C 15 -16.22 15.04 45.21
N GLY C 16 -17.51 15.06 44.96
CA GLY C 16 -18.45 14.47 45.90
C GLY C 16 -18.67 12.99 45.73
N MSE C 17 -17.62 12.27 45.36
CA MSE C 17 -17.77 10.87 44.92
C MSE C 17 -16.53 10.07 45.24
O MSE C 17 -16.41 8.96 44.78
CB MSE C 17 -18.06 10.78 43.43
CG MSE C 17 -19.51 10.46 43.09
SE MSE C 17 -19.83 10.09 41.14
CE MSE C 17 -21.79 10.43 41.06
N ARG C 18 -15.62 10.63 46.02
CA ARG C 18 -14.48 9.88 46.50
C ARG C 18 -14.87 8.57 47.15
N GLU C 19 -15.91 8.59 47.97
CA GLU C 19 -16.16 7.42 48.79
C GLU C 19 -16.56 6.27 47.87
N GLY C 20 -17.39 6.55 46.87
CA GLY C 20 -17.76 5.56 45.86
C GLY C 20 -16.57 5.09 45.04
N LEU C 21 -15.69 6.03 44.70
CA LEU C 21 -14.46 5.69 43.99
C LEU C 21 -13.64 4.72 44.81
N ILE C 22 -13.43 5.03 46.09
CA ILE C 22 -12.58 4.19 46.94
C ILE C 22 -13.22 2.83 47.16
N GLN C 23 -14.52 2.82 47.35
CA GLN C 23 -15.21 1.58 47.61
C GLN C 23 -15.13 0.70 46.39
N THR C 24 -15.51 1.25 45.23
CA THR C 24 -15.48 0.51 43.98
C THR C 24 -14.12 -0.13 43.76
N ALA C 25 -13.06 0.66 43.89
CA ALA C 25 -11.73 0.11 43.71
C ALA C 25 -11.44 -1.00 44.72
N VAL C 26 -11.81 -0.81 45.98
CA VAL C 26 -11.47 -1.77 47.01
C VAL C 26 -12.26 -3.07 46.85
N GLU C 27 -13.56 -2.95 46.63
CA GLU C 27 -14.38 -4.13 46.41
C GLU C 27 -13.89 -4.92 45.23
N LEU C 28 -13.59 -4.24 44.13
CA LEU C 28 -13.17 -4.93 42.91
C LEU C 28 -11.81 -5.57 43.09
N GLY C 29 -10.90 -4.83 43.71
CA GLY C 29 -9.53 -5.26 43.88
C GLY C 29 -9.36 -6.40 44.86
N SER C 30 -10.45 -6.68 45.58
CA SER C 30 -10.47 -7.67 46.63
C SER C 30 -10.94 -9.02 46.11
N ILE C 31 -11.62 -8.97 44.95
CA ILE C 31 -12.10 -10.18 44.29
C ILE C 31 -10.95 -10.90 43.64
N GLU C 32 -10.84 -12.19 43.88
CA GLU C 32 -9.79 -12.97 43.27
C GLU C 32 -10.12 -13.24 41.81
N ALA C 33 -9.24 -12.82 40.92
CA ALA C 33 -9.56 -12.87 39.50
C ALA C 33 -8.34 -13.01 38.61
N PRO C 34 -7.52 -14.04 38.82
CA PRO C 34 -6.44 -14.27 37.89
C PRO C 34 -6.97 -14.76 36.54
N THR C 35 -6.15 -14.61 35.51
CA THR C 35 -6.51 -15.02 34.18
C THR C 35 -6.89 -16.50 34.28
N GLY C 36 -8.07 -16.81 33.76
CA GLY C 36 -8.66 -18.13 33.87
C GLY C 36 -9.89 -18.12 34.75
N ARG C 37 -10.02 -17.14 35.64
CA ARG C 37 -11.04 -17.13 36.70
C ARG C 37 -11.61 -15.72 36.96
N GLU C 38 -11.92 -15.01 35.88
CA GLU C 38 -12.35 -13.63 35.95
C GLU C 38 -13.86 -13.48 36.08
N GLY C 39 -14.62 -14.56 36.06
CA GLY C 39 -16.05 -14.46 36.16
C GLY C 39 -16.56 -13.60 37.31
N ALA C 40 -16.01 -13.80 38.50
CA ALA C 40 -16.55 -13.13 39.66
C ALA C 40 -16.35 -11.62 39.57
N ALA C 41 -15.17 -11.23 39.09
CA ALA C 41 -14.87 -9.83 38.83
C ALA C 41 -15.83 -9.31 37.77
N GLY C 42 -16.03 -10.10 36.75
CA GLY C 42 -17.00 -9.76 35.73
C GLY C 42 -18.41 -9.57 36.27
N ASP C 43 -18.83 -10.41 37.19
CA ASP C 43 -20.18 -10.35 37.73
C ASP C 43 -20.33 -9.08 38.56
N TYR C 44 -19.28 -8.76 39.30
CA TYR C 44 -19.27 -7.53 40.08
C TYR C 44 -19.50 -6.35 39.19
N VAL C 45 -18.75 -6.25 38.10
CA VAL C 45 -18.82 -5.10 37.20
C VAL C 45 -20.15 -5.10 36.45
N TYR C 46 -20.66 -6.26 36.09
CA TYR C 46 -21.98 -6.34 35.50
C TYR C 46 -23.00 -5.76 36.46
N GLU C 47 -22.96 -6.19 37.73
CA GLU C 47 -24.00 -5.75 38.66
C GLU C 47 -23.86 -4.26 38.95
N TRP C 48 -22.63 -3.77 38.99
CA TRP C 48 -22.37 -2.34 39.16
C TRP C 48 -22.94 -1.53 38.01
N MSE C 49 -22.70 -2.00 36.80
CA MSE C 49 -23.17 -1.28 35.66
C MSE C 49 -24.68 -1.30 35.62
O MSE C 49 -25.29 -0.34 35.16
CB MSE C 49 -22.63 -1.88 34.37
CG MSE C 49 -21.22 -1.44 34.05
SE MSE C 49 -20.78 -1.90 32.20
CE MSE C 49 -18.82 -1.65 32.32
N ALA C 50 -25.30 -2.38 36.09
CA ALA C 50 -26.74 -2.51 35.97
C ALA C 50 -27.41 -1.54 36.94
N ARG C 51 -26.88 -1.49 38.14
CA ARG C 51 -27.44 -0.67 39.20
C ARG C 51 -27.30 0.81 38.85
N ASN C 52 -26.23 1.17 38.18
CA ASN C 52 -26.04 2.55 37.75
C ASN C 52 -26.68 2.86 36.39
N GLY C 53 -27.46 1.94 35.85
CA GLY C 53 -28.27 2.23 34.68
C GLY C 53 -27.59 2.24 33.32
N PHE C 54 -26.43 1.59 33.23
CA PHE C 54 -25.68 1.55 31.98
C PHE C 54 -26.00 0.35 31.10
N GLY C 55 -26.99 -0.46 31.47
CA GLY C 55 -27.49 -1.53 30.60
C GLY C 55 -26.49 -2.54 30.04
N PRO C 56 -25.73 -3.19 30.92
CA PRO C 56 -24.65 -4.11 30.59
C PRO C 56 -25.05 -5.40 29.91
N GLU C 57 -24.10 -5.96 29.17
CA GLU C 57 -24.24 -7.30 28.62
C GLU C 57 -22.98 -8.12 28.79
N ARG C 58 -23.20 -9.38 29.14
CA ARG C 58 -22.13 -10.31 29.23
C ARG C 58 -21.88 -10.80 27.80
N VAL C 59 -20.66 -10.56 27.34
CA VAL C 59 -20.24 -10.83 25.97
C VAL C 59 -19.00 -11.69 26.04
N GLY C 60 -19.17 -13.01 25.90
CA GLY C 60 -18.07 -13.91 26.16
C GLY C 60 -18.18 -15.22 25.44
N VAL C 61 -17.08 -15.97 25.39
CA VAL C 61 -17.14 -17.25 24.73
C VAL C 61 -17.39 -18.35 25.74
N PHE C 62 -17.14 -18.05 27.01
CA PHE C 62 -17.44 -18.94 28.13
C PHE C 62 -18.37 -18.23 29.12
N ASP C 63 -19.26 -18.97 29.78
CA ASP C 63 -20.18 -18.35 30.77
C ASP C 63 -19.51 -17.91 32.09
N ASP C 64 -18.28 -18.36 32.36
CA ASP C 64 -17.56 -17.88 33.54
C ASP C 64 -16.28 -17.09 33.22
N ARG C 65 -16.04 -16.84 31.93
CA ARG C 65 -14.99 -15.94 31.47
C ARG C 65 -15.53 -15.04 30.36
N PHE C 66 -15.97 -13.84 30.71
CA PHE C 66 -16.72 -13.04 29.77
C PHE C 66 -16.33 -11.58 29.89
N ASN C 67 -16.58 -10.81 28.84
CA ASN C 67 -16.47 -9.38 28.91
C ASN C 67 -17.78 -8.73 29.26
N VAL C 68 -17.67 -7.53 29.78
CA VAL C 68 -18.85 -6.77 30.14
C VAL C 68 -18.85 -5.44 29.41
N VAL C 69 -19.92 -5.23 28.66
CA VAL C 69 -20.07 -4.06 27.80
C VAL C 69 -21.37 -3.34 28.12
N GLY C 70 -21.24 -2.05 28.44
CA GLY C 70 -22.39 -1.21 28.65
C GLY C 70 -22.22 0.11 27.92
N ARG C 71 -23.22 0.98 28.02
CA ARG C 71 -23.22 2.28 27.35
C ARG C 71 -23.89 3.38 28.17
N LEU C 72 -23.38 4.59 27.99
CA LEU C 72 -24.10 5.82 28.33
C LEU C 72 -24.52 6.44 27.00
N ARG C 73 -25.78 6.31 26.64
CA ARG C 73 -26.20 6.74 25.32
C ARG C 73 -26.31 8.27 25.20
N GLY C 74 -25.88 8.80 24.06
CA GLY C 74 -25.90 10.25 23.85
C GLY C 74 -27.16 10.71 23.14
N THR C 75 -27.24 12.01 22.88
CA THR C 75 -28.48 12.55 22.35
C THR C 75 -28.54 12.39 20.83
N GLY C 76 -27.37 12.13 20.24
CA GLY C 76 -27.24 11.90 18.81
C GLY C 76 -26.28 12.87 18.13
N GLY C 77 -25.57 12.36 17.13
CA GLY C 77 -24.72 13.19 16.30
C GLY C 77 -23.25 13.34 16.67
N GLY C 78 -22.82 12.63 17.70
CA GLY C 78 -21.46 12.73 18.20
C GLY C 78 -20.57 11.54 17.89
N ALA C 79 -19.27 11.71 18.11
CA ALA C 79 -18.34 10.60 18.11
C ALA C 79 -18.50 9.79 19.40
N SER C 80 -18.32 8.48 19.32
CA SER C 80 -18.45 7.61 20.48
C SER C 80 -17.07 7.26 20.99
N LEU C 81 -16.95 7.23 22.31
CA LEU C 81 -15.69 6.91 22.94
C LEU C 81 -15.84 5.70 23.83
N SER C 82 -14.93 4.73 23.70
CA SER C 82 -14.87 3.56 24.58
C SER C 82 -13.84 3.79 25.68
N PHE C 83 -14.19 3.44 26.92
CA PHE C 83 -13.20 3.28 27.97
C PHE C 83 -13.02 1.78 28.21
N ASN C 84 -11.79 1.36 28.40
CA ASN C 84 -11.47 -0.05 28.42
C ASN C 84 -10.47 -0.35 29.51
N SER C 85 -10.78 -1.38 30.30
CA SER C 85 -9.84 -1.94 31.26
C SER C 85 -10.08 -3.43 31.39
N HIS C 86 -9.11 -4.16 31.94
CA HIS C 86 -9.25 -5.60 31.98
C HIS C 86 -9.52 -6.12 33.39
N LEU C 87 -10.36 -7.15 33.45
CA LEU C 87 -10.80 -7.79 34.67
C LEU C 87 -9.82 -8.77 35.28
N ASP C 88 -8.88 -9.31 34.51
CA ASP C 88 -7.96 -10.33 35.05
C ASP C 88 -6.79 -9.69 35.76
N THR C 89 -6.14 -10.47 36.59
CA THR C 89 -4.95 -10.03 37.31
C THR C 89 -3.88 -11.11 37.26
N ILE C 90 -2.72 -10.83 37.82
CA ILE C 90 -1.70 -11.86 37.94
C ILE C 90 -1.87 -12.68 39.24
N MSE C 91 -1.52 -13.96 39.15
CA MSE C 91 -1.36 -14.95 40.25
C MSE C 91 -1.78 -16.34 39.67
O MSE C 91 -2.52 -17.15 40.25
CB MSE C 91 -2.23 -14.58 41.44
CG MSE C 91 -1.78 -13.31 42.16
SE MSE C 91 0.01 -13.38 42.84
CE MSE C 91 -0.29 -14.71 44.25
N HIS C 108 -2.51 -10.41 47.06
CA HIS C 108 -3.95 -10.48 47.42
C HIS C 108 -4.47 -9.36 48.36
N GLU C 109 -5.76 -9.06 48.16
CA GLU C 109 -6.63 -8.08 48.86
C GLU C 109 -6.32 -6.62 48.47
N ALA C 110 -7.33 -5.76 48.57
CA ALA C 110 -7.16 -4.33 48.36
C ALA C 110 -7.79 -3.59 49.54
N TRP C 111 -7.16 -2.52 50.00
CA TRP C 111 -7.69 -1.78 51.16
C TRP C 111 -7.34 -0.29 51.13
N HIS C 112 -8.17 0.53 51.78
CA HIS C 112 -7.86 1.95 51.91
C HIS C 112 -7.05 2.23 53.16
N GLU C 113 -6.01 3.04 53.00
CA GLU C 113 -5.15 3.47 54.09
C GLU C 113 -4.44 4.79 53.81
N GLU C 114 -4.85 5.87 54.46
CA GLU C 114 -4.13 7.14 54.38
C GLU C 114 -4.11 7.80 52.99
N GLY C 115 -5.29 7.86 52.38
CA GLY C 115 -5.40 8.41 51.05
C GLY C 115 -4.76 7.57 49.97
N ARG C 116 -4.51 6.31 50.30
CA ARG C 116 -4.00 5.35 49.36
C ARG C 116 -4.92 4.14 49.22
N ILE C 117 -4.89 3.54 48.03
CA ILE C 117 -5.46 2.22 47.88
C ILE C 117 -4.33 1.29 47.52
N TYR C 118 -4.19 0.27 48.36
CA TYR C 118 -3.10 -0.69 48.26
C TYR C 118 -3.59 -1.97 47.60
N GLY C 119 -2.71 -2.62 46.86
CA GLY C 119 -3.04 -3.89 46.23
C GLY C 119 -2.55 -3.97 44.81
N TYR C 120 -1.81 -5.00 44.49
CA TYR C 120 -1.33 -5.10 43.13
C TYR C 120 -2.54 -5.34 42.21
N SER C 121 -3.66 -5.79 42.75
CA SER C 121 -4.86 -5.93 41.92
C SER C 121 -5.48 -4.61 41.52
N VAL C 122 -5.12 -3.56 42.25
CA VAL C 122 -5.64 -2.21 42.02
C VAL C 122 -4.79 -1.51 40.98
N VAL C 123 -3.48 -1.74 41.04
CA VAL C 123 -2.57 -1.19 40.07
C VAL C 123 -2.77 -1.79 38.68
N ASN C 124 -3.00 -3.09 38.66
CA ASN C 124 -3.14 -3.84 37.44
C ASN C 124 -4.30 -4.82 37.59
N CYS C 125 -5.54 -4.40 37.34
CA CYS C 125 -5.90 -3.13 36.74
C CYS C 125 -7.26 -2.60 37.22
N LYS C 126 -7.61 -2.85 38.48
CA LYS C 126 -8.95 -2.48 38.94
C LYS C 126 -8.99 -1.01 39.31
N GLY C 127 -7.85 -0.45 39.67
CA GLY C 127 -7.78 0.97 39.98
C GLY C 127 -8.20 1.82 38.80
N PRO C 128 -7.47 1.70 37.68
CA PRO C 128 -7.86 2.47 36.50
C PRO C 128 -9.28 2.20 36.05
N MSE C 129 -9.76 0.97 36.22
CA MSE C 129 -11.16 0.67 35.89
C MSE C 129 -12.13 1.51 36.69
O MSE C 129 -13.05 2.10 36.12
CB MSE C 129 -11.48 -0.79 36.15
CG MSE C 129 -12.79 -1.22 35.54
SE MSE C 129 -13.18 -3.16 35.72
CE MSE C 129 -12.01 -3.90 34.28
N ALA C 130 -11.95 1.55 38.00
CA ALA C 130 -12.82 2.34 38.85
C ALA C 130 -12.89 3.79 38.39
N CYS C 131 -11.74 4.36 38.06
CA CYS C 131 -11.70 5.74 37.60
C CYS C 131 -12.71 6.03 36.48
N TRP C 132 -12.78 5.19 35.45
CA TRP C 132 -13.72 5.49 34.37
C TRP C 132 -15.11 4.97 34.64
N LEU C 133 -15.29 4.01 35.53
CA LEU C 133 -16.64 3.66 35.98
C LEU C 133 -17.25 4.85 36.70
N ILE C 134 -16.43 5.49 37.53
CA ILE C 134 -16.91 6.60 38.32
C ILE C 134 -17.10 7.80 37.42
N ALA C 135 -16.21 7.97 36.43
CA ALA C 135 -16.33 9.11 35.51
C ALA C 135 -17.63 9.03 34.73
N ALA C 136 -18.00 7.83 34.30
CA ALA C 136 -19.28 7.62 33.64
C ALA C 136 -20.44 7.87 34.58
N LYS C 137 -20.31 7.51 35.84
CA LYS C 137 -21.36 7.75 36.80
C LYS C 137 -21.56 9.26 36.93
N ALA C 138 -20.46 9.99 37.10
CA ALA C 138 -20.53 11.43 37.22
C ALA C 138 -21.14 12.03 35.96
N LEU C 139 -20.70 11.60 34.80
CA LEU C 139 -21.27 12.13 33.57
C LEU C 139 -22.77 11.93 33.55
N LYS C 140 -23.23 10.75 33.94
CA LYS C 140 -24.65 10.45 33.88
C LYS C 140 -25.46 11.25 34.91
N GLU C 141 -24.94 11.39 36.12
CA GLU C 141 -25.70 12.02 37.20
C GLU C 141 -25.72 13.54 37.15
N ALA C 142 -24.65 14.15 36.65
CA ALA C 142 -24.62 15.59 36.39
C ALA C 142 -25.45 15.92 35.18
N GLY C 143 -25.97 14.89 34.52
CA GLY C 143 -26.75 15.07 33.32
C GLY C 143 -25.98 15.73 32.20
N ALA C 144 -24.66 15.57 32.19
CA ALA C 144 -23.78 16.17 31.18
C ALA C 144 -24.29 15.93 29.76
N ALA C 145 -24.14 16.93 28.92
CA ALA C 145 -24.67 16.89 27.57
C ALA C 145 -23.65 16.25 26.65
N LEU C 146 -23.99 15.06 26.16
CA LEU C 146 -23.10 14.31 25.29
C LEU C 146 -23.87 13.89 24.03
N LYS C 147 -23.35 14.27 22.88
CA LYS C 147 -23.99 13.94 21.60
C LYS C 147 -23.66 12.49 21.18
N GLY C 148 -22.42 12.07 21.47
CA GLY C 148 -21.98 10.71 21.19
C GLY C 148 -22.09 9.79 22.39
N ASP C 149 -22.09 8.48 22.11
CA ASP C 149 -22.12 7.46 23.15
C ASP C 149 -20.79 7.24 23.88
N VAL C 150 -20.86 6.98 25.19
CA VAL C 150 -19.69 6.47 25.92
C VAL C 150 -19.90 4.99 26.03
N VAL C 151 -18.91 4.22 25.60
CA VAL C 151 -19.01 2.76 25.62
C VAL C 151 -18.14 2.22 26.71
N LEU C 152 -18.74 1.46 27.61
CA LEU C 152 -18.05 0.96 28.79
C LEU C 152 -17.69 -0.49 28.62
N THR C 153 -16.39 -0.77 28.50
CA THR C 153 -15.91 -2.11 28.16
C THR C 153 -14.87 -2.69 29.11
N ALA C 154 -15.31 -3.65 29.91
CA ALA C 154 -14.44 -4.34 30.84
C ALA C 154 -14.19 -5.73 30.29
N VAL C 155 -12.93 -6.10 30.13
CA VAL C 155 -12.58 -7.31 29.40
C VAL C 155 -11.83 -8.34 30.22
N CYS C 156 -12.01 -9.58 29.85
CA CYS C 156 -11.27 -10.65 30.45
C CYS C 156 -10.04 -10.96 29.61
N GLY C 157 -9.10 -11.71 30.17
CA GLY C 157 -8.03 -12.25 29.37
C GLY C 157 -7.10 -11.27 28.65
N GLU C 158 -6.66 -10.21 29.30
CA GLU C 158 -5.73 -9.27 28.68
C GLU C 158 -4.29 -9.75 28.84
N ILE C 159 -4.01 -10.47 29.92
CA ILE C 159 -2.64 -10.87 30.23
C ILE C 159 -2.14 -11.99 29.32
N ASP C 160 -0.84 -12.04 29.09
CA ASP C 160 -0.24 -12.70 27.92
C ASP C 160 -0.11 -14.23 28.04
N CYS C 161 -0.91 -14.85 28.90
CA CYS C 161 -1.11 -16.29 28.89
C CYS C 161 -1.61 -16.75 27.55
N GLU C 162 -1.11 -17.90 27.12
CA GLU C 162 -1.55 -18.51 25.89
C GLU C 162 -1.47 -20.01 26.04
N PRO C 163 -2.42 -20.73 25.45
CA PRO C 163 -2.31 -22.17 25.35
C PRO C 163 -1.13 -22.64 24.54
N VAL C 164 -0.67 -23.83 24.87
CA VAL C 164 0.41 -24.43 24.15
C VAL C 164 0.48 -25.88 24.55
N ASP C 165 0.85 -26.74 23.60
CA ASP C 165 1.04 -28.17 23.89
C ASP C 165 -0.23 -28.73 24.56
N GLU C 166 -0.08 -29.35 25.74
CA GLU C 166 -1.21 -30.05 26.34
C GLU C 166 -2.17 -29.13 27.08
N PHE C 167 -1.82 -27.87 27.17
CA PHE C 167 -2.57 -26.89 27.94
C PHE C 167 -3.49 -26.16 26.99
N GLN C 168 -4.75 -26.55 26.90
CA GLN C 168 -5.64 -26.01 25.90
C GLN C 168 -6.99 -25.55 26.43
N GLY C 169 -7.66 -24.73 25.66
CA GLY C 169 -9.01 -24.35 25.95
C GLY C 169 -9.19 -23.44 27.13
N HIS C 170 -10.42 -23.48 27.62
CA HIS C 170 -10.90 -22.66 28.72
C HIS C 170 -9.87 -22.18 29.73
N ASP C 171 -9.06 -23.09 30.29
CA ASP C 171 -8.24 -22.68 31.43
C ASP C 171 -7.05 -21.81 31.03
N TYR C 172 -6.65 -21.89 29.76
CA TYR C 172 -5.41 -21.28 29.30
C TYR C 172 -5.57 -20.15 28.27
N LEU C 173 -6.77 -19.96 27.76
CA LEU C 173 -7.05 -18.88 26.82
C LEU C 173 -7.01 -17.54 27.49
N ALA C 174 -6.76 -16.50 26.70
CA ALA C 174 -6.82 -15.15 27.25
C ALA C 174 -7.16 -14.12 26.17
N GLU C 175 -6.19 -13.62 25.41
CA GLU C 175 -6.49 -12.47 24.56
C GLU C 175 -7.51 -12.75 23.45
N ASP C 176 -7.56 -13.98 22.97
CA ASP C 176 -8.48 -14.32 21.91
C ASP C 176 -9.91 -14.22 22.39
N ILE C 177 -10.14 -14.35 23.68
CA ILE C 177 -11.50 -14.25 24.17
C ILE C 177 -11.75 -12.89 24.85
N GLY C 178 -10.76 -12.00 24.88
CA GLY C 178 -10.95 -10.71 25.54
C GLY C 178 -11.39 -9.60 24.63
N ALA C 179 -10.71 -8.48 24.69
CA ALA C 179 -11.08 -7.30 23.93
C ALA C 179 -11.41 -7.55 22.48
N ARG C 180 -10.58 -8.29 21.76
CA ARG C 180 -10.93 -8.49 20.37
C ARG C 180 -12.29 -9.11 20.25
N TYR C 181 -12.58 -10.08 21.12
CA TYR C 181 -13.83 -10.78 21.03
C TYR C 181 -14.91 -9.77 21.32
N ALA C 182 -14.70 -8.89 22.29
CA ALA C 182 -15.77 -7.97 22.68
C ALA C 182 -16.07 -6.96 21.59
N ILE C 183 -15.03 -6.35 21.04
CA ILE C 183 -15.17 -5.40 19.96
C ILE C 183 -15.87 -6.07 18.77
N SER C 184 -15.44 -7.28 18.43
CA SER C 184 -16.00 -7.97 17.29
C SER C 184 -17.44 -8.27 17.49
N HIS C 185 -17.90 -8.30 18.74
CA HIS C 185 -19.27 -8.70 18.97
C HIS C 185 -20.06 -7.56 19.47
N GLY C 186 -19.60 -6.36 19.12
CA GLY C 186 -20.44 -5.18 19.14
C GLY C 186 -19.94 -3.98 19.89
N ALA C 187 -18.87 -4.14 20.65
CA ALA C 187 -18.38 -3.05 21.50
C ALA C 187 -17.47 -2.12 20.68
N ILE C 188 -18.05 -1.56 19.63
CA ILE C 188 -17.37 -0.67 18.71
C ILE C 188 -17.69 0.81 18.96
N SER C 189 -16.70 1.65 18.66
CA SER C 189 -16.80 3.07 18.83
C SER C 189 -15.89 3.76 17.83
N ASP C 190 -15.95 5.09 17.77
CA ASP C 190 -15.04 5.85 16.93
C ASP C 190 -13.63 5.94 17.51
N TYR C 191 -13.50 6.03 18.83
CA TYR C 191 -12.21 6.13 19.49
C TYR C 191 -12.22 5.31 20.77
N ALA C 192 -11.05 4.93 21.28
CA ALA C 192 -10.97 4.14 22.51
C ALA C 192 -9.79 4.49 23.38
N LEU C 193 -10.08 4.80 24.62
CA LEU C 193 -9.08 5.04 25.62
C LEU C 193 -8.97 3.79 26.49
N VAL C 194 -7.78 3.24 26.54
CA VAL C 194 -7.50 2.11 27.38
C VAL C 194 -6.88 2.62 28.67
N ALA C 195 -7.59 2.39 29.77
CA ALA C 195 -7.14 2.88 31.06
C ALA C 195 -6.20 1.88 31.68
N GLU C 196 -4.96 2.27 31.89
CA GLU C 196 -3.99 1.40 32.51
C GLU C 196 -3.10 2.33 33.34
N ALA C 197 -2.25 1.79 34.20
CA ALA C 197 -1.38 2.65 35.02
C ALA C 197 -0.17 3.17 34.25
N THR C 198 -0.28 4.38 33.73
CA THR C 198 0.76 4.97 32.89
C THR C 198 1.33 6.23 33.46
N ASN C 199 0.85 6.61 34.65
CA ASN C 199 1.36 7.78 35.36
C ASN C 199 1.13 9.00 34.46
N PHE C 200 -0.10 9.07 33.97
CA PHE C 200 -0.56 10.19 33.16
C PHE C 200 0.31 10.47 31.92
N LYS C 201 0.96 9.43 31.39
CA LYS C 201 1.69 9.50 30.12
C LYS C 201 0.96 8.68 29.03
N PRO C 202 0.52 9.33 27.95
CA PRO C 202 -0.24 8.56 26.96
C PRO C 202 0.65 7.88 25.94
N ALA C 203 0.30 6.66 25.53
CA ALA C 203 1.00 5.95 24.45
C ALA C 203 0.01 5.53 23.37
N TRP C 204 0.45 5.43 22.12
CA TRP C 204 -0.45 4.85 21.12
C TRP C 204 0.31 4.06 20.06
N VAL C 205 1.44 3.50 20.47
CA VAL C 205 2.03 2.39 19.76
C VAL C 205 2.31 1.30 20.78
N GLU C 206 2.06 0.05 20.41
CA GLU C 206 2.48 -1.08 21.22
C GLU C 206 3.16 -2.14 20.34
N ALA C 207 3.95 -3.02 20.95
CA ALA C 207 4.54 -4.14 20.22
C ALA C 207 3.54 -5.25 20.01
N GLY C 208 3.83 -6.09 19.03
CA GLY C 208 3.16 -7.35 18.83
C GLY C 208 4.08 -8.41 19.40
N LYS C 209 3.85 -9.68 19.08
CA LYS C 209 4.66 -10.72 19.64
C LYS C 209 4.57 -11.99 18.85
N VAL C 210 5.65 -12.78 18.93
CA VAL C 210 5.70 -14.15 18.43
C VAL C 210 6.25 -15.04 19.52
N PHE C 211 5.54 -16.12 19.87
CA PHE C 211 6.09 -17.08 20.80
C PHE C 211 6.63 -18.26 20.02
N LEU C 212 7.81 -18.74 20.42
CA LEU C 212 8.49 -19.83 19.73
C LEU C 212 8.84 -20.95 20.68
N LYS C 213 8.48 -22.15 20.25
CA LYS C 213 8.90 -23.35 20.92
C LYS C 213 10.10 -23.85 20.16
N VAL C 214 11.20 -24.03 20.87
CA VAL C 214 12.44 -24.45 20.23
C VAL C 214 12.82 -25.73 20.89
N THR C 215 12.80 -26.79 20.10
CA THR C 215 13.10 -28.14 20.57
C THR C 215 14.41 -28.63 19.94
N VAL C 216 15.42 -28.85 20.74
CA VAL C 216 16.66 -29.31 20.19
C VAL C 216 16.64 -30.84 20.18
N PHE C 217 17.13 -31.40 19.07
CA PHE C 217 17.19 -32.84 18.88
C PHE C 217 18.54 -33.41 19.26
N ALA C 218 18.56 -34.55 19.91
CA ALA C 218 19.82 -35.21 20.23
C ALA C 218 19.62 -36.73 20.17
N GLY C 219 20.06 -37.46 21.20
CA GLY C 219 19.98 -38.90 21.20
C GLY C 219 21.22 -39.58 20.66
N PRO C 220 21.23 -40.92 20.63
CA PRO C 220 20.14 -41.74 21.15
C PRO C 220 20.15 -41.78 22.69
N SER C 221 18.96 -41.90 23.26
CA SER C 221 18.78 -41.97 24.69
C SER C 221 19.28 -43.31 25.24
N ARG C 222 19.96 -43.28 26.37
CA ARG C 222 20.42 -44.49 27.00
C ARG C 222 20.05 -44.52 28.47
N TYR C 223 19.86 -45.74 28.99
CA TYR C 223 19.78 -45.98 30.42
C TYR C 223 21.09 -45.50 31.06
N THR C 224 21.01 -44.88 32.23
CA THR C 224 22.13 -44.11 32.76
C THR C 224 23.47 -44.89 32.82
N PRO C 225 23.46 -46.17 33.23
CA PRO C 225 24.74 -46.89 33.27
C PRO C 225 25.44 -47.06 31.90
N TYR C 226 24.80 -46.64 30.82
CA TYR C 226 25.32 -46.77 29.47
C TYR C 226 25.68 -45.42 28.84
N VAL C 227 25.62 -44.33 29.60
CA VAL C 227 25.81 -43.00 29.00
C VAL C 227 27.26 -42.85 28.58
N PRO C 228 27.49 -42.44 27.33
CA PRO C 228 28.86 -42.25 26.90
C PRO C 228 29.46 -40.95 27.45
N ARG C 229 30.64 -41.06 28.03
CA ARG C 229 31.41 -39.92 28.47
C ARG C 229 32.89 -40.23 28.19
N PRO C 230 33.73 -39.20 28.01
CA PRO C 230 33.41 -37.78 27.92
C PRO C 230 33.04 -37.38 26.49
N VAL C 231 32.09 -36.46 26.37
CA VAL C 231 31.64 -35.93 25.08
C VAL C 231 31.45 -34.44 25.20
N ALA C 232 31.70 -33.71 24.11
CA ALA C 232 31.53 -32.25 24.07
C ALA C 232 30.06 -31.83 24.17
N ALA C 233 29.77 -30.71 24.83
CA ALA C 233 28.38 -30.31 25.07
C ALA C 233 27.54 -30.25 23.78
N LEU C 234 28.07 -29.64 22.72
CA LEU C 234 27.33 -29.58 21.47
C LEU C 234 27.07 -30.96 20.84
N ASP C 235 27.81 -31.98 21.30
CA ASP C 235 27.65 -33.33 20.74
C ASP C 235 27.00 -34.31 21.70
N SER C 236 26.59 -33.83 22.89
CA SER C 236 26.05 -34.73 23.92
C SER C 236 24.77 -35.41 23.47
N PRO C 237 24.65 -36.68 23.77
CA PRO C 237 23.40 -37.34 23.40
C PRO C 237 22.20 -36.80 24.19
N ASN C 238 22.48 -36.00 25.22
CA ASN C 238 21.43 -35.46 26.08
C ASN C 238 21.00 -34.07 25.61
N ALA C 239 19.75 -33.93 25.22
CA ALA C 239 19.30 -32.67 24.67
C ALA C 239 19.33 -31.54 25.70
N ILE C 240 19.22 -31.88 26.99
CA ILE C 240 19.32 -30.84 28.00
C ILE C 240 20.70 -30.18 27.96
N VAL C 241 21.72 -30.97 27.63
CA VAL C 241 23.10 -30.49 27.64
C VAL C 241 23.39 -29.69 26.37
N ARG C 242 22.86 -30.11 25.23
CA ARG C 242 22.98 -29.27 24.05
C ARG C 242 22.22 -27.99 24.25
N MSE C 243 21.07 -28.11 24.90
CA MSE C 243 20.23 -26.94 25.09
C MSE C 243 20.95 -25.87 25.90
O MSE C 243 20.64 -24.70 25.75
CB MSE C 243 18.94 -27.32 25.79
CG MSE C 243 18.03 -26.13 26.02
SE MSE C 243 17.41 -25.26 24.34
CE MSE C 243 15.98 -26.56 23.95
N ALA C 244 21.91 -26.25 26.74
CA ALA C 244 22.63 -25.22 27.48
C ALA C 244 23.43 -24.34 26.51
N LYS C 245 24.03 -24.94 25.49
CA LYS C 245 24.80 -24.14 24.57
C LYS C 245 23.86 -23.29 23.76
N LEU C 246 22.70 -23.82 23.43
CA LEU C 246 21.81 -23.06 22.57
C LEU C 246 21.23 -21.89 23.35
N VAL C 247 21.02 -22.07 24.65
CA VAL C 247 20.49 -21.00 25.48
C VAL C 247 21.47 -19.85 25.54
N GLU C 248 22.73 -20.16 25.79
CA GLU C 248 23.78 -19.14 25.77
C GLU C 248 23.80 -18.38 24.43
N ALA C 249 23.66 -19.10 23.32
CA ALA C 249 23.66 -18.47 22.03
C ALA C 249 22.45 -17.59 21.79
N LEU C 250 21.30 -18.03 22.27
CA LEU C 250 20.05 -17.29 22.06
C LEU C 250 20.02 -16.07 22.92
N GLU C 251 20.67 -16.11 24.07
CA GLU C 251 20.82 -14.91 24.88
C GLU C 251 21.63 -13.82 24.16
N GLU C 252 22.71 -14.24 23.51
CA GLU C 252 23.54 -13.31 22.75
C GLU C 252 22.69 -12.70 21.64
N TRP C 253 21.95 -13.54 20.93
CA TRP C 253 21.10 -13.07 19.83
C TRP C 253 20.11 -12.03 20.34
N ALA C 254 19.55 -12.34 21.51
CA ALA C 254 18.59 -11.47 22.16
C ALA C 254 19.17 -10.13 22.56
N ASP C 255 20.45 -10.10 22.91
CA ASP C 255 21.10 -8.86 23.33
C ASP C 255 21.08 -7.88 22.17
N ASN C 256 21.36 -8.36 20.97
CA ASN C 256 21.42 -7.47 19.80
C ASN C 256 20.08 -7.31 19.14
N TYR C 257 19.16 -8.24 19.40
CA TYR C 257 17.89 -8.20 18.69
C TYR C 257 17.15 -6.91 19.02
N GLU C 258 17.18 -6.54 20.29
CA GLU C 258 16.39 -5.40 20.69
C GLU C 258 17.00 -4.13 20.15
N LYS C 259 18.29 -4.13 19.88
CA LYS C 259 18.90 -2.92 19.35
C LYS C 259 18.56 -2.81 17.89
N ARG C 260 18.80 -3.90 17.15
CA ARG C 260 18.54 -3.90 15.72
C ARG C 260 17.11 -3.54 15.36
N TYR C 261 16.16 -3.88 16.22
CA TYR C 261 14.75 -3.72 15.86
C TYR C 261 14.07 -2.61 16.65
N THR C 262 14.87 -1.84 17.39
CA THR C 262 14.37 -0.63 18.04
C THR C 262 13.84 0.26 16.96
N ARG C 263 12.73 0.93 17.21
CA ARG C 263 12.17 1.73 16.16
C ARG C 263 11.28 2.83 16.71
N GLU C 264 11.49 4.08 16.29
CA GLU C 264 10.70 5.20 16.80
C GLU C 264 9.50 5.53 15.94
N TYR C 265 8.35 5.67 16.58
CA TYR C 265 7.11 6.06 15.93
C TYR C 265 6.64 7.35 16.59
N GLY C 266 5.70 8.02 15.94
CA GLY C 266 5.07 9.17 16.55
C GLY C 266 4.46 8.86 17.91
N GLY C 267 3.91 7.66 18.07
CA GLY C 267 3.23 7.31 19.30
C GLY C 267 4.06 6.73 20.43
N GLY C 268 5.36 6.58 20.23
CA GLY C 268 6.25 6.07 21.24
C GLY C 268 7.46 5.40 20.61
N THR C 269 8.49 5.10 21.38
CA THR C 269 9.61 4.31 20.84
C THR C 269 9.46 2.86 21.25
N VAL C 270 9.50 1.96 20.26
CA VAL C 270 9.40 0.56 20.51
C VAL C 270 10.77 -0.10 20.60
N VAL C 271 11.06 -0.67 21.76
CA VAL C 271 12.24 -1.49 21.97
C VAL C 271 11.81 -2.93 22.23
N PRO C 272 11.79 -3.75 21.20
CA PRO C 272 11.22 -5.09 21.33
C PRO C 272 12.21 -6.08 21.95
N LYS C 273 11.83 -6.67 23.07
CA LYS C 273 12.71 -7.52 23.84
C LYS C 273 12.34 -8.99 23.72
N VAL C 274 13.26 -9.84 24.18
CA VAL C 274 13.20 -11.27 24.05
C VAL C 274 13.45 -11.93 25.38
N ALA C 275 12.77 -13.01 25.68
CA ALA C 275 13.09 -13.70 26.91
C ALA C 275 12.69 -15.15 26.84
N ILE C 276 13.46 -16.00 27.49
CA ILE C 276 13.15 -17.40 27.55
C ILE C 276 12.32 -17.66 28.78
N GLY C 277 11.04 -17.91 28.57
CA GLY C 277 10.07 -17.96 29.65
C GLY C 277 9.90 -19.31 30.28
N ALA C 278 10.23 -20.38 29.57
CA ALA C 278 10.10 -21.71 30.16
C ALA C 278 10.95 -22.72 29.45
N ILE C 279 11.33 -23.76 30.17
CA ILE C 279 12.06 -24.86 29.60
C ILE C 279 11.48 -26.13 30.16
N ARG C 280 11.41 -27.18 29.33
CA ARG C 280 11.23 -28.52 29.89
C ARG C 280 11.79 -29.60 28.99
N GLY C 281 12.44 -30.58 29.60
CA GLY C 281 13.06 -31.66 28.89
C GLY C 281 13.00 -32.89 29.76
N GLY C 282 12.54 -33.99 29.20
CA GLY C 282 12.26 -35.14 30.01
C GLY C 282 11.08 -34.89 30.92
N VAL C 283 10.78 -35.85 31.75
CA VAL C 283 9.77 -35.71 32.81
C VAL C 283 10.38 -36.09 34.18
N PRO C 284 10.04 -35.33 35.22
CA PRO C 284 10.71 -35.57 36.50
C PRO C 284 10.54 -36.94 37.12
N TYR C 285 9.43 -37.61 36.83
CA TYR C 285 9.14 -38.94 37.38
C TYR C 285 9.70 -40.11 36.55
N LYS C 286 10.48 -39.84 35.51
CA LYS C 286 11.18 -40.88 34.72
C LYS C 286 12.55 -40.38 34.29
N ILE C 287 13.54 -40.42 35.17
CA ILE C 287 14.82 -39.79 34.85
C ILE C 287 15.96 -40.72 34.58
N TYR C 288 15.67 -42.02 34.57
CA TYR C 288 16.70 -43.03 34.38
C TYR C 288 17.13 -43.17 32.91
N ARG C 289 16.51 -42.42 32.00
CA ARG C 289 16.94 -42.36 30.59
C ARG C 289 16.92 -40.92 30.16
N PHE C 290 18.07 -40.36 29.90
CA PHE C 290 18.11 -38.96 29.57
C PHE C 290 17.37 -38.73 28.26
N PRO C 291 16.85 -37.50 28.06
CA PRO C 291 15.97 -37.17 26.95
C PRO C 291 16.68 -36.91 25.65
N GLU C 292 16.04 -37.22 24.52
CA GLU C 292 16.53 -36.93 23.17
C GLU C 292 16.02 -35.58 22.72
N LEU C 293 14.98 -35.10 23.40
CA LEU C 293 14.39 -33.78 23.15
C LEU C 293 14.35 -32.87 24.39
N CYS C 294 14.56 -31.57 24.16
CA CYS C 294 14.40 -30.56 25.19
C CYS C 294 13.82 -29.31 24.54
N SER C 295 12.86 -28.68 25.21
CA SER C 295 12.17 -27.52 24.66
C SER C 295 12.29 -26.30 25.54
N ILE C 296 12.47 -25.15 24.88
CA ILE C 296 12.32 -23.85 25.53
C ILE C 296 11.21 -23.08 24.83
N TYR C 297 10.65 -22.11 25.53
CA TYR C 297 9.53 -21.35 25.06
C TYR C 297 9.93 -19.89 25.13
N MSE C 298 9.94 -19.19 24.00
CA MSE C 298 10.46 -17.82 23.95
C MSE C 298 9.41 -16.77 23.70
O MSE C 298 8.63 -16.86 22.79
CB MSE C 298 11.45 -17.69 22.85
CG MSE C 298 12.63 -18.61 22.94
SE MSE C 298 13.78 -18.44 21.35
CE MSE C 298 14.50 -16.64 21.78
N ASP C 299 9.47 -15.71 24.49
CA ASP C 299 8.66 -14.53 24.28
C ASP C 299 9.48 -13.57 23.49
N ILE C 300 9.07 -13.33 22.25
CA ILE C 300 9.75 -12.37 21.38
C ILE C 300 8.80 -11.29 20.96
N ARG C 301 9.02 -10.06 21.45
CA ARG C 301 8.20 -8.95 21.03
C ARG C 301 8.57 -8.48 19.61
N LEU C 302 7.61 -7.89 18.92
CA LEU C 302 7.78 -7.36 17.56
C LEU C 302 7.39 -5.90 17.46
N ASN C 303 8.15 -5.08 16.75
CA ASN C 303 7.68 -3.74 16.45
C ASN C 303 6.61 -3.93 15.40
N PRO C 304 5.78 -2.92 15.16
CA PRO C 304 4.66 -3.15 14.24
C PRO C 304 5.05 -3.51 12.83
N ASP C 305 6.32 -3.40 12.52
CA ASP C 305 6.73 -3.53 11.13
C ASP C 305 7.54 -4.77 10.89
N THR C 306 7.57 -5.68 11.84
CA THR C 306 8.33 -6.90 11.70
C THR C 306 7.49 -8.15 11.52
N ASN C 307 7.72 -8.81 10.40
CA ASN C 307 7.15 -10.11 10.08
C ASN C 307 7.70 -11.16 11.01
N PRO C 308 6.81 -11.96 11.66
CA PRO C 308 7.25 -12.99 12.59
C PRO C 308 8.14 -14.07 11.96
N LEU C 309 7.96 -14.32 10.68
CA LEU C 309 8.81 -15.30 10.00
C LEU C 309 10.26 -14.82 9.87
N VAL C 310 10.48 -13.52 9.71
CA VAL C 310 11.84 -13.01 9.71
C VAL C 310 12.55 -13.43 10.99
N VAL C 311 11.86 -13.32 12.13
CA VAL C 311 12.43 -13.69 13.42
C VAL C 311 12.60 -15.20 13.57
N GLN C 312 11.64 -15.94 13.03
CA GLN C 312 11.75 -17.39 13.12
C GLN C 312 13.01 -17.82 12.41
N ARG C 313 13.24 -17.34 11.20
CA ARG C 313 14.47 -17.68 10.46
C ARG C 313 15.73 -17.25 11.21
N GLU C 314 15.69 -16.12 11.90
CA GLU C 314 16.86 -15.69 12.62
C GLU C 314 17.21 -16.68 13.69
N VAL C 315 16.19 -17.23 14.35
CA VAL C 315 16.40 -18.16 15.46
C VAL C 315 16.90 -19.48 14.93
N GLU C 316 16.29 -19.89 13.83
CA GLU C 316 16.71 -21.08 13.10
C GLU C 316 18.19 -20.96 12.69
N ALA C 317 18.62 -19.75 12.40
CA ALA C 317 19.99 -19.52 11.97
C ALA C 317 20.95 -19.62 13.13
N VAL C 318 20.56 -19.12 14.29
CA VAL C 318 21.38 -19.33 15.48
C VAL C 318 21.60 -20.83 15.75
N VAL C 319 20.56 -21.62 15.49
CA VAL C 319 20.58 -23.06 15.70
C VAL C 319 21.58 -23.67 14.71
N SER C 320 21.47 -23.28 13.45
CA SER C 320 22.33 -23.78 12.37
C SER C 320 23.80 -23.43 12.59
N LYS C 321 24.07 -22.23 13.04
CA LYS C 321 25.43 -21.76 13.24
C LYS C 321 26.13 -22.51 14.38
N LEU C 322 25.37 -23.23 15.20
CA LEU C 322 25.95 -24.08 16.25
C LEU C 322 26.01 -25.53 15.76
N GLY C 323 25.47 -25.76 14.57
CA GLY C 323 25.42 -27.09 13.99
C GLY C 323 24.53 -28.04 14.74
N LEU C 324 23.50 -27.48 15.36
CA LEU C 324 22.49 -28.26 16.05
C LEU C 324 21.32 -28.47 15.10
N LYS C 325 20.50 -29.47 15.39
CA LYS C 325 19.27 -29.67 14.65
C LYS C 325 18.10 -29.36 15.62
N ALA C 326 17.12 -28.59 15.18
CA ALA C 326 15.99 -28.25 16.05
C ALA C 326 14.75 -27.92 15.29
N GLU C 327 13.62 -28.11 15.95
CA GLU C 327 12.35 -27.66 15.46
C GLU C 327 12.07 -26.30 16.08
N VAL C 328 11.87 -25.28 15.25
CA VAL C 328 11.51 -23.95 15.74
C VAL C 328 10.06 -23.70 15.37
N LYS C 329 9.16 -23.85 16.34
CA LYS C 329 7.70 -23.86 16.08
C LYS C 329 7.01 -22.68 16.71
N PRO C 330 6.39 -21.82 15.90
CA PRO C 330 5.63 -20.72 16.49
C PRO C 330 4.38 -21.24 17.16
N PHE C 331 3.98 -20.72 18.31
CA PHE C 331 2.67 -21.05 18.85
C PHE C 331 1.85 -19.84 19.24
N LEU C 332 2.30 -18.65 18.87
CA LEU C 332 1.54 -17.45 19.05
C LEU C 332 2.02 -16.36 18.15
N PHE C 333 1.12 -15.69 17.43
CA PHE C 333 1.45 -14.49 16.68
C PHE C 333 0.39 -13.42 16.86
N ARG C 334 0.82 -12.26 17.37
CA ARG C 334 -0.05 -11.07 17.38
C ARG C 334 0.65 -9.85 16.85
N ARG C 335 -0.07 -9.07 16.08
CA ARG C 335 0.50 -7.84 15.54
C ARG C 335 0.40 -6.70 16.52
N GLY C 336 1.45 -5.88 16.54
CA GLY C 336 1.39 -4.56 17.16
C GLY C 336 0.96 -3.50 16.17
N TYR C 337 0.45 -2.39 16.67
CA TYR C 337 -0.04 -1.30 15.83
C TYR C 337 0.35 0.08 16.36
N GLU C 338 0.58 1.04 15.47
CA GLU C 338 0.58 2.43 15.88
C GLU C 338 -0.79 3.00 15.52
N ALA C 339 -1.44 3.68 16.45
CA ALA C 339 -2.75 4.23 16.16
C ALA C 339 -2.72 5.18 14.96
N GLN C 340 -3.71 5.12 14.09
CA GLN C 340 -3.79 6.03 12.96
C GLN C 340 -5.04 6.87 13.08
N GLY C 341 -4.89 8.19 13.05
CA GLY C 341 -6.04 9.10 13.17
C GLY C 341 -6.43 9.28 14.61
N ILE C 342 -5.43 9.23 15.50
CA ILE C 342 -5.58 9.34 16.95
C ILE C 342 -5.74 10.79 17.37
N GLU C 343 -5.50 11.75 16.47
CA GLU C 343 -5.26 13.14 16.87
C GLU C 343 -6.40 13.78 17.67
N PRO C 344 -7.66 13.60 17.25
CA PRO C 344 -8.81 14.11 18.00
C PRO C 344 -8.92 13.60 19.42
N LEU C 345 -8.64 12.31 19.64
CA LEU C 345 -8.61 11.77 20.99
C LEU C 345 -7.37 12.25 21.74
N GLN C 346 -6.22 12.25 21.08
CA GLN C 346 -5.00 12.79 21.66
C GLN C 346 -5.21 14.22 22.13
N ASN C 347 -5.95 15.01 21.35
CA ASN C 347 -6.12 16.41 21.67
C ASN C 347 -7.08 16.58 22.83
N ALA C 348 -8.22 15.90 22.78
CA ALA C 348 -9.19 16.00 23.85
C ALA C 348 -8.55 15.63 25.19
N LEU C 349 -7.72 14.60 25.16
CA LEU C 349 -7.03 14.13 26.36
C LEU C 349 -6.01 15.17 26.81
N GLU C 350 -5.24 15.70 25.87
CA GLU C 350 -4.22 16.66 26.23
C GLU C 350 -4.81 17.91 26.90
N VAL C 351 -5.96 18.36 26.41
CA VAL C 351 -6.57 19.56 26.94
C VAL C 351 -7.09 19.26 28.33
N ALA C 352 -7.75 18.12 28.50
CA ALA C 352 -8.25 17.74 29.83
C ALA C 352 -7.11 17.53 30.82
N HIS C 353 -6.06 16.90 30.35
CA HIS C 353 -4.93 16.64 31.20
C HIS C 353 -4.34 17.94 31.69
N ARG C 354 -4.16 18.89 30.79
CA ARG C 354 -3.53 20.15 31.16
C ARG C 354 -4.38 20.89 32.21
N GLU C 355 -5.70 20.85 32.08
CA GLU C 355 -6.57 21.54 33.03
C GLU C 355 -6.57 20.92 34.43
N VAL C 356 -6.55 19.60 34.50
CA VAL C 356 -6.69 18.87 35.75
C VAL C 356 -5.36 18.62 36.45
N VAL C 357 -4.34 18.28 35.68
CA VAL C 357 -3.01 17.94 36.22
C VAL C 357 -2.08 19.18 36.21
N GLY C 358 -2.31 20.10 35.27
CA GLY C 358 -1.65 21.39 35.28
C GLY C 358 -0.33 21.54 34.52
N ARG C 359 0.15 20.46 33.94
CA ARG C 359 1.38 20.46 33.15
C ARG C 359 1.01 19.85 31.85
N PRO C 360 1.85 20.02 30.81
CA PRO C 360 1.58 19.19 29.62
C PRO C 360 1.99 17.72 29.90
N THR C 361 1.44 16.76 29.14
CA THR C 361 1.72 15.33 29.38
C THR C 361 3.16 15.05 29.01
N GLU C 362 3.83 14.20 29.78
CA GLU C 362 5.19 13.73 29.42
C GLU C 362 5.17 12.51 28.47
N ARG C 363 6.30 12.25 27.82
CA ARG C 363 6.40 11.17 26.85
C ARG C 363 6.65 9.88 27.62
N PRO C 364 6.02 8.77 27.22
CA PRO C 364 6.23 7.53 27.97
C PRO C 364 7.57 6.90 27.66
N GLY C 365 8.09 6.08 28.57
CA GLY C 365 9.31 5.33 28.29
C GLY C 365 9.06 4.24 27.26
N SER C 366 10.12 3.68 26.72
CA SER C 366 9.93 2.72 25.66
C SER C 366 9.30 1.37 26.14
N PRO C 367 9.59 0.91 27.38
CA PRO C 367 8.88 -0.31 27.79
C PRO C 367 7.35 -0.24 27.71
N GLU C 368 6.79 0.92 28.05
CA GLU C 368 5.36 1.12 28.12
C GLU C 368 4.74 1.23 26.69
N CYS C 369 5.63 1.31 25.70
CA CYS C 369 5.28 1.29 24.30
C CYS C 369 5.70 -0.02 23.63
N SER C 370 6.39 -0.90 24.35
CA SER C 370 6.94 -2.11 23.77
C SER C 370 6.39 -3.40 24.40
N MSE C 371 5.15 -3.32 24.83
CA MSE C 371 4.50 -4.43 25.50
C MSE C 371 3.15 -4.70 24.83
O MSE C 371 2.89 -4.17 23.76
CB MSE C 371 4.32 -4.08 26.96
CG MSE C 371 3.37 -2.90 27.15
SE MSE C 371 3.06 -2.51 29.06
CE MSE C 371 4.91 -2.52 29.75
N TRP C 372 2.32 -5.54 25.44
CA TRP C 372 0.97 -5.74 24.94
C TRP C 372 0.03 -4.82 25.68
N ARG C 373 -0.90 -4.25 24.94
CA ARG C 373 -1.97 -3.47 25.52
C ARG C 373 -3.19 -3.68 24.70
N ASP C 374 -4.36 -3.47 25.26
CA ASP C 374 -5.56 -3.68 24.46
C ASP C 374 -5.77 -2.53 23.47
N THR C 375 -4.78 -1.69 23.27
CA THR C 375 -4.90 -0.75 22.15
C THR C 375 -4.70 -1.51 20.86
N ASN C 376 -3.93 -2.59 20.89
CA ASN C 376 -3.69 -3.36 19.69
C ASN C 376 -5.02 -3.83 19.03
N PRO C 377 -5.91 -4.55 19.74
CA PRO C 377 -7.15 -4.94 19.04
C PRO C 377 -8.00 -3.78 18.55
N TYR C 378 -8.07 -2.69 19.30
CA TYR C 378 -8.83 -1.55 18.87
C TYR C 378 -8.25 -0.99 17.56
N ASN C 379 -6.95 -0.84 17.53
CA ASN C 379 -6.33 -0.27 16.34
C ASN C 379 -6.42 -1.22 15.18
N GLU C 380 -6.34 -2.52 15.46
CA GLU C 380 -6.48 -3.52 14.42
C GLU C 380 -7.86 -3.46 13.77
N LEU C 381 -8.87 -3.03 14.51
CA LEU C 381 -10.21 -3.02 13.98
C LEU C 381 -10.61 -1.61 13.59
N GLY C 382 -9.62 -0.72 13.50
CA GLY C 382 -9.86 0.59 12.93
C GLY C 382 -10.42 1.64 13.86
N ILE C 383 -10.25 1.39 15.15
CA ILE C 383 -10.70 2.28 16.17
C ILE C 383 -9.41 2.84 16.77
N PRO C 384 -9.10 4.11 16.47
CA PRO C 384 -7.84 4.69 16.94
C PRO C 384 -7.82 4.71 18.45
N SER C 385 -6.71 4.28 19.03
CA SER C 385 -6.70 3.99 20.44
C SER C 385 -5.38 4.22 21.14
N LEU C 386 -5.48 4.82 22.32
CA LEU C 386 -4.32 5.05 23.19
C LEU C 386 -4.56 4.57 24.63
N THR C 387 -3.49 4.58 25.40
CA THR C 387 -3.46 4.15 26.78
C THR C 387 -3.13 5.32 27.67
N TYR C 388 -3.88 5.50 28.77
CA TYR C 388 -3.62 6.57 29.73
C TYR C 388 -4.35 6.31 31.04
N GLY C 389 -3.62 6.42 32.14
CA GLY C 389 -4.24 6.41 33.44
C GLY C 389 -3.25 6.77 34.52
N CYS C 390 -3.72 6.86 35.75
CA CYS C 390 -2.84 7.19 36.87
C CYS C 390 -2.01 6.03 37.39
N GLY C 391 -0.90 6.32 38.06
CA GLY C 391 -0.19 5.33 38.89
C GLY C 391 0.94 4.61 38.21
N GLY C 392 1.66 3.77 38.96
CA GLY C 392 2.78 2.98 38.43
C GLY C 392 4.14 3.64 38.54
N ASN C 398 3.50 -0.30 40.64
CA ASN C 398 4.06 -0.28 41.98
C ASN C 398 3.12 -1.01 42.98
N THR C 399 2.88 -0.45 44.16
CA THR C 399 2.18 -1.09 45.29
C THR C 399 0.79 -0.49 45.58
N TYR C 400 0.63 0.80 45.31
CA TYR C 400 -0.60 1.51 45.61
C TYR C 400 -0.87 2.68 44.66
N PHE C 401 -2.09 3.19 44.75
CA PHE C 401 -2.54 4.38 44.06
C PHE C 401 -2.84 5.51 45.06
N LEU C 402 -2.51 6.75 44.74
CA LEU C 402 -3.06 7.85 45.54
C LEU C 402 -4.50 8.13 45.11
N VAL C 403 -5.42 8.13 46.05
CA VAL C 403 -6.81 8.46 45.74
C VAL C 403 -6.88 9.83 45.05
N ASP C 404 -5.99 10.75 45.39
CA ASP C 404 -5.98 12.04 44.69
C ASP C 404 -5.74 11.84 43.19
N ASP C 405 -4.73 11.05 42.85
CA ASP C 405 -4.42 10.75 41.45
C ASP C 405 -5.56 10.04 40.71
N MSE C 406 -6.26 9.14 41.38
CA MSE C 406 -7.40 8.50 40.78
C MSE C 406 -8.50 9.47 40.47
O MSE C 406 -9.14 9.40 39.42
CB MSE C 406 -7.93 7.43 41.71
CG MSE C 406 -6.94 6.33 42.08
SE MSE C 406 -7.77 4.92 43.18
CE MSE C 406 -9.34 4.51 42.07
N LEU C 407 -8.75 10.39 41.39
CA LEU C 407 -9.80 11.36 41.18
C LEU C 407 -9.46 12.28 39.98
N LYS C 408 -8.18 12.63 39.84
CA LYS C 408 -7.71 13.38 38.69
C LYS C 408 -7.96 12.64 37.36
N ALA C 409 -7.61 11.36 37.31
CA ALA C 409 -7.82 10.57 36.11
C ALA C 409 -9.29 10.49 35.77
N ALA C 410 -10.13 10.36 36.79
CA ALA C 410 -11.54 10.24 36.52
C ALA C 410 -12.00 11.54 35.97
N LYS C 411 -11.40 12.60 36.46
CA LYS C 411 -11.77 13.92 35.97
C LYS C 411 -11.34 14.07 34.51
N VAL C 412 -10.11 13.68 34.18
CA VAL C 412 -9.63 13.69 32.80
C VAL C 412 -10.51 12.87 31.88
N TYR C 413 -10.88 11.67 32.30
CA TYR C 413 -11.71 10.84 31.45
C TYR C 413 -13.03 11.55 31.20
N ALA C 414 -13.60 12.16 32.22
CA ALA C 414 -14.91 12.79 32.06
C ALA C 414 -14.80 13.95 31.08
N MSE C 415 -13.77 14.75 31.24
CA MSE C 415 -13.54 15.88 30.34
C MSE C 415 -13.29 15.40 28.93
O MSE C 415 -13.91 15.93 27.99
CB MSE C 415 -12.38 16.72 30.81
CG MSE C 415 -12.78 17.69 31.96
SE MSE C 415 -11.48 19.16 32.36
CE MSE C 415 -11.45 20.04 30.58
N THR C 416 -12.41 14.41 28.76
CA THR C 416 -12.09 13.90 27.44
C THR C 416 -13.39 13.52 26.74
N ALA C 417 -14.29 12.83 27.43
CA ALA C 417 -15.55 12.43 26.81
C ALA C 417 -16.38 13.63 26.43
N MSE C 418 -16.43 14.62 27.31
CA MSE C 418 -17.23 15.80 27.04
C MSE C 418 -16.74 16.59 25.82
O MSE C 418 -17.55 17.21 25.15
CB MSE C 418 -17.23 16.68 28.25
CG MSE C 418 -18.06 16.09 29.36
SE MSE C 418 -18.30 17.31 30.87
CE MSE C 418 -16.47 17.48 31.53
N ASP C 419 -15.44 16.57 25.55
CA ASP C 419 -14.89 17.22 24.38
C ASP C 419 -15.22 16.39 23.13
N LEU C 420 -14.63 15.20 23.08
CA LEU C 420 -14.66 14.34 21.91
C LEU C 420 -16.06 13.88 21.54
N CYS C 421 -16.91 13.64 22.53
CA CYS C 421 -18.22 13.08 22.22
C CYS C 421 -19.19 14.11 21.75
N ASN C 422 -18.74 15.37 21.75
CA ASN C 422 -19.57 16.43 21.19
C ASN C 422 -19.02 16.92 19.85
N ARG C 423 -17.89 16.37 19.44
CA ARG C 423 -17.33 16.64 18.13
C ARG C 423 -18.12 15.83 17.12
N THR C 424 -18.21 16.33 15.89
CA THR C 424 -18.73 15.56 14.76
C THR C 424 -17.53 14.73 14.21
N PRO C 425 -17.78 13.59 13.56
CA PRO C 425 -19.08 12.98 13.27
C PRO C 425 -19.42 11.92 14.27
N VAL D 7 11.84 22.53 20.96
CA VAL D 7 10.70 23.15 20.26
C VAL D 7 10.44 24.58 20.67
N ALA D 8 10.29 24.83 21.95
CA ALA D 8 10.04 26.18 22.41
C ALA D 8 11.20 27.08 21.97
N LYS D 9 12.41 26.52 21.89
CA LYS D 9 13.56 27.27 21.40
C LYS D 9 13.42 27.59 19.92
N VAL D 10 13.10 26.58 19.11
CA VAL D 10 12.89 26.80 17.68
C VAL D 10 11.74 27.80 17.44
N MSE D 11 10.72 27.74 18.29
CA MSE D 11 9.59 28.67 18.20
C MSE D 11 10.01 30.11 18.41
O MSE D 11 9.57 30.99 17.70
CB MSE D 11 8.50 28.34 19.23
CG MSE D 11 7.65 27.11 18.95
SE MSE D 11 6.94 26.95 17.14
CE MSE D 11 8.44 25.95 16.31
N LYS D 12 10.84 30.37 19.41
CA LYS D 12 11.28 31.73 19.63
C LYS D 12 12.37 32.12 18.63
N THR D 13 13.24 31.19 18.24
CA THR D 13 14.17 31.51 17.16
C THR D 13 13.39 32.04 15.95
N LEU D 14 12.23 31.46 15.68
CA LEU D 14 11.42 31.87 14.54
C LEU D 14 10.78 33.22 14.75
N ASP D 15 10.32 33.49 15.97
CA ASP D 15 9.77 34.81 16.30
C ASP D 15 10.80 35.91 16.05
N GLY D 16 12.07 35.59 16.28
CA GLY D 16 13.17 36.53 16.07
C GLY D 16 13.69 36.64 14.65
N MSE D 17 12.94 36.08 13.71
CA MSE D 17 13.28 36.08 12.30
C MSE D 17 12.15 36.63 11.48
O MSE D 17 12.16 36.51 10.25
CB MSE D 17 13.59 34.68 11.82
CG MSE D 17 14.85 34.11 12.37
SE MSE D 17 15.29 32.37 11.54
CE MSE D 17 17.03 32.11 12.43
N ARG D 18 11.16 37.23 12.15
CA ARG D 18 10.06 37.92 11.49
C ARG D 18 10.60 38.82 10.40
N GLU D 19 11.65 39.58 10.68
CA GLU D 19 12.15 40.54 9.70
C GLU D 19 12.83 39.86 8.50
N GLY D 20 13.64 38.82 8.74
CA GLY D 20 14.25 38.04 7.68
C GLY D 20 13.21 37.37 6.80
N LEU D 21 12.15 36.88 7.43
CA LEU D 21 11.04 36.30 6.69
C LEU D 21 10.42 37.31 5.74
N ILE D 22 10.16 38.52 6.22
CA ILE D 22 9.56 39.57 5.40
C ILE D 22 10.51 40.02 4.28
N GLN D 23 11.79 40.15 4.60
CA GLN D 23 12.74 40.58 3.60
C GLN D 23 12.78 39.54 2.49
N THR D 24 13.03 38.28 2.88
CA THR D 24 13.14 37.16 1.96
C THR D 24 11.96 37.12 1.00
N ALA D 25 10.76 37.22 1.55
CA ALA D 25 9.58 37.20 0.71
C ALA D 25 9.54 38.38 -0.27
N VAL D 26 9.87 39.58 0.18
CA VAL D 26 9.71 40.76 -0.66
C VAL D 26 10.73 40.77 -1.79
N GLU D 27 11.97 40.48 -1.44
CA GLU D 27 13.05 40.40 -2.43
C GLU D 27 12.71 39.34 -3.47
N LEU D 28 12.21 38.19 -3.04
CA LEU D 28 11.91 37.11 -3.97
C LEU D 28 10.75 37.49 -4.86
N GLY D 29 9.72 38.08 -4.26
CA GLY D 29 8.51 38.42 -5.00
C GLY D 29 8.71 39.57 -5.98
N SER D 30 9.85 40.24 -5.85
CA SER D 30 10.13 41.44 -6.63
C SER D 30 10.87 41.01 -7.89
N ILE D 31 11.51 39.85 -7.83
CA ILE D 31 12.24 39.31 -8.97
C ILE D 31 11.20 38.81 -9.95
N GLU D 32 11.33 39.28 -11.17
CA GLU D 32 10.43 38.95 -12.24
C GLU D 32 10.78 37.55 -12.78
N ALA D 33 9.79 36.65 -12.81
CA ALA D 33 10.07 35.24 -13.05
C ALA D 33 8.93 34.43 -13.66
N PRO D 34 8.37 34.83 -14.81
CA PRO D 34 7.40 33.93 -15.42
C PRO D 34 8.03 32.68 -16.01
N THR D 35 7.22 31.66 -16.24
CA THR D 35 7.70 30.40 -16.77
C THR D 35 8.42 30.71 -18.06
N GLY D 36 9.66 30.22 -18.15
CA GLY D 36 10.52 30.56 -19.27
C GLY D 36 11.69 31.43 -18.87
N ARG D 37 11.54 32.18 -17.77
CA ARG D 37 12.53 33.17 -17.38
C ARG D 37 12.75 33.16 -15.84
N GLU D 38 12.88 31.96 -15.27
CA GLU D 38 12.96 31.78 -13.82
C GLU D 38 14.38 31.82 -13.29
N GLY D 39 15.35 31.94 -14.19
CA GLY D 39 16.73 31.94 -13.75
C GLY D 39 17.08 32.89 -12.61
N ALA D 40 16.59 34.11 -12.68
CA ALA D 40 17.04 35.08 -11.70
C ALA D 40 16.52 34.73 -10.32
N ALA D 41 15.29 34.24 -10.26
CA ALA D 41 14.73 33.80 -8.99
C ALA D 41 15.56 32.63 -8.45
N GLY D 42 15.91 31.72 -9.34
CA GLY D 42 16.76 30.60 -9.00
C GLY D 42 18.09 31.01 -8.41
N ASP D 43 18.67 32.07 -8.97
CA ASP D 43 19.96 32.57 -8.52
C ASP D 43 19.82 33.19 -7.13
N TYR D 44 18.74 33.91 -6.91
CA TYR D 44 18.52 34.48 -5.61
C TYR D 44 18.57 33.41 -4.55
N VAL D 45 17.83 32.34 -4.82
CA VAL D 45 17.64 31.24 -3.89
C VAL D 45 18.88 30.39 -3.74
N TYR D 46 19.63 30.22 -4.82
CA TYR D 46 20.91 29.54 -4.71
C TYR D 46 21.80 30.31 -3.75
N GLU D 47 21.87 31.63 -3.93
CA GLU D 47 22.80 32.42 -3.13
C GLU D 47 22.25 32.48 -1.71
N TRP D 48 20.93 32.49 -1.57
CA TRP D 48 20.33 32.49 -0.22
C TRP D 48 20.72 31.22 0.51
N MSE D 49 20.62 30.10 -0.17
CA MSE D 49 20.87 28.85 0.48
C MSE D 49 22.36 28.74 0.81
O MSE D 49 22.73 28.24 1.87
CB MSE D 49 20.40 27.66 -0.37
CG MSE D 49 18.92 27.30 -0.16
SE MSE D 49 18.25 25.84 -1.30
CE MSE D 49 19.90 24.97 -1.42
N ALA D 50 23.20 29.24 -0.09
CA ALA D 50 24.63 29.25 0.19
C ALA D 50 24.99 30.11 1.43
N ARG D 51 24.45 31.32 1.58
CA ARG D 51 24.82 32.18 2.72
C ARG D 51 24.49 31.42 4.00
N ASN D 52 23.36 30.70 3.99
CA ASN D 52 22.88 29.96 5.15
C ASN D 52 23.40 28.52 5.33
N GLY D 53 24.32 28.08 4.49
CA GLY D 53 25.04 26.84 4.71
C GLY D 53 24.34 25.55 4.31
N PHE D 54 23.35 25.70 3.44
CA PHE D 54 22.56 24.58 3.01
C PHE D 54 23.13 23.90 1.79
N GLY D 55 24.32 24.29 1.34
CA GLY D 55 24.99 23.57 0.27
C GLY D 55 24.20 23.34 -1.03
N PRO D 56 23.71 24.41 -1.64
CA PRO D 56 22.91 24.33 -2.86
C PRO D 56 23.61 23.75 -4.07
N GLU D 57 22.79 23.17 -4.95
CA GLU D 57 23.20 22.77 -6.28
C GLU D 57 22.14 23.14 -7.31
N ARG D 58 22.61 23.62 -8.45
CA ARG D 58 21.77 23.92 -9.57
C ARG D 58 21.57 22.67 -10.35
N VAL D 59 20.30 22.30 -10.49
CA VAL D 59 19.89 21.06 -11.13
C VAL D 59 18.82 21.38 -12.19
N GLY D 60 19.25 21.45 -13.44
CA GLY D 60 18.43 21.95 -14.50
C GLY D 60 18.87 21.40 -15.82
N VAL D 61 18.01 21.51 -16.83
CA VAL D 61 18.38 21.01 -18.13
C VAL D 61 18.91 22.18 -18.94
N PHE D 62 18.61 23.39 -18.46
CA PHE D 62 19.12 24.62 -19.03
C PHE D 62 19.92 25.46 -18.04
N ASP D 63 20.91 26.19 -18.55
CA ASP D 63 21.72 27.06 -17.69
C ASP D 63 20.96 28.28 -17.10
N ASP D 64 19.80 28.64 -17.67
CA ASP D 64 18.98 29.72 -17.11
C ASP D 64 17.59 29.31 -16.65
N ARG D 65 17.29 28.02 -16.69
CA ARG D 65 16.05 27.47 -16.13
C ARG D 65 16.39 26.20 -15.36
N PHE D 66 16.56 26.36 -14.05
CA PHE D 66 17.09 25.28 -13.24
C PHE D 66 16.35 25.26 -11.93
N ASN D 67 16.37 24.07 -11.32
CA ASN D 67 15.92 23.89 -9.97
C ASN D 67 17.07 24.07 -9.05
N VAL D 68 16.76 24.36 -7.80
CA VAL D 68 17.79 24.53 -6.80
C VAL D 68 17.54 23.59 -5.63
N VAL D 69 18.53 22.75 -5.35
CA VAL D 69 18.42 21.74 -4.31
C VAL D 69 19.51 21.84 -3.27
N GLY D 70 19.11 21.94 -2.01
CA GLY D 70 20.02 21.88 -0.86
C GLY D 70 19.53 21.00 0.27
N ARG D 71 20.34 20.90 1.33
CA ARG D 71 20.05 20.02 2.44
C ARG D 71 20.48 20.55 3.78
N LEU D 72 19.70 20.20 4.78
CA LEU D 72 20.05 20.25 6.18
C LEU D 72 20.25 18.83 6.67
N ARG D 73 21.49 18.40 6.80
CA ARG D 73 21.81 17.01 7.09
C ARG D 73 21.52 16.64 8.54
N GLY D 74 20.99 15.44 8.74
CA GLY D 74 20.63 14.96 10.05
C GLY D 74 21.73 14.10 10.63
N THR D 75 21.50 13.53 11.81
CA THR D 75 22.55 12.81 12.51
C THR D 75 22.66 11.34 12.08
N GLY D 76 21.63 10.84 11.38
CA GLY D 76 21.57 9.46 10.93
C GLY D 76 20.38 8.79 11.60
N GLY D 77 19.67 7.91 10.89
CA GLY D 77 18.55 7.13 11.46
C GLY D 77 17.13 7.63 11.34
N GLY D 78 16.93 8.77 10.68
CA GLY D 78 15.61 9.36 10.54
C GLY D 78 15.05 9.35 9.14
N ALA D 79 13.74 9.55 9.02
CA ALA D 79 13.10 9.78 7.75
C ALA D 79 13.52 11.15 7.21
N SER D 80 13.64 11.27 5.89
CA SER D 80 14.01 12.53 5.28
C SER D 80 12.77 13.17 4.73
N LEU D 81 12.70 14.49 4.90
CA LEU D 81 11.56 15.24 4.45
C LEU D 81 12.00 16.28 3.46
N SER D 82 11.30 16.38 2.32
CA SER D 82 11.49 17.47 1.34
C SER D 82 10.47 18.58 1.53
N PHE D 83 10.94 19.82 1.49
CA PHE D 83 10.07 20.97 1.28
C PHE D 83 10.24 21.49 -0.13
N ASN D 84 9.14 21.84 -0.75
CA ASN D 84 9.12 22.13 -2.15
C ASN D 84 8.24 23.31 -2.44
N SER D 85 8.74 24.23 -3.25
CA SER D 85 7.92 25.28 -3.84
C SER D 85 8.48 25.63 -5.20
N HIS D 86 7.68 26.34 -6.01
CA HIS D 86 8.10 26.60 -7.37
C HIS D 86 8.51 28.07 -7.60
N LEU D 87 9.55 28.23 -8.41
CA LEU D 87 10.16 29.51 -8.69
C LEU D 87 9.44 30.36 -9.72
N ASP D 88 8.63 29.74 -10.59
CA ASP D 88 7.96 30.50 -11.66
C ASP D 88 6.70 31.19 -11.18
N THR D 89 6.24 32.16 -11.97
CA THR D 89 5.01 32.89 -11.69
C THR D 89 4.22 32.98 -12.97
N ILE D 90 3.02 33.54 -12.87
CA ILE D 90 2.23 33.86 -14.05
C ILE D 90 2.68 35.24 -14.54
N MSE D 91 2.73 35.42 -15.87
CA MSE D 91 2.97 36.75 -16.49
C MSE D 91 2.92 36.62 -18.04
O MSE D 91 3.95 36.72 -18.74
CB MSE D 91 4.34 37.29 -16.06
CG MSE D 91 4.40 37.64 -14.58
SE MSE D 91 3.13 38.96 -14.02
CE MSE D 91 3.89 40.49 -14.95
N HIS D 108 2.84 41.80 -11.55
CA HIS D 108 2.52 42.74 -10.49
C HIS D 108 3.90 43.23 -9.86
N GLU D 109 4.09 43.13 -8.53
CA GLU D 109 5.36 43.50 -7.81
C GLU D 109 5.21 43.13 -6.31
N ALA D 110 6.28 43.10 -5.50
CA ALA D 110 6.10 42.80 -4.04
C ALA D 110 6.64 43.80 -3.02
N TRP D 111 5.82 44.06 -1.99
CA TRP D 111 6.16 45.02 -0.92
C TRP D 111 5.49 44.72 0.43
N HIS D 112 6.12 45.18 1.50
CA HIS D 112 5.58 45.06 2.85
C HIS D 112 4.73 46.28 3.18
N GLU D 113 3.61 46.07 3.84
CA GLU D 113 2.79 47.20 4.28
C GLU D 113 2.36 47.01 5.77
N GLU D 114 1.08 46.81 6.06
CA GLU D 114 0.62 46.81 7.47
C GLU D 114 0.54 45.42 8.09
N GLY D 115 1.66 44.75 8.23
CA GLY D 115 1.62 43.37 8.67
C GLY D 115 1.05 42.47 7.56
N ARG D 116 1.07 43.00 6.33
CA ARG D 116 0.69 42.26 5.15
C ARG D 116 1.88 42.26 4.18
N ILE D 117 1.97 41.26 3.31
CA ILE D 117 2.87 41.31 2.15
C ILE D 117 2.03 41.22 0.89
N TYR D 118 2.17 42.20 0.01
CA TYR D 118 1.37 42.27 -1.20
C TYR D 118 2.18 41.78 -2.38
N GLY D 119 1.51 41.14 -3.35
CA GLY D 119 2.14 40.64 -4.56
C GLY D 119 1.59 39.30 -4.97
N TYR D 120 1.14 39.19 -6.21
CA TYR D 120 0.61 37.91 -6.65
C TYR D 120 1.74 36.89 -6.74
N SER D 121 2.99 37.35 -6.88
CA SER D 121 4.12 36.44 -6.91
C SER D 121 4.45 35.96 -5.49
N VAL D 122 3.89 36.62 -4.49
CA VAL D 122 4.08 36.21 -3.11
C VAL D 122 3.06 35.11 -2.83
N VAL D 123 1.84 35.27 -3.32
CA VAL D 123 0.78 34.27 -3.17
C VAL D 123 1.11 33.00 -3.94
N ASN D 124 1.70 33.18 -5.12
CA ASN D 124 1.98 32.08 -6.01
C ASN D 124 3.35 32.27 -6.70
N CYS D 125 4.47 31.86 -6.08
CA CYS D 125 4.49 31.07 -4.86
C CYS D 125 5.73 31.36 -3.95
N LYS D 126 6.19 32.61 -3.93
CA LYS D 126 7.39 32.94 -3.20
C LYS D 126 7.13 33.08 -1.69
N GLY D 127 5.89 33.38 -1.33
CA GLY D 127 5.48 33.48 0.07
C GLY D 127 5.62 32.17 0.81
N PRO D 128 4.90 31.14 0.35
CA PRO D 128 5.07 29.82 0.97
C PRO D 128 6.52 29.39 0.97
N MSE D 129 7.23 29.75 -0.09
CA MSE D 129 8.65 29.43 -0.18
C MSE D 129 9.48 30.05 0.93
O MSE D 129 10.36 29.40 1.50
CB MSE D 129 9.20 29.92 -1.50
CG MSE D 129 10.63 29.49 -1.72
SE MSE D 129 11.18 29.56 -3.61
CE MSE D 129 13.04 29.25 -3.17
N ALA D 130 9.23 31.31 1.21
CA ALA D 130 10.03 31.99 2.21
C ALA D 130 9.79 31.30 3.53
N CYS D 131 8.53 30.95 3.80
CA CYS D 131 8.17 30.27 5.03
C CYS D 131 9.06 29.07 5.32
N TRP D 132 9.29 28.20 4.33
CA TRP D 132 10.08 27.03 4.66
C TRP D 132 11.58 27.26 4.52
N LEU D 133 11.98 28.30 3.79
CA LEU D 133 13.40 28.70 3.81
C LEU D 133 13.73 29.17 5.21
N ILE D 134 12.80 29.92 5.78
CA ILE D 134 13.00 30.47 7.11
C ILE D 134 12.88 29.37 8.16
N ALA D 135 11.97 28.42 7.96
CA ALA D 135 11.84 27.28 8.88
C ALA D 135 13.12 26.46 8.91
N ALA D 136 13.73 26.28 7.75
CA ALA D 136 15.04 25.63 7.69
C ALA D 136 16.13 26.49 8.35
N LYS D 137 16.08 27.81 8.20
CA LYS D 137 17.08 28.66 8.86
C LYS D 137 16.94 28.48 10.39
N ALA D 138 15.70 28.58 10.87
CA ALA D 138 15.38 28.40 12.29
C ALA D 138 15.81 27.05 12.82
N LEU D 139 15.50 25.97 12.09
CA LEU D 139 15.93 24.65 12.53
C LEU D 139 17.45 24.56 12.68
N LYS D 140 18.18 25.14 11.73
CA LYS D 140 19.63 25.02 11.71
C LYS D 140 20.29 25.84 12.82
N GLU D 141 19.79 27.05 13.06
CA GLU D 141 20.44 27.94 14.00
C GLU D 141 20.14 27.58 15.45
N ALA D 142 18.93 27.12 15.72
CA ALA D 142 18.55 26.67 17.06
C ALA D 142 19.20 25.33 17.39
N GLY D 143 19.94 24.79 16.43
CA GLY D 143 20.58 23.49 16.55
C GLY D 143 19.67 22.30 16.77
N ALA D 144 18.42 22.37 16.30
CA ALA D 144 17.45 21.30 16.50
C ALA D 144 18.04 19.95 16.11
N ALA D 145 17.69 18.93 16.89
CA ALA D 145 18.22 17.60 16.69
C ALA D 145 17.32 16.89 15.71
N LEU D 146 17.85 16.54 14.53
CA LEU D 146 17.04 15.86 13.52
C LEU D 146 17.82 14.64 13.02
N LYS D 147 17.24 13.45 13.12
CA LYS D 147 17.94 12.25 12.68
C LYS D 147 17.94 12.17 11.14
N GLY D 148 16.87 12.65 10.53
CA GLY D 148 16.75 12.70 9.08
C GLY D 148 17.16 14.02 8.45
N ASP D 149 17.48 13.95 7.17
CA ASP D 149 17.80 15.12 6.37
C ASP D 149 16.54 15.92 6.00
N VAL D 150 16.67 17.25 5.94
CA VAL D 150 15.65 18.09 5.34
C VAL D 150 16.14 18.43 3.96
N VAL D 151 15.34 18.18 2.93
CA VAL D 151 15.76 18.43 1.57
C VAL D 151 15.04 19.65 1.11
N LEU D 152 15.79 20.63 0.64
CA LEU D 152 15.25 21.93 0.25
C LEU D 152 15.20 22.05 -1.26
N THR D 153 13.99 22.07 -1.82
CA THR D 153 13.82 21.98 -3.26
C THR D 153 12.98 23.09 -3.87
N ALA D 154 13.64 24.02 -4.55
CA ALA D 154 12.96 25.08 -5.25
C ALA D 154 13.03 24.79 -6.72
N VAL D 155 11.87 24.68 -7.35
CA VAL D 155 11.80 24.15 -8.71
C VAL D 155 11.28 25.16 -9.68
N CYS D 156 11.73 25.03 -10.93
CA CYS D 156 11.22 25.84 -12.02
C CYS D 156 10.08 25.11 -12.75
N GLY D 157 9.34 25.83 -13.58
CA GLY D 157 8.39 25.20 -14.49
C GLY D 157 7.22 24.39 -13.91
N GLU D 158 6.59 24.87 -12.85
CA GLU D 158 5.49 24.13 -12.26
C GLU D 158 4.18 24.42 -13.01
N ILE D 159 4.08 25.63 -13.54
CA ILE D 159 2.86 26.09 -14.19
C ILE D 159 2.65 25.41 -15.56
N ASP D 160 1.38 25.28 -15.96
CA ASP D 160 0.94 24.28 -16.95
C ASP D 160 1.14 24.65 -18.41
N CYS D 161 2.01 25.61 -18.69
CA CYS D 161 2.50 25.81 -20.03
C CYS D 161 3.10 24.54 -20.57
N GLU D 162 2.83 24.29 -21.83
CA GLU D 162 3.42 23.18 -22.54
C GLU D 162 3.66 23.55 -24.00
N PRO D 163 4.74 23.03 -24.57
CA PRO D 163 5.00 23.15 -26.00
C PRO D 163 3.93 22.46 -26.84
N VAL D 164 3.72 22.96 -28.05
CA VAL D 164 2.78 22.37 -28.97
C VAL D 164 3.02 23.00 -30.31
N ASP D 165 2.84 22.24 -31.39
CA ASP D 165 2.99 22.79 -32.75
C ASP D 165 4.37 23.47 -32.95
N GLU D 166 4.37 24.72 -33.40
CA GLU D 166 5.63 25.39 -33.70
C GLU D 166 6.32 25.92 -32.44
N PHE D 167 5.65 25.78 -31.31
CA PHE D 167 6.13 26.31 -30.05
C PHE D 167 6.86 25.23 -29.27
N GLN D 168 8.18 25.20 -29.41
CA GLN D 168 8.99 24.13 -28.88
C GLN D 168 10.20 24.58 -28.08
N GLY D 169 10.73 23.66 -27.31
CA GLY D 169 11.98 23.84 -26.60
C GLY D 169 11.97 24.79 -25.43
N HIS D 170 13.17 25.24 -25.11
CA HIS D 170 13.49 26.14 -24.00
C HIS D 170 12.38 27.08 -23.56
N ASP D 171 11.80 27.82 -24.51
CA ASP D 171 10.90 28.91 -24.10
C ASP D 171 9.52 28.45 -23.61
N TYR D 172 9.13 27.24 -23.98
CA TYR D 172 7.78 26.77 -23.76
C TYR D 172 7.67 25.56 -22.84
N LEU D 173 8.80 25.00 -22.46
CA LEU D 173 8.85 23.89 -21.53
C LEU D 173 8.51 24.35 -20.13
N ALA D 174 8.07 23.39 -19.30
CA ALA D 174 7.84 23.66 -17.89
C ALA D 174 7.97 22.42 -17.01
N GLU D 175 6.91 21.65 -16.86
CA GLU D 175 6.92 20.59 -15.85
C GLU D 175 7.93 19.48 -16.12
N ASP D 176 8.25 19.19 -17.37
CA ASP D 176 9.22 18.13 -17.64
C ASP D 176 10.63 18.45 -17.14
N ILE D 177 10.95 19.75 -17.00
CA ILE D 177 12.28 20.18 -16.50
C ILE D 177 12.26 20.67 -15.05
N GLY D 178 11.09 20.62 -14.44
CA GLY D 178 10.95 21.07 -13.07
C GLY D 178 11.12 19.98 -12.03
N ALA D 179 10.17 19.91 -11.11
CA ALA D 179 10.26 18.98 -10.00
C ALA D 179 10.60 17.56 -10.42
N ARG D 180 9.96 17.03 -11.44
CA ARG D 180 10.31 15.69 -11.81
C ARG D 180 11.78 15.56 -12.13
N TYR D 181 12.32 16.55 -12.82
CA TYR D 181 13.71 16.48 -13.20
C TYR D 181 14.55 16.53 -11.92
N ALA D 182 14.19 17.39 -10.96
CA ALA D 182 15.03 17.55 -9.77
C ALA D 182 15.05 16.29 -8.95
N ILE D 183 13.86 15.71 -8.72
CA ILE D 183 13.76 14.48 -7.96
C ILE D 183 14.55 13.36 -8.62
N SER D 184 14.40 13.23 -9.94
CA SER D 184 15.03 12.18 -10.68
C SER D 184 16.54 12.31 -10.63
N HIS D 185 17.00 13.54 -10.36
CA HIS D 185 18.42 13.81 -10.39
C HIS D 185 18.95 14.09 -9.00
N GLY D 186 18.26 13.50 -8.02
CA GLY D 186 18.83 13.29 -6.70
C GLY D 186 18.10 13.90 -5.53
N ALA D 187 17.09 14.72 -5.80
CA ALA D 187 16.37 15.42 -4.73
C ALA D 187 15.26 14.53 -4.20
N ILE D 188 15.64 13.34 -3.74
CA ILE D 188 14.72 12.36 -3.21
C ILE D 188 14.71 12.35 -1.67
N SER D 189 13.58 11.96 -1.13
CA SER D 189 13.42 11.84 0.29
C SER D 189 12.37 10.78 0.59
N ASP D 190 12.15 10.48 1.86
CA ASP D 190 11.08 9.60 2.24
C ASP D 190 9.69 10.27 2.11
N TYR D 191 9.56 11.55 2.42
CA TYR D 191 8.30 12.28 2.37
C TYR D 191 8.53 13.66 1.79
N ALA D 192 7.45 14.28 1.31
CA ALA D 192 7.57 15.60 0.69
C ALA D 192 6.34 16.44 0.95
N LEU D 193 6.60 17.63 1.49
CA LEU D 193 5.57 18.64 1.69
C LEU D 193 5.77 19.69 0.62
N VAL D 194 4.73 19.92 -0.17
CA VAL D 194 4.75 20.93 -1.19
C VAL D 194 4.04 22.16 -0.61
N ALA D 195 4.76 23.28 -0.45
CA ALA D 195 4.17 24.50 0.12
C ALA D 195 3.47 25.35 -0.96
N GLU D 196 2.17 25.57 -0.81
CA GLU D 196 1.37 26.40 -1.71
C GLU D 196 0.36 27.16 -0.88
N ALA D 197 -0.34 28.10 -1.49
CA ALA D 197 -1.36 28.86 -0.76
C ALA D 197 -2.63 28.03 -0.66
N THR D 198 -2.78 27.31 0.45
CA THR D 198 -3.91 26.39 0.66
C THR D 198 -4.73 26.75 1.88
N ASN D 199 -4.34 27.83 2.57
CA ASN D 199 -5.07 28.34 3.73
C ASN D 199 -5.13 27.29 4.84
N PHE D 200 -3.96 26.72 5.10
CA PHE D 200 -3.77 25.72 6.14
C PHE D 200 -4.65 24.47 6.01
N LYS D 201 -5.09 24.15 4.81
CA LYS D 201 -5.85 22.93 4.52
C LYS D 201 -4.99 21.97 3.67
N PRO D 202 -4.70 20.76 4.18
CA PRO D 202 -3.83 19.89 3.40
C PRO D 202 -4.55 19.04 2.38
N ALA D 203 -3.97 18.82 1.20
CA ALA D 203 -4.49 17.92 0.17
C ALA D 203 -3.44 16.89 -0.18
N TRP D 204 -3.85 15.68 -0.61
CA TRP D 204 -2.86 14.72 -1.11
C TRP D 204 -3.43 13.86 -2.22
N VAL D 205 -4.38 14.42 -2.94
CA VAL D 205 -4.73 13.96 -4.27
C VAL D 205 -4.73 15.17 -5.17
N GLU D 206 -4.28 14.99 -6.39
CA GLU D 206 -4.42 15.99 -7.44
C GLU D 206 -4.88 15.33 -8.72
N ALA D 207 -5.44 16.13 -9.62
CA ALA D 207 -5.81 15.65 -10.93
C ALA D 207 -4.58 15.53 -11.85
N GLY D 208 -4.71 14.71 -12.88
CA GLY D 208 -3.77 14.66 -13.98
C GLY D 208 -4.38 15.46 -15.12
N LYS D 209 -3.87 15.30 -16.33
CA LYS D 209 -4.41 16.05 -17.47
C LYS D 209 -4.08 15.42 -18.80
N VAL D 210 -4.96 15.65 -19.76
CA VAL D 210 -4.68 15.35 -21.14
C VAL D 210 -5.04 16.61 -21.94
N PHE D 211 -4.11 17.10 -22.76
CA PHE D 211 -4.46 18.18 -23.68
C PHE D 211 -4.74 17.64 -25.03
N LEU D 212 -5.78 18.16 -25.67
CA LEU D 212 -6.19 17.67 -27.00
C LEU D 212 -6.25 18.81 -27.95
N LYS D 213 -5.60 18.60 -29.09
CA LYS D 213 -5.75 19.47 -30.25
C LYS D 213 -6.81 18.79 -31.08
N VAL D 214 -7.88 19.51 -31.36
CA VAL D 214 -8.96 18.97 -32.14
C VAL D 214 -9.02 19.84 -33.38
N THR D 215 -8.73 19.23 -34.52
CA THR D 215 -8.72 19.90 -35.82
C THR D 215 -9.89 19.41 -36.66
N VAL D 216 -10.78 20.29 -37.04
CA VAL D 216 -11.91 19.88 -37.86
C VAL D 216 -11.60 20.07 -39.36
N PHE D 217 -11.93 19.07 -40.17
CA PHE D 217 -11.68 19.09 -41.62
C PHE D 217 -12.91 19.61 -42.35
N ALA D 218 -12.68 20.39 -43.40
CA ALA D 218 -13.77 20.88 -44.23
C ALA D 218 -13.25 21.01 -45.66
N GLY D 219 -13.46 22.15 -46.29
CA GLY D 219 -12.99 22.32 -47.67
C GLY D 219 -13.99 21.86 -48.71
N PRO D 220 -13.64 22.05 -49.99
CA PRO D 220 -12.41 22.65 -50.47
C PRO D 220 -12.39 24.15 -50.29
N SER D 221 -11.20 24.69 -50.07
CA SER D 221 -11.01 26.11 -49.93
C SER D 221 -11.21 26.81 -51.29
N ARG D 222 -11.89 27.96 -51.28
CA ARG D 222 -12.01 28.79 -52.48
C ARG D 222 -11.66 30.23 -52.16
N TYR D 223 -11.18 30.94 -53.17
CA TYR D 223 -11.03 32.41 -53.15
C TYR D 223 -12.43 33.00 -52.91
N THR D 224 -12.52 34.06 -52.11
CA THR D 224 -13.78 34.52 -51.55
C THR D 224 -14.91 34.73 -52.58
N PRO D 225 -14.59 35.29 -53.76
CA PRO D 225 -15.65 35.48 -54.75
C PRO D 225 -16.30 34.18 -55.28
N TYR D 226 -15.76 33.03 -54.88
CA TYR D 226 -16.21 31.73 -55.33
C TYR D 226 -16.85 30.92 -54.22
N VAL D 227 -17.06 31.52 -53.06
CA VAL D 227 -17.52 30.72 -51.92
C VAL D 227 -18.97 30.28 -52.15
N PRO D 228 -19.25 28.98 -52.04
CA PRO D 228 -20.64 28.57 -52.24
C PRO D 228 -21.50 28.92 -51.03
N ARG D 229 -22.64 29.58 -51.30
CA ARG D 229 -23.67 29.84 -50.28
C ARG D 229 -25.03 29.73 -50.97
N PRO D 230 -26.08 29.40 -50.22
CA PRO D 230 -26.08 29.04 -48.79
C PRO D 230 -25.83 27.55 -48.50
N VAL D 231 -25.09 27.27 -47.43
CA VAL D 231 -24.83 25.91 -46.98
C VAL D 231 -25.06 25.84 -45.47
N ALA D 232 -25.53 24.70 -44.97
CA ALA D 232 -25.76 24.54 -43.53
C ALA D 232 -24.42 24.50 -42.79
N ALA D 233 -24.37 25.05 -41.57
CA ALA D 233 -23.11 25.20 -40.84
C ALA D 233 -22.27 23.90 -40.78
N LEU D 234 -22.90 22.76 -40.43
CA LEU D 234 -22.15 21.50 -40.41
C LEU D 234 -21.60 21.08 -41.78
N ASP D 235 -22.12 21.67 -42.86
CA ASP D 235 -21.68 21.28 -44.20
C ASP D 235 -20.82 22.35 -44.85
N SER D 236 -20.55 23.42 -44.12
CA SER D 236 -19.83 24.53 -44.69
C SER D 236 -18.43 24.13 -45.14
N PRO D 237 -18.02 24.62 -46.31
CA PRO D 237 -16.65 24.34 -46.76
C PRO D 237 -15.59 24.99 -45.87
N ASN D 238 -16.01 25.88 -44.97
CA ASN D 238 -15.12 26.60 -44.08
C ASN D 238 -15.03 25.93 -42.70
N ALA D 239 -13.82 25.51 -42.34
CA ALA D 239 -13.63 24.79 -41.09
C ALA D 239 -13.91 25.66 -39.85
N ILE D 240 -13.75 26.98 -39.95
CA ILE D 240 -14.09 27.84 -38.83
C ILE D 240 -15.59 27.74 -38.52
N VAL D 241 -16.40 27.52 -39.53
CA VAL D 241 -17.84 27.49 -39.39
C VAL D 241 -18.34 26.16 -38.87
N ARG D 242 -17.72 25.07 -39.29
CA ARG D 242 -18.02 23.76 -38.68
C ARG D 242 -17.59 23.80 -37.23
N MSE D 243 -16.50 24.50 -36.95
CA MSE D 243 -15.97 24.54 -35.59
C MSE D 243 -16.89 25.29 -34.65
O MSE D 243 -16.77 25.15 -33.44
CB MSE D 243 -14.60 25.21 -35.55
CG MSE D 243 -13.95 25.19 -34.15
SE MSE D 243 -13.61 23.35 -33.43
CE MSE D 243 -11.83 23.11 -34.29
N ALA D 244 -17.79 26.11 -35.18
CA ALA D 244 -18.69 26.80 -34.28
C ALA D 244 -19.63 25.76 -33.65
N LYS D 245 -20.08 24.82 -34.46
CA LYS D 245 -20.98 23.81 -33.98
C LYS D 245 -20.30 22.87 -33.00
N LEU D 246 -19.05 22.53 -33.29
CA LEU D 246 -18.39 21.49 -32.51
C LEU D 246 -18.08 22.07 -31.13
N VAL D 247 -17.80 23.36 -31.10
CA VAL D 247 -17.54 24.03 -29.83
C VAL D 247 -18.78 23.97 -28.98
N GLU D 248 -19.95 24.28 -29.54
CA GLU D 248 -21.20 24.13 -28.79
C GLU D 248 -21.37 22.70 -28.24
N ALA D 249 -21.08 21.69 -29.04
CA ALA D 249 -21.21 20.30 -28.58
C ALA D 249 -20.20 19.93 -27.51
N LEU D 250 -18.97 20.43 -27.62
CA LEU D 250 -17.92 20.08 -26.69
C LEU D 250 -18.15 20.76 -25.36
N GLU D 251 -18.83 21.90 -25.35
CA GLU D 251 -19.25 22.52 -24.10
C GLU D 251 -20.32 21.65 -23.38
N GLU D 252 -21.29 21.14 -24.14
CA GLU D 252 -22.31 20.27 -23.61
C GLU D 252 -21.62 19.04 -22.97
N TRP D 253 -20.72 18.43 -23.72
CA TRP D 253 -19.97 17.28 -23.24
C TRP D 253 -19.19 17.62 -21.97
N ALA D 254 -18.58 18.80 -21.96
CA ALA D 254 -17.78 19.26 -20.83
C ALA D 254 -18.60 19.45 -19.57
N ASP D 255 -19.86 19.85 -19.72
CA ASP D 255 -20.78 20.05 -18.61
C ASP D 255 -21.03 18.75 -17.89
N ASN D 256 -21.19 17.66 -18.63
CA ASN D 256 -21.49 16.38 -18.02
C ASN D 256 -20.21 15.64 -17.64
N TYR D 257 -19.10 16.01 -18.27
CA TYR D 257 -17.87 15.27 -18.05
C TYR D 257 -17.45 15.42 -16.61
N GLU D 258 -17.60 16.63 -16.08
CA GLU D 258 -17.08 16.83 -14.75
C GLU D 258 -17.92 16.11 -13.73
N LYS D 259 -19.20 15.90 -14.04
CA LYS D 259 -20.11 15.26 -13.10
C LYS D 259 -19.83 13.78 -13.14
N ARG D 260 -19.80 13.22 -14.33
CA ARG D 260 -19.54 11.81 -14.50
C ARG D 260 -18.22 11.34 -13.91
N TYR D 261 -17.21 12.20 -13.86
CA TYR D 261 -15.86 11.73 -13.47
C TYR D 261 -15.43 12.33 -12.13
N THR D 262 -16.38 12.96 -11.45
CA THR D 262 -16.15 13.38 -10.07
C THR D 262 -15.85 12.13 -9.27
N ARG D 263 -14.93 12.21 -8.33
CA ARG D 263 -14.54 11.02 -7.63
C ARG D 263 -13.90 11.37 -6.31
N GLU D 264 -14.32 10.67 -5.27
CA GLU D 264 -13.86 10.93 -3.90
C GLU D 264 -12.66 10.04 -3.51
N TYR D 265 -11.64 10.69 -2.95
CA TYR D 265 -10.45 10.02 -2.43
C TYR D 265 -10.25 10.46 -1.00
N GLY D 266 -9.44 9.69 -0.30
CA GLY D 266 -9.03 10.06 1.04
C GLY D 266 -8.32 11.39 1.10
N GLY D 267 -7.56 11.67 0.05
CA GLY D 267 -6.77 12.87 0.01
C GLY D 267 -7.52 14.08 -0.49
N GLY D 268 -8.77 13.88 -0.92
CA GLY D 268 -9.60 14.97 -1.38
C GLY D 268 -10.61 14.57 -2.42
N THR D 269 -11.54 15.46 -2.77
CA THR D 269 -12.47 15.16 -3.88
C THR D 269 -12.07 15.81 -5.21
N VAL D 270 -11.97 14.98 -6.23
CA VAL D 270 -11.55 15.42 -7.53
C VAL D 270 -12.76 15.69 -8.42
N VAL D 271 -12.91 16.94 -8.85
CA VAL D 271 -13.90 17.32 -9.84
C VAL D 271 -13.12 17.75 -11.06
N PRO D 272 -12.95 16.83 -12.00
CA PRO D 272 -12.11 17.17 -13.14
C PRO D 272 -12.83 17.97 -14.22
N LYS D 273 -12.34 19.18 -14.51
CA LYS D 273 -13.02 20.08 -15.42
C LYS D 273 -12.34 20.17 -16.80
N VAL D 274 -13.07 20.74 -17.76
CA VAL D 274 -12.66 20.83 -19.15
C VAL D 274 -12.72 22.26 -19.63
N ALA D 275 -11.79 22.68 -20.47
CA ALA D 275 -11.93 24.00 -21.04
C ALA D 275 -11.20 24.16 -22.37
N ILE D 276 -11.78 24.97 -23.25
CA ILE D 276 -11.18 25.23 -24.54
C ILE D 276 -10.32 26.48 -24.38
N GLY D 277 -9.01 26.25 -24.37
CA GLY D 277 -8.04 27.25 -24.00
C GLY D 277 -7.53 28.09 -25.13
N ALA D 278 -7.66 27.57 -26.34
CA ALA D 278 -7.21 28.31 -27.49
C ALA D 278 -7.86 27.80 -28.74
N ILE D 279 -8.01 28.69 -29.71
CA ILE D 279 -8.48 28.32 -31.04
C ILE D 279 -7.63 29.03 -32.08
N ARG D 280 -7.31 28.36 -33.17
CA ARG D 280 -6.84 29.09 -34.35
C ARG D 280 -7.11 28.34 -35.65
N GLY D 281 -7.49 29.10 -36.66
CA GLY D 281 -7.85 28.56 -37.96
C GLY D 281 -7.54 29.60 -39.02
N GLY D 282 -6.87 29.18 -40.07
CA GLY D 282 -6.32 30.15 -41.01
C GLY D 282 -5.21 30.97 -40.40
N VAL D 283 -4.68 31.89 -41.19
CA VAL D 283 -3.73 32.88 -40.65
C VAL D 283 -4.20 34.30 -40.99
N PRO D 284 -4.09 35.22 -40.04
CA PRO D 284 -4.69 36.55 -40.23
C PRO D 284 -4.17 37.37 -41.42
N TYR D 285 -2.92 37.13 -41.81
CA TYR D 285 -2.32 37.89 -42.89
C TYR D 285 -2.59 37.36 -44.30
N LYS D 286 -3.40 36.29 -44.42
CA LYS D 286 -3.80 35.70 -45.69
C LYS D 286 -5.25 35.21 -45.59
N ILE D 287 -6.21 36.12 -45.66
CA ILE D 287 -7.61 35.75 -45.38
C ILE D 287 -8.49 35.67 -46.61
N TYR D 288 -7.91 35.79 -47.79
CA TYR D 288 -8.66 35.79 -49.01
C TYR D 288 -9.03 34.38 -49.45
N ARG D 289 -8.58 33.38 -48.73
CA ARG D 289 -8.99 31.98 -48.96
C ARG D 289 -9.34 31.36 -47.65
N PHE D 290 -10.60 31.05 -47.44
CA PHE D 290 -11.01 30.52 -46.14
C PHE D 290 -10.37 29.14 -45.92
N PRO D 291 -10.17 28.77 -44.66
CA PRO D 291 -9.42 27.56 -44.32
C PRO D 291 -10.23 26.30 -44.37
N GLU D 292 -9.53 25.24 -44.73
CA GLU D 292 -10.07 23.89 -44.77
C GLU D 292 -9.85 23.23 -43.43
N LEU D 293 -9.00 23.84 -42.58
CA LEU D 293 -8.75 23.40 -41.21
C LEU D 293 -8.90 24.49 -40.14
N CYS D 294 -9.42 24.10 -38.98
CA CYS D 294 -9.51 24.96 -37.78
C CYS D 294 -9.23 24.09 -36.56
N SER D 295 -8.46 24.63 -35.62
CA SER D 295 -8.04 23.89 -34.42
C SER D 295 -8.44 24.53 -33.10
N ILE D 296 -8.85 23.68 -32.15
CA ILE D 296 -8.97 24.10 -30.76
C ILE D 296 -8.07 23.27 -29.86
N TYR D 297 -7.77 23.85 -28.71
CA TYR D 297 -6.85 23.27 -27.78
C TYR D 297 -7.53 23.16 -26.45
N MSE D 298 -7.75 21.92 -25.99
CA MSE D 298 -8.55 21.65 -24.81
C MSE D 298 -7.69 21.15 -23.66
O MSE D 298 -6.81 20.30 -23.80
CB MSE D 298 -9.60 20.60 -25.05
CG MSE D 298 -10.54 20.83 -26.22
SE MSE D 298 -11.69 19.24 -26.51
CE MSE D 298 -12.83 19.60 -24.95
N ASP D 299 -7.99 21.70 -22.50
CA ASP D 299 -7.42 21.28 -21.25
C ASP D 299 -8.46 20.41 -20.59
N ILE D 300 -8.19 19.12 -20.53
CA ILE D 300 -9.09 18.18 -19.88
C ILE D 300 -8.40 17.54 -18.67
N ARG D 301 -8.84 17.88 -17.46
CA ARG D 301 -8.29 17.27 -16.27
C ARG D 301 -8.76 15.83 -16.10
N LEU D 302 -7.96 15.01 -15.43
CA LEU D 302 -8.26 13.60 -15.22
C LEU D 302 -8.23 13.26 -13.75
N ASN D 303 -9.17 12.47 -13.26
CA ASN D 303 -9.02 11.95 -11.89
C ASN D 303 -7.95 10.89 -11.97
N PRO D 304 -7.35 10.50 -10.83
CA PRO D 304 -6.22 9.59 -10.94
C PRO D 304 -6.52 8.28 -11.60
N ASP D 305 -7.79 7.99 -11.84
CA ASP D 305 -8.13 6.66 -12.31
C ASP D 305 -8.67 6.63 -13.71
N THR D 306 -8.51 7.72 -14.43
CA THR D 306 -8.99 7.77 -15.80
C THR D 306 -7.86 7.72 -16.82
N ASN D 307 -7.96 6.73 -17.70
CA ASN D 307 -7.08 6.60 -18.87
C ASN D 307 -7.35 7.75 -19.81
N PRO D 308 -6.28 8.40 -20.28
CA PRO D 308 -6.48 9.53 -21.20
C PRO D 308 -7.19 9.12 -22.50
N LEU D 309 -7.03 7.88 -22.93
CA LEU D 309 -7.69 7.44 -24.15
C LEU D 309 -9.19 7.29 -24.02
N VAL D 310 -9.65 6.87 -22.85
CA VAL D 310 -11.09 6.87 -22.65
C VAL D 310 -11.63 8.25 -22.99
N VAL D 311 -10.93 9.29 -22.55
CA VAL D 311 -11.36 10.67 -22.79
C VAL D 311 -11.24 11.05 -24.26
N GLN D 312 -10.19 10.54 -24.88
CA GLN D 312 -9.98 10.88 -26.25
C GLN D 312 -11.19 10.34 -27.04
N ARG D 313 -11.50 9.06 -26.86
CA ARG D 313 -12.64 8.44 -27.53
C ARG D 313 -13.95 9.16 -27.25
N GLU D 314 -14.12 9.70 -26.06
CA GLU D 314 -15.35 10.43 -25.80
C GLU D 314 -15.43 11.65 -26.71
N VAL D 315 -14.32 12.34 -26.92
CA VAL D 315 -14.30 13.58 -27.70
C VAL D 315 -14.45 13.24 -29.19
N GLU D 316 -13.76 12.19 -29.63
CA GLU D 316 -13.89 11.65 -30.98
C GLU D 316 -15.34 11.29 -31.30
N ALA D 317 -16.06 10.85 -30.28
CA ALA D 317 -17.43 10.40 -30.42
C ALA D 317 -18.38 11.57 -30.54
N VAL D 318 -18.11 12.65 -29.82
CA VAL D 318 -18.85 13.91 -30.02
C VAL D 318 -18.73 14.39 -31.48
N VAL D 319 -17.54 14.22 -32.05
CA VAL D 319 -17.27 14.64 -33.41
C VAL D 319 -18.08 13.79 -34.39
N SER D 320 -18.05 12.47 -34.19
CA SER D 320 -18.78 11.55 -35.03
C SER D 320 -20.31 11.76 -34.95
N LYS D 321 -20.80 12.10 -33.77
CA LYS D 321 -22.23 12.28 -33.58
C LYS D 321 -22.74 13.45 -34.38
N LEU D 322 -21.83 14.33 -34.76
CA LEU D 322 -22.19 15.47 -35.59
C LEU D 322 -21.93 15.19 -37.08
N GLY D 323 -21.41 14.01 -37.39
CA GLY D 323 -21.08 13.64 -38.77
C GLY D 323 -19.97 14.49 -39.36
N LEU D 324 -19.11 14.98 -38.46
CA LEU D 324 -17.92 15.71 -38.82
C LEU D 324 -16.73 14.77 -38.86
N LYS D 325 -15.69 15.19 -39.56
CA LYS D 325 -14.44 14.48 -39.59
C LYS D 325 -13.40 15.38 -38.90
N ALA D 326 -12.62 14.81 -38.00
CA ALA D 326 -11.62 15.61 -37.25
C ALA D 326 -10.46 14.75 -36.82
N GLU D 327 -9.33 15.40 -36.62
CA GLU D 327 -8.19 14.76 -36.01
C GLU D 327 -8.26 15.19 -34.54
N VAL D 328 -8.26 14.22 -33.65
CA VAL D 328 -8.22 14.50 -32.22
C VAL D 328 -6.88 14.03 -31.72
N LYS D 329 -5.96 14.97 -31.53
CA LYS D 329 -4.55 14.64 -31.27
C LYS D 329 -4.17 15.07 -29.87
N PRO D 330 -3.77 14.10 -29.04
CA PRO D 330 -3.26 14.46 -27.72
C PRO D 330 -1.90 15.15 -27.86
N PHE D 331 -1.64 16.23 -27.12
CA PHE D 331 -0.29 16.80 -27.06
C PHE D 331 0.24 16.97 -25.66
N LEU D 332 -0.46 16.41 -24.69
CA LEU D 332 0.02 16.38 -23.30
C LEU D 332 -0.70 15.32 -22.49
N PHE D 333 0.05 14.50 -21.76
CA PHE D 333 -0.51 13.59 -20.78
C PHE D 333 0.28 13.53 -19.49
N ARG D 334 -0.38 13.86 -18.39
CA ARG D 334 0.22 13.63 -17.09
C ARG D 334 -0.77 12.96 -16.19
N ARG D 335 -0.26 12.02 -15.40
CA ARG D 335 -1.10 11.33 -14.44
C ARG D 335 -1.24 12.08 -13.16
N GLY D 336 -2.42 12.05 -12.58
CA GLY D 336 -2.61 12.44 -11.20
C GLY D 336 -2.47 11.26 -10.25
N TYR D 337 -2.20 11.58 -8.99
CA TYR D 337 -2.00 10.58 -7.96
C TYR D 337 -2.67 10.95 -6.64
N GLU D 338 -3.14 9.94 -5.92
CA GLU D 338 -3.40 10.10 -4.51
C GLU D 338 -2.20 9.55 -3.75
N ALA D 339 -1.72 10.30 -2.77
CA ALA D 339 -0.61 9.85 -1.95
C ALA D 339 -0.95 8.52 -1.29
N GLN D 340 0.03 7.62 -1.25
CA GLN D 340 -0.10 6.31 -0.61
C GLN D 340 0.87 6.24 0.55
N GLY D 341 0.42 6.00 1.77
CA GLY D 341 1.37 5.88 2.87
C GLY D 341 1.81 7.25 3.35
N ILE D 342 0.89 8.18 3.26
CA ILE D 342 1.05 9.57 3.65
C ILE D 342 0.91 9.76 5.17
N GLU D 343 0.46 8.73 5.87
CA GLU D 343 -0.04 8.89 7.23
C GLU D 343 0.95 9.50 8.21
N PRO D 344 2.21 9.03 8.21
CA PRO D 344 3.21 9.64 9.10
C PRO D 344 3.41 11.14 8.87
N LEU D 345 3.47 11.58 7.62
CA LEU D 345 3.52 13.01 7.35
C LEU D 345 2.18 13.69 7.66
N GLN D 346 1.08 13.07 7.27
CA GLN D 346 -0.24 13.62 7.60
C GLN D 346 -0.34 13.82 9.09
N ASN D 347 0.17 12.87 9.86
CA ASN D 347 0.05 12.95 11.30
C ASN D 347 0.97 14.03 11.88
N ALA D 348 2.24 14.04 11.50
CA ALA D 348 3.16 15.06 12.02
C ALA D 348 2.61 16.46 11.72
N LEU D 349 2.06 16.62 10.52
CA LEU D 349 1.52 17.89 10.12
C LEU D 349 0.32 18.25 10.96
N GLU D 350 -0.61 17.31 11.14
CA GLU D 350 -1.84 17.59 11.88
C GLU D 350 -1.52 18.01 13.31
N VAL D 351 -0.54 17.37 13.90
CA VAL D 351 -0.23 17.63 15.30
C VAL D 351 0.41 19.00 15.43
N ALA D 352 1.29 19.31 14.48
CA ALA D 352 1.99 20.60 14.43
C ALA D 352 1.01 21.74 14.20
N HIS D 353 0.07 21.50 13.31
CA HIS D 353 -0.95 22.47 12.97
C HIS D 353 -1.79 22.80 14.16
N ARG D 354 -2.23 21.78 14.88
CA ARG D 354 -3.14 22.02 15.99
C ARG D 354 -2.45 22.84 17.04
N GLU D 355 -1.17 22.60 17.29
CA GLU D 355 -0.45 23.41 18.27
C GLU D 355 -0.25 24.87 17.89
N VAL D 356 0.10 25.12 16.64
CA VAL D 356 0.45 26.45 16.18
C VAL D 356 -0.78 27.27 15.80
N VAL D 357 -1.72 26.62 15.12
CA VAL D 357 -2.94 27.27 14.64
C VAL D 357 -4.13 27.08 15.61
N GLY D 358 -4.10 26.01 16.42
CA GLY D 358 -5.02 25.88 17.55
C GLY D 358 -6.35 25.18 17.32
N ARG D 359 -6.62 24.80 16.08
CA ARG D 359 -7.84 24.07 15.72
C ARG D 359 -7.40 22.90 14.86
N PRO D 360 -8.29 21.93 14.63
CA PRO D 360 -7.94 20.92 13.63
C PRO D 360 -8.04 21.42 12.19
N THR D 361 -7.33 20.76 11.26
CA THR D 361 -7.30 21.19 9.85
C THR D 361 -8.66 20.94 9.25
N GLU D 362 -9.10 21.88 8.43
CA GLU D 362 -10.33 21.72 7.65
C GLU D 362 -9.99 21.03 6.33
N ARG D 363 -10.94 20.42 5.63
CA ARG D 363 -10.59 19.78 4.37
C ARG D 363 -10.67 20.76 3.19
N PRO D 364 -9.74 20.64 2.21
CA PRO D 364 -9.75 21.58 1.09
C PRO D 364 -10.93 21.36 0.18
N GLY D 365 -11.29 22.38 -0.60
CA GLY D 365 -12.36 22.27 -1.59
C GLY D 365 -11.94 21.41 -2.77
N SER D 366 -12.88 21.03 -3.64
CA SER D 366 -12.52 20.12 -4.73
C SER D 366 -11.60 20.77 -5.80
N PRO D 367 -11.74 22.07 -6.08
CA PRO D 367 -10.81 22.62 -7.09
C PRO D 367 -9.30 22.45 -6.78
N GLU D 368 -8.92 22.60 -5.52
CA GLU D 368 -7.52 22.55 -5.03
C GLU D 368 -6.99 21.08 -4.92
N CYS D 369 -7.92 20.15 -5.13
CA CYS D 369 -7.65 18.71 -5.23
C CYS D 369 -7.80 18.20 -6.65
N SER D 370 -8.27 19.09 -7.54
CA SER D 370 -8.56 18.74 -8.94
C SER D 370 -7.70 19.51 -9.95
N MSE D 371 -6.47 19.79 -9.56
CA MSE D 371 -5.61 20.69 -10.33
C MSE D 371 -4.22 20.07 -10.42
O MSE D 371 -4.05 18.90 -10.08
CB MSE D 371 -5.62 22.05 -9.66
CG MSE D 371 -4.53 22.21 -8.61
SE MSE D 371 -4.58 23.92 -7.66
CE MSE D 371 -6.34 24.64 -8.20
N TRP D 372 -3.23 20.79 -10.93
CA TRP D 372 -1.86 20.32 -10.86
C TRP D 372 -1.14 20.93 -9.65
N ARG D 373 -0.41 20.09 -8.95
CA ARG D 373 0.45 20.52 -7.87
C ARG D 373 1.65 19.61 -8.03
N ASP D 374 2.82 20.03 -7.58
CA ASP D 374 3.99 19.17 -7.73
C ASP D 374 3.98 17.99 -6.73
N THR D 375 2.84 17.70 -6.14
CA THR D 375 2.76 16.45 -5.40
C THR D 375 2.75 15.28 -6.36
N ASN D 376 2.22 15.50 -7.56
CA ASN D 376 2.13 14.41 -8.55
C ASN D 376 3.49 13.77 -8.85
N PRO D 377 4.51 14.55 -9.24
CA PRO D 377 5.81 13.92 -9.47
C PRO D 377 6.38 13.20 -8.25
N TYR D 378 6.17 13.73 -7.04
CA TYR D 378 6.67 13.05 -5.86
C TYR D 378 5.97 11.69 -5.67
N ASN D 379 4.65 11.72 -5.78
CA ASN D 379 3.88 10.51 -5.59
C ASN D 379 4.15 9.51 -6.69
N GLU D 380 4.39 9.98 -7.90
CA GLU D 380 4.75 9.09 -9.01
C GLU D 380 6.07 8.37 -8.71
N LEU D 381 6.93 8.98 -7.94
CA LEU D 381 8.24 8.40 -7.72
C LEU D 381 8.33 7.74 -6.37
N GLY D 382 7.17 7.52 -5.77
CA GLY D 382 7.08 6.71 -4.56
C GLY D 382 7.38 7.47 -3.30
N ILE D 383 7.30 8.79 -3.38
CA ILE D 383 7.54 9.66 -2.24
C ILE D 383 6.18 10.27 -1.84
N PRO D 384 5.57 9.78 -0.73
CA PRO D 384 4.23 10.28 -0.38
C PRO D 384 4.30 11.74 -0.08
N SER D 385 3.35 12.44 -0.67
CA SER D 385 3.41 13.88 -0.69
C SER D 385 2.05 14.54 -0.62
N LEU D 386 1.97 15.55 0.21
CA LEU D 386 0.81 16.42 0.33
C LEU D 386 1.24 17.86 0.15
N THR D 387 0.23 18.70 -0.05
CA THR D 387 0.43 20.11 -0.27
C THR D 387 -0.26 20.88 0.87
N TYR D 388 0.45 21.88 1.42
CA TYR D 388 -0.02 22.68 2.55
C TYR D 388 0.74 24.02 2.73
N GLY D 389 0.01 25.11 2.91
CA GLY D 389 0.63 26.36 3.33
C GLY D 389 -0.39 27.43 3.65
N CYS D 390 0.09 28.59 4.10
CA CYS D 390 -0.80 29.73 4.40
C CYS D 390 -1.29 30.47 3.16
N GLY D 391 -2.37 31.23 3.32
CA GLY D 391 -2.82 32.19 2.32
C GLY D 391 -3.88 31.63 1.38
N GLY D 392 -4.47 32.48 0.55
CA GLY D 392 -5.54 32.04 -0.33
C GLY D 392 -6.86 32.17 0.42
N ASN D 398 -5.17 35.77 -2.42
CA ASN D 398 -5.15 36.27 -3.81
C ASN D 398 -4.21 37.48 -4.04
N THR D 399 -4.25 38.45 -3.13
CA THR D 399 -3.56 39.73 -3.27
C THR D 399 -2.41 39.87 -2.26
N TYR D 400 -2.61 39.32 -1.06
CA TYR D 400 -1.62 39.43 0.01
C TYR D 400 -1.65 38.28 1.02
N PHE D 401 -0.59 38.21 1.80
CA PHE D 401 -0.44 37.29 2.91
C PHE D 401 -0.43 38.07 4.21
N LEU D 402 -1.02 37.54 5.27
CA LEU D 402 -0.75 38.09 6.60
C LEU D 402 0.59 37.56 7.05
N VAL D 403 1.50 38.42 7.45
CA VAL D 403 2.79 37.98 8.00
C VAL D 403 2.60 37.07 9.22
N ASP D 404 1.55 37.31 10.01
CA ASP D 404 1.27 36.41 11.13
C ASP D 404 1.01 35.01 10.60
N ASP D 405 0.17 34.86 9.57
CA ASP D 405 -0.09 33.55 8.95
C ASP D 405 1.18 32.88 8.39
N MSE D 406 2.15 33.66 7.92
CA MSE D 406 3.38 33.09 7.40
C MSE D 406 4.27 32.54 8.50
O MSE D 406 4.97 31.53 8.32
CB MSE D 406 4.16 34.15 6.64
CG MSE D 406 3.53 34.58 5.33
SE MSE D 406 4.57 36.01 4.41
CE MSE D 406 6.34 35.11 4.21
N LEU D 407 4.28 33.24 9.62
CA LEU D 407 5.17 32.87 10.69
C LEU D 407 4.66 31.55 11.26
N LYS D 408 3.34 31.44 11.31
CA LYS D 408 2.69 30.21 11.71
C LYS D 408 3.05 29.05 10.77
N ALA D 409 2.94 29.25 9.47
CA ALA D 409 3.31 28.19 8.55
C ALA D 409 4.76 27.78 8.73
N ALA D 410 5.64 28.74 8.99
CA ALA D 410 7.03 28.40 9.14
C ALA D 410 7.17 27.59 10.41
N LYS D 411 6.36 27.93 11.40
CA LYS D 411 6.42 27.22 12.68
C LYS D 411 5.94 25.77 12.51
N VAL D 412 4.81 25.59 11.83
CA VAL D 412 4.27 24.28 11.45
C VAL D 412 5.31 23.44 10.67
N TYR D 413 5.95 24.03 9.68
CA TYR D 413 6.96 23.30 8.92
C TYR D 413 8.07 22.88 9.86
N ALA D 414 8.52 23.77 10.71
CA ALA D 414 9.65 23.44 11.56
C ALA D 414 9.29 22.27 12.48
N MSE D 415 8.08 22.33 13.01
CA MSE D 415 7.57 21.29 13.90
C MSE D 415 7.38 19.98 13.20
O MSE D 415 7.81 18.94 13.69
CB MSE D 415 6.27 21.71 14.53
CG MSE D 415 6.52 22.45 15.86
SE MSE D 415 4.93 22.77 16.95
CE MSE D 415 4.47 20.89 17.35
N THR D 416 6.74 20.02 12.03
CA THR D 416 6.59 18.82 11.24
C THR D 416 7.93 18.15 10.99
N ALA D 417 8.96 18.89 10.63
CA ALA D 417 10.26 18.26 10.40
C ALA D 417 10.77 17.69 11.70
N MSE D 418 10.50 18.36 12.80
CA MSE D 418 11.06 17.90 14.06
C MSE D 418 10.48 16.58 14.56
O MSE D 418 11.20 15.75 15.11
CB MSE D 418 10.85 18.97 15.08
CG MSE D 418 11.95 20.02 14.99
SE MSE D 418 11.86 21.34 16.41
CE MSE D 418 10.36 22.45 15.80
N ASP D 419 9.19 16.38 14.36
CA ASP D 419 8.52 15.12 14.57
C ASP D 419 9.00 14.05 13.56
N LEU D 420 8.62 14.22 12.29
CA LEU D 420 8.80 13.21 11.26
C LEU D 420 10.25 12.83 10.99
N CYS D 421 11.16 13.79 11.07
CA CYS D 421 12.56 13.48 10.74
C CYS D 421 13.23 12.77 11.87
N ASN D 422 12.49 12.56 12.96
CA ASN D 422 12.99 11.73 14.06
C ASN D 422 12.27 10.38 14.17
N ARG D 423 11.30 10.14 13.31
CA ARG D 423 10.70 8.80 13.26
C ARG D 423 11.65 7.92 12.47
N THR D 424 11.69 6.64 12.75
CA THR D 424 12.57 5.78 11.99
C THR D 424 11.99 5.39 10.65
N PRO D 425 12.84 5.29 9.61
CA PRO D 425 12.28 4.89 8.31
C PRO D 425 12.40 3.37 8.12
#